data_8Z52
# 
_entry.id   8Z52 
# 
_audit_conform.dict_name       mmcif_pdbx.dic 
_audit_conform.dict_version    5.403 
_audit_conform.dict_location   http://mmcif.pdb.org/dictionaries/ascii/mmcif_pdbx.dic 
# 
loop_
_database_2.database_id 
_database_2.database_code 
_database_2.pdbx_database_accession 
_database_2.pdbx_DOI 
PDB   8Z52         pdb_00008z52 10.2210/pdb8z52/pdb 
WWPDB D_1300045294 ?            ?                   
# 
_pdbx_audit_revision_history.ordinal             1 
_pdbx_audit_revision_history.data_content_type   'Structure model' 
_pdbx_audit_revision_history.major_revision      1 
_pdbx_audit_revision_history.minor_revision      0 
_pdbx_audit_revision_history.revision_date       2025-04-23 
_pdbx_audit_revision_history.part_number         ? 
# 
_pdbx_audit_revision_details.ordinal             1 
_pdbx_audit_revision_details.revision_ordinal    1 
_pdbx_audit_revision_details.data_content_type   'Structure model' 
_pdbx_audit_revision_details.provider            repository 
_pdbx_audit_revision_details.type                'Initial release' 
_pdbx_audit_revision_details.description         ? 
_pdbx_audit_revision_details.details             ? 
# 
_pdbx_database_status.status_code                     REL 
_pdbx_database_status.status_code_sf                  REL 
_pdbx_database_status.status_code_mr                  ? 
_pdbx_database_status.entry_id                        8Z52 
_pdbx_database_status.recvd_initial_deposition_date   2024-04-18 
_pdbx_database_status.SG_entry                        N 
_pdbx_database_status.deposit_site                    PDBJ 
_pdbx_database_status.process_site                    PDBJ 
_pdbx_database_status.status_code_cs                  ? 
_pdbx_database_status.status_code_nmr_data            ? 
_pdbx_database_status.methods_development_category    ? 
_pdbx_database_status.pdb_format_compatible           Y 
# 
loop_
_pdbx_contact_author.id 
_pdbx_contact_author.email 
_pdbx_contact_author.name_first 
_pdbx_contact_author.name_last 
_pdbx_contact_author.name_mi 
_pdbx_contact_author.role 
_pdbx_contact_author.identifier_ORCID 
4 ncmaiti@iicb.res.in      Nakul  Maiti Chandra 'principal investigator/group leader' 0000-0002-8498-6502 
5 saumen_datta@iicb.res.in Saumen Datta ?       'principal investigator/group leader' 0000-0002-3638-9383 
# 
loop_
_audit_author.name 
_audit_author.pdbx_ordinal 
_audit_author.identifier_ORCID 
'Roy, A.'         1 ? 
'Khanppnavar, B.' 2 ? 
'Dolui, S.'       3 ? 
'Datta, S.'       4 ? 
'Maiti, N.C.'     5 ? 
# 
_citation.abstract                  ? 
_citation.abstract_id_CAS           ? 
_citation.book_id_ISBN              ? 
_citation.book_publisher            ? 
_citation.book_publisher_city       ? 
_citation.book_title                ? 
_citation.coordinate_linkage        ? 
_citation.country                   ? 
_citation.database_id_Medline       ? 
_citation.details                   ? 
_citation.id                        primary 
_citation.journal_abbrev            'To Be Published' 
_citation.journal_id_ASTM           ? 
_citation.journal_id_CSD            0353 
_citation.journal_id_ISSN           ? 
_citation.journal_full              ? 
_citation.journal_issue             ? 
_citation.journal_volume            ? 
_citation.language                  ? 
_citation.page_first                ? 
_citation.page_last                 ? 
_citation.title                     'Hen Egg-White Lysozyme (HEWL) complexed with Theophylline' 
_citation.year                      ? 
_citation.database_id_CSD           ? 
_citation.pdbx_database_id_DOI      ? 
_citation.pdbx_database_id_PubMed   ? 
_citation.pdbx_database_id_patent   ? 
_citation.unpublished_flag          ? 
# 
loop_
_citation_author.citation_id 
_citation_author.name 
_citation_author.ordinal 
_citation_author.identifier_ORCID 
primary 'Roy, A.'         1 ? 
primary 'Khanppnavar, B.' 2 ? 
primary 'Dolui, S.'       3 ? 
primary 'Datta, S.'       4 ? 
primary 'Maiti, N.C.'     5 ? 
# 
loop_
_entity.id 
_entity.type 
_entity.src_method 
_entity.pdbx_description 
_entity.formula_weight 
_entity.pdbx_number_of_molecules 
_entity.pdbx_ec 
_entity.pdbx_mutation 
_entity.pdbx_fragment 
_entity.details 
1 polymer     nat 'Lysozyme C' 14331.160 1   3.2.1.17 ? ? ? 
2 non-polymer syn THEOPHYLLINE 180.164   1   ?        ? ? ? 
3 water       nat water        18.015    215 ?        ? ? ? 
# 
_entity_name_com.entity_id   1 
_entity_name_com.name        '1,4-beta-N-acetylmuramidase C,Allergen Gal d IV' 
# 
_entity_poly.entity_id                      1 
_entity_poly.type                           'polypeptide(L)' 
_entity_poly.nstd_linkage                   no 
_entity_poly.nstd_monomer                   no 
_entity_poly.pdbx_seq_one_letter_code       
;KVFGRCELAAAMKRHGLDNYRGYSLGNWVCAAKFESNFNTQATNRNTDGSTDYGILQINSRWWCNDGRTPGSRNLCNIPC
SALLSSDITASVNCAKKIVSDGNGMNAWVAWRNRCKGTDVQAWIRGCRL
;
_entity_poly.pdbx_seq_one_letter_code_can   
;KVFGRCELAAAMKRHGLDNYRGYSLGNWVCAAKFESNFNTQATNRNTDGSTDYGILQINSRWWCNDGRTPGSRNLCNIPC
SALLSSDITASVNCAKKIVSDGNGMNAWVAWRNRCKGTDVQAWIRGCRL
;
_entity_poly.pdbx_strand_id                 A 
_entity_poly.pdbx_target_identifier         ? 
# 
loop_
_pdbx_entity_nonpoly.entity_id 
_pdbx_entity_nonpoly.name 
_pdbx_entity_nonpoly.comp_id 
2 THEOPHYLLINE TEP 
3 water        HOH 
# 
loop_
_entity_poly_seq.entity_id 
_entity_poly_seq.num 
_entity_poly_seq.mon_id 
_entity_poly_seq.hetero 
1 1   LYS n 
1 2   VAL n 
1 3   PHE n 
1 4   GLY n 
1 5   ARG n 
1 6   CYS n 
1 7   GLU n 
1 8   LEU n 
1 9   ALA n 
1 10  ALA n 
1 11  ALA n 
1 12  MET n 
1 13  LYS n 
1 14  ARG n 
1 15  HIS n 
1 16  GLY n 
1 17  LEU n 
1 18  ASP n 
1 19  ASN n 
1 20  TYR n 
1 21  ARG n 
1 22  GLY n 
1 23  TYR n 
1 24  SER n 
1 25  LEU n 
1 26  GLY n 
1 27  ASN n 
1 28  TRP n 
1 29  VAL n 
1 30  CYS n 
1 31  ALA n 
1 32  ALA n 
1 33  LYS n 
1 34  PHE n 
1 35  GLU n 
1 36  SER n 
1 37  ASN n 
1 38  PHE n 
1 39  ASN n 
1 40  THR n 
1 41  GLN n 
1 42  ALA n 
1 43  THR n 
1 44  ASN n 
1 45  ARG n 
1 46  ASN n 
1 47  THR n 
1 48  ASP n 
1 49  GLY n 
1 50  SER n 
1 51  THR n 
1 52  ASP n 
1 53  TYR n 
1 54  GLY n 
1 55  ILE n 
1 56  LEU n 
1 57  GLN n 
1 58  ILE n 
1 59  ASN n 
1 60  SER n 
1 61  ARG n 
1 62  TRP n 
1 63  TRP n 
1 64  CYS n 
1 65  ASN n 
1 66  ASP n 
1 67  GLY n 
1 68  ARG n 
1 69  THR n 
1 70  PRO n 
1 71  GLY n 
1 72  SER n 
1 73  ARG n 
1 74  ASN n 
1 75  LEU n 
1 76  CYS n 
1 77  ASN n 
1 78  ILE n 
1 79  PRO n 
1 80  CYS n 
1 81  SER n 
1 82  ALA n 
1 83  LEU n 
1 84  LEU n 
1 85  SER n 
1 86  SER n 
1 87  ASP n 
1 88  ILE n 
1 89  THR n 
1 90  ALA n 
1 91  SER n 
1 92  VAL n 
1 93  ASN n 
1 94  CYS n 
1 95  ALA n 
1 96  LYS n 
1 97  LYS n 
1 98  ILE n 
1 99  VAL n 
1 100 SER n 
1 101 ASP n 
1 102 GLY n 
1 103 ASN n 
1 104 GLY n 
1 105 MET n 
1 106 ASN n 
1 107 ALA n 
1 108 TRP n 
1 109 VAL n 
1 110 ALA n 
1 111 TRP n 
1 112 ARG n 
1 113 ASN n 
1 114 ARG n 
1 115 CYS n 
1 116 LYS n 
1 117 GLY n 
1 118 THR n 
1 119 ASP n 
1 120 VAL n 
1 121 GLN n 
1 122 ALA n 
1 123 TRP n 
1 124 ILE n 
1 125 ARG n 
1 126 GLY n 
1 127 CYS n 
1 128 ARG n 
1 129 LEU n 
# 
_entity_src_nat.entity_id                  1 
_entity_src_nat.pdbx_src_id                1 
_entity_src_nat.pdbx_alt_source_flag       sample 
_entity_src_nat.pdbx_beg_seq_num           1 
_entity_src_nat.pdbx_end_seq_num           129 
_entity_src_nat.common_name                chicken 
_entity_src_nat.pdbx_organism_scientific   'Gallus gallus' 
_entity_src_nat.pdbx_ncbi_taxonomy_id      9031 
_entity_src_nat.genus                      ? 
_entity_src_nat.species                    ? 
_entity_src_nat.strain                     ? 
_entity_src_nat.tissue                     ? 
_entity_src_nat.tissue_fraction            ? 
_entity_src_nat.pdbx_secretion             ? 
_entity_src_nat.pdbx_fragment              ? 
_entity_src_nat.pdbx_variant               ? 
_entity_src_nat.pdbx_cell_line             ? 
_entity_src_nat.pdbx_atcc                  ? 
_entity_src_nat.pdbx_cellular_location     ? 
_entity_src_nat.pdbx_organ                 ? 
_entity_src_nat.pdbx_organelle             ? 
_entity_src_nat.pdbx_cell                  ? 
_entity_src_nat.pdbx_plasmid_name          ? 
_entity_src_nat.pdbx_plasmid_details       ? 
_entity_src_nat.details                    ? 
# 
loop_
_chem_comp.id 
_chem_comp.type 
_chem_comp.mon_nstd_flag 
_chem_comp.name 
_chem_comp.pdbx_synonyms 
_chem_comp.formula 
_chem_comp.formula_weight 
ALA 'L-peptide linking' y ALANINE         ? 'C3 H7 N O2'     89.093  
ARG 'L-peptide linking' y ARGININE        ? 'C6 H15 N4 O2 1' 175.209 
ASN 'L-peptide linking' y ASPARAGINE      ? 'C4 H8 N2 O3'    132.118 
ASP 'L-peptide linking' y 'ASPARTIC ACID' ? 'C4 H7 N O4'     133.103 
CYS 'L-peptide linking' y CYSTEINE        ? 'C3 H7 N O2 S'   121.158 
GLN 'L-peptide linking' y GLUTAMINE       ? 'C5 H10 N2 O3'   146.144 
GLU 'L-peptide linking' y 'GLUTAMIC ACID' ? 'C5 H9 N O4'     147.129 
GLY 'peptide linking'   y GLYCINE         ? 'C2 H5 N O2'     75.067  
HIS 'L-peptide linking' y HISTIDINE       ? 'C6 H10 N3 O2 1' 156.162 
HOH non-polymer         . WATER           ? 'H2 O'           18.015  
ILE 'L-peptide linking' y ISOLEUCINE      ? 'C6 H13 N O2'    131.173 
LEU 'L-peptide linking' y LEUCINE         ? 'C6 H13 N O2'    131.173 
LYS 'L-peptide linking' y LYSINE          ? 'C6 H15 N2 O2 1' 147.195 
MET 'L-peptide linking' y METHIONINE      ? 'C5 H11 N O2 S'  149.211 
PHE 'L-peptide linking' y PHENYLALANINE   ? 'C9 H11 N O2'    165.189 
PRO 'L-peptide linking' y PROLINE         ? 'C5 H9 N O2'     115.130 
SER 'L-peptide linking' y SERINE          ? 'C3 H7 N O3'     105.093 
TEP non-polymer         . THEOPHYLLINE    ? 'C7 H8 N4 O2'    180.164 
THR 'L-peptide linking' y THREONINE       ? 'C4 H9 N O3'     119.119 
TRP 'L-peptide linking' y TRYPTOPHAN      ? 'C11 H12 N2 O2'  204.225 
TYR 'L-peptide linking' y TYROSINE        ? 'C9 H11 N O3'    181.189 
VAL 'L-peptide linking' y VALINE          ? 'C5 H11 N O2'    117.146 
# 
loop_
_pdbx_poly_seq_scheme.asym_id 
_pdbx_poly_seq_scheme.entity_id 
_pdbx_poly_seq_scheme.seq_id 
_pdbx_poly_seq_scheme.mon_id 
_pdbx_poly_seq_scheme.ndb_seq_num 
_pdbx_poly_seq_scheme.pdb_seq_num 
_pdbx_poly_seq_scheme.auth_seq_num 
_pdbx_poly_seq_scheme.pdb_mon_id 
_pdbx_poly_seq_scheme.auth_mon_id 
_pdbx_poly_seq_scheme.pdb_strand_id 
_pdbx_poly_seq_scheme.pdb_ins_code 
_pdbx_poly_seq_scheme.hetero 
A 1 1   LYS 1   1   1   LYS LYS A . n 
A 1 2   VAL 2   2   2   VAL VAL A . n 
A 1 3   PHE 3   3   3   PHE PHE A . n 
A 1 4   GLY 4   4   4   GLY GLY A . n 
A 1 5   ARG 5   5   5   ARG ARG A . n 
A 1 6   CYS 6   6   6   CYS CYS A . n 
A 1 7   GLU 7   7   7   GLU GLU A . n 
A 1 8   LEU 8   8   8   LEU LEU A . n 
A 1 9   ALA 9   9   9   ALA ALA A . n 
A 1 10  ALA 10  10  10  ALA ALA A . n 
A 1 11  ALA 11  11  11  ALA ALA A . n 
A 1 12  MET 12  12  12  MET MET A . n 
A 1 13  LYS 13  13  13  LYS LYS A . n 
A 1 14  ARG 14  14  14  ARG ARG A . n 
A 1 15  HIS 15  15  15  HIS HIS A . n 
A 1 16  GLY 16  16  16  GLY GLY A . n 
A 1 17  LEU 17  17  17  LEU LEU A . n 
A 1 18  ASP 18  18  18  ASP ASP A . n 
A 1 19  ASN 19  19  19  ASN ASN A . n 
A 1 20  TYR 20  20  20  TYR TYR A . n 
A 1 21  ARG 21  21  21  ARG ARG A . n 
A 1 22  GLY 22  22  22  GLY GLY A . n 
A 1 23  TYR 23  23  23  TYR TYR A . n 
A 1 24  SER 24  24  24  SER SER A . n 
A 1 25  LEU 25  25  25  LEU LEU A . n 
A 1 26  GLY 26  26  26  GLY GLY A . n 
A 1 27  ASN 27  27  27  ASN ASN A . n 
A 1 28  TRP 28  28  28  TRP TRP A . n 
A 1 29  VAL 29  29  29  VAL VAL A . n 
A 1 30  CYS 30  30  30  CYS CYS A . n 
A 1 31  ALA 31  31  31  ALA ALA A . n 
A 1 32  ALA 32  32  32  ALA ALA A . n 
A 1 33  LYS 33  33  33  LYS LYS A . n 
A 1 34  PHE 34  34  34  PHE PHE A . n 
A 1 35  GLU 35  35  35  GLU GLU A . n 
A 1 36  SER 36  36  36  SER SER A . n 
A 1 37  ASN 37  37  37  ASN ASN A . n 
A 1 38  PHE 38  38  38  PHE PHE A . n 
A 1 39  ASN 39  39  39  ASN ASN A . n 
A 1 40  THR 40  40  40  THR THR A . n 
A 1 41  GLN 41  41  41  GLN GLN A . n 
A 1 42  ALA 42  42  42  ALA ALA A . n 
A 1 43  THR 43  43  43  THR THR A . n 
A 1 44  ASN 44  44  44  ASN ASN A . n 
A 1 45  ARG 45  45  45  ARG ARG A . n 
A 1 46  ASN 46  46  46  ASN ASN A . n 
A 1 47  THR 47  47  47  THR THR A . n 
A 1 48  ASP 48  48  48  ASP ASP A . n 
A 1 49  GLY 49  49  49  GLY GLY A . n 
A 1 50  SER 50  50  50  SER SER A . n 
A 1 51  THR 51  51  51  THR THR A . n 
A 1 52  ASP 52  52  52  ASP ASP A . n 
A 1 53  TYR 53  53  53  TYR TYR A . n 
A 1 54  GLY 54  54  54  GLY GLY A . n 
A 1 55  ILE 55  55  55  ILE ILE A . n 
A 1 56  LEU 56  56  56  LEU LEU A . n 
A 1 57  GLN 57  57  57  GLN GLN A . n 
A 1 58  ILE 58  58  58  ILE ILE A . n 
A 1 59  ASN 59  59  59  ASN ASN A . n 
A 1 60  SER 60  60  60  SER SER A . n 
A 1 61  ARG 61  61  61  ARG ARG A . n 
A 1 62  TRP 62  62  62  TRP TRP A . n 
A 1 63  TRP 63  63  63  TRP TRP A . n 
A 1 64  CYS 64  64  64  CYS CYS A . n 
A 1 65  ASN 65  65  65  ASN ASN A . n 
A 1 66  ASP 66  66  66  ASP ASP A . n 
A 1 67  GLY 67  67  67  GLY GLY A . n 
A 1 68  ARG 68  68  68  ARG ARG A . n 
A 1 69  THR 69  69  69  THR THR A . n 
A 1 70  PRO 70  70  70  PRO PRO A . n 
A 1 71  GLY 71  71  71  GLY GLY A . n 
A 1 72  SER 72  72  72  SER SER A . n 
A 1 73  ARG 73  73  73  ARG ARG A . n 
A 1 74  ASN 74  74  74  ASN ASN A . n 
A 1 75  LEU 75  75  75  LEU LEU A . n 
A 1 76  CYS 76  76  76  CYS CYS A . n 
A 1 77  ASN 77  77  77  ASN ASN A . n 
A 1 78  ILE 78  78  78  ILE ILE A . n 
A 1 79  PRO 79  79  79  PRO PRO A . n 
A 1 80  CYS 80  80  80  CYS CYS A . n 
A 1 81  SER 81  81  81  SER SER A . n 
A 1 82  ALA 82  82  82  ALA ALA A . n 
A 1 83  LEU 83  83  83  LEU LEU A . n 
A 1 84  LEU 84  84  84  LEU LEU A . n 
A 1 85  SER 85  85  85  SER SER A . n 
A 1 86  SER 86  86  86  SER SER A . n 
A 1 87  ASP 87  87  87  ASP ASP A . n 
A 1 88  ILE 88  88  88  ILE ILE A . n 
A 1 89  THR 89  89  89  THR THR A . n 
A 1 90  ALA 90  90  90  ALA ALA A . n 
A 1 91  SER 91  91  91  SER SER A . n 
A 1 92  VAL 92  92  92  VAL VAL A . n 
A 1 93  ASN 93  93  93  ASN ASN A . n 
A 1 94  CYS 94  94  94  CYS CYS A . n 
A 1 95  ALA 95  95  95  ALA ALA A . n 
A 1 96  LYS 96  96  96  LYS LYS A . n 
A 1 97  LYS 97  97  97  LYS LYS A . n 
A 1 98  ILE 98  98  98  ILE ILE A . n 
A 1 99  VAL 99  99  99  VAL VAL A . n 
A 1 100 SER 100 100 100 SER SER A . n 
A 1 101 ASP 101 101 101 ASP ASP A . n 
A 1 102 GLY 102 102 102 GLY GLY A . n 
A 1 103 ASN 103 103 103 ASN ASN A . n 
A 1 104 GLY 104 104 104 GLY GLY A . n 
A 1 105 MET 105 105 105 MET MET A . n 
A 1 106 ASN 106 106 106 ASN ASN A . n 
A 1 107 ALA 107 107 107 ALA ALA A . n 
A 1 108 TRP 108 108 108 TRP TRP A . n 
A 1 109 VAL 109 109 109 VAL VAL A . n 
A 1 110 ALA 110 110 110 ALA ALA A . n 
A 1 111 TRP 111 111 111 TRP TRP A . n 
A 1 112 ARG 112 112 112 ARG ARG A . n 
A 1 113 ASN 113 113 113 ASN ASN A . n 
A 1 114 ARG 114 114 114 ARG ARG A . n 
A 1 115 CYS 115 115 115 CYS CYS A . n 
A 1 116 LYS 116 116 116 LYS LYS A . n 
A 1 117 GLY 117 117 117 GLY GLY A . n 
A 1 118 THR 118 118 118 THR THR A . n 
A 1 119 ASP 119 119 119 ASP ASP A . n 
A 1 120 VAL 120 120 120 VAL VAL A . n 
A 1 121 GLN 121 121 121 GLN GLN A . n 
A 1 122 ALA 122 122 122 ALA ALA A . n 
A 1 123 TRP 123 123 123 TRP TRP A . n 
A 1 124 ILE 124 124 124 ILE ILE A . n 
A 1 125 ARG 125 125 125 ARG ARG A . n 
A 1 126 GLY 126 126 126 GLY GLY A . n 
A 1 127 CYS 127 127 127 CYS CYS A . n 
A 1 128 ARG 128 128 128 ARG ARG A . n 
A 1 129 LEU 129 129 129 LEU LEU A . n 
# 
_pdbx_entity_instance_feature.ordinal        1 
_pdbx_entity_instance_feature.comp_id        TEP 
_pdbx_entity_instance_feature.asym_id        ? 
_pdbx_entity_instance_feature.seq_num        ? 
_pdbx_entity_instance_feature.auth_comp_id   TEP 
_pdbx_entity_instance_feature.auth_asym_id   ? 
_pdbx_entity_instance_feature.auth_seq_num   ? 
_pdbx_entity_instance_feature.feature_type   'SUBJECT OF INVESTIGATION' 
_pdbx_entity_instance_feature.details        ? 
# 
loop_
_pdbx_nonpoly_scheme.asym_id 
_pdbx_nonpoly_scheme.entity_id 
_pdbx_nonpoly_scheme.mon_id 
_pdbx_nonpoly_scheme.ndb_seq_num 
_pdbx_nonpoly_scheme.pdb_seq_num 
_pdbx_nonpoly_scheme.auth_seq_num 
_pdbx_nonpoly_scheme.pdb_mon_id 
_pdbx_nonpoly_scheme.auth_mon_id 
_pdbx_nonpoly_scheme.pdb_strand_id 
_pdbx_nonpoly_scheme.pdb_ins_code 
B 2 TEP 1   201 1   TEP TEP A . 
C 3 HOH 1   301 7   HOH HOH A . 
C 3 HOH 2   302 93  HOH HOH A . 
C 3 HOH 3   303 109 HOH HOH A . 
C 3 HOH 4   304 161 HOH HOH A . 
C 3 HOH 5   305 171 HOH HOH A . 
C 3 HOH 6   306 70  HOH HOH A . 
C 3 HOH 7   307 46  HOH HOH A . 
C 3 HOH 8   308 80  HOH HOH A . 
C 3 HOH 9   309 156 HOH HOH A . 
C 3 HOH 10  310 62  HOH HOH A . 
C 3 HOH 11  311 90  HOH HOH A . 
C 3 HOH 12  312 189 HOH HOH A . 
C 3 HOH 13  313 73  HOH HOH A . 
C 3 HOH 14  314 50  HOH HOH A . 
C 3 HOH 15  315 165 HOH HOH A . 
C 3 HOH 16  316 112 HOH HOH A . 
C 3 HOH 17  317 36  HOH HOH A . 
C 3 HOH 18  318 101 HOH HOH A . 
C 3 HOH 19  319 152 HOH HOH A . 
C 3 HOH 20  320 38  HOH HOH A . 
C 3 HOH 21  321 96  HOH HOH A . 
C 3 HOH 22  322 162 HOH HOH A . 
C 3 HOH 23  323 201 HOH HOH A . 
C 3 HOH 24  324 4   HOH HOH A . 
C 3 HOH 25  325 82  HOH HOH A . 
C 3 HOH 26  326 60  HOH HOH A . 
C 3 HOH 27  327 5   HOH HOH A . 
C 3 HOH 28  328 48  HOH HOH A . 
C 3 HOH 29  329 22  HOH HOH A . 
C 3 HOH 30  330 28  HOH HOH A . 
C 3 HOH 31  331 17  HOH HOH A . 
C 3 HOH 32  332 64  HOH HOH A . 
C 3 HOH 33  333 74  HOH HOH A . 
C 3 HOH 34  334 94  HOH HOH A . 
C 3 HOH 35  335 39  HOH HOH A . 
C 3 HOH 36  336 71  HOH HOH A . 
C 3 HOH 37  337 40  HOH HOH A . 
C 3 HOH 38  338 159 HOH HOH A . 
C 3 HOH 39  339 193 HOH HOH A . 
C 3 HOH 40  340 33  HOH HOH A . 
C 3 HOH 41  341 130 HOH HOH A . 
C 3 HOH 42  342 67  HOH HOH A . 
C 3 HOH 43  343 102 HOH HOH A . 
C 3 HOH 44  344 116 HOH HOH A . 
C 3 HOH 45  345 23  HOH HOH A . 
C 3 HOH 46  346 87  HOH HOH A . 
C 3 HOH 47  347 160 HOH HOH A . 
C 3 HOH 48  348 15  HOH HOH A . 
C 3 HOH 49  349 175 HOH HOH A . 
C 3 HOH 50  350 59  HOH HOH A . 
C 3 HOH 51  351 218 HOH HOH A . 
C 3 HOH 52  352 29  HOH HOH A . 
C 3 HOH 53  353 43  HOH HOH A . 
C 3 HOH 54  354 77  HOH HOH A . 
C 3 HOH 55  355 12  HOH HOH A . 
C 3 HOH 56  356 108 HOH HOH A . 
C 3 HOH 57  357 61  HOH HOH A . 
C 3 HOH 58  358 104 HOH HOH A . 
C 3 HOH 59  359 19  HOH HOH A . 
C 3 HOH 60  360 174 HOH HOH A . 
C 3 HOH 61  361 56  HOH HOH A . 
C 3 HOH 62  362 41  HOH HOH A . 
C 3 HOH 63  363 103 HOH HOH A . 
C 3 HOH 64  364 31  HOH HOH A . 
C 3 HOH 65  365 20  HOH HOH A . 
C 3 HOH 66  366 47  HOH HOH A . 
C 3 HOH 67  367 139 HOH HOH A . 
C 3 HOH 68  368 97  HOH HOH A . 
C 3 HOH 69  369 66  HOH HOH A . 
C 3 HOH 70  370 10  HOH HOH A . 
C 3 HOH 71  371 134 HOH HOH A . 
C 3 HOH 72  372 81  HOH HOH A . 
C 3 HOH 73  373 140 HOH HOH A . 
C 3 HOH 74  374 198 HOH HOH A . 
C 3 HOH 75  375 91  HOH HOH A . 
C 3 HOH 76  376 68  HOH HOH A . 
C 3 HOH 77  377 25  HOH HOH A . 
C 3 HOH 78  378 24  HOH HOH A . 
C 3 HOH 79  379 128 HOH HOH A . 
C 3 HOH 80  380 16  HOH HOH A . 
C 3 HOH 81  381 125 HOH HOH A . 
C 3 HOH 82  382 54  HOH HOH A . 
C 3 HOH 83  383 127 HOH HOH A . 
C 3 HOH 84  384 79  HOH HOH A . 
C 3 HOH 85  385 53  HOH HOH A . 
C 3 HOH 86  386 142 HOH HOH A . 
C 3 HOH 87  387 11  HOH HOH A . 
C 3 HOH 88  388 32  HOH HOH A . 
C 3 HOH 89  389 75  HOH HOH A . 
C 3 HOH 90  390 164 HOH HOH A . 
C 3 HOH 91  391 154 HOH HOH A . 
C 3 HOH 92  392 52  HOH HOH A . 
C 3 HOH 93  393 30  HOH HOH A . 
C 3 HOH 94  394 88  HOH HOH A . 
C 3 HOH 95  395 95  HOH HOH A . 
C 3 HOH 96  396 188 HOH HOH A . 
C 3 HOH 97  397 197 HOH HOH A . 
C 3 HOH 98  398 194 HOH HOH A . 
C 3 HOH 99  399 13  HOH HOH A . 
C 3 HOH 100 400 21  HOH HOH A . 
C 3 HOH 101 401 207 HOH HOH A . 
C 3 HOH 102 402 57  HOH HOH A . 
C 3 HOH 103 403 183 HOH HOH A . 
C 3 HOH 104 404 118 HOH HOH A . 
C 3 HOH 105 405 26  HOH HOH A . 
C 3 HOH 106 406 86  HOH HOH A . 
C 3 HOH 107 407 45  HOH HOH A . 
C 3 HOH 108 408 214 HOH HOH A . 
C 3 HOH 109 409 106 HOH HOH A . 
C 3 HOH 110 410 27  HOH HOH A . 
C 3 HOH 111 411 172 HOH HOH A . 
C 3 HOH 112 412 35  HOH HOH A . 
C 3 HOH 113 413 92  HOH HOH A . 
C 3 HOH 114 414 55  HOH HOH A . 
C 3 HOH 115 415 219 HOH HOH A . 
C 3 HOH 116 416 42  HOH HOH A . 
C 3 HOH 117 417 131 HOH HOH A . 
C 3 HOH 118 418 190 HOH HOH A . 
C 3 HOH 119 419 34  HOH HOH A . 
C 3 HOH 120 420 3   HOH HOH A . 
C 3 HOH 121 421 200 HOH HOH A . 
C 3 HOH 122 422 58  HOH HOH A . 
C 3 HOH 123 423 8   HOH HOH A . 
C 3 HOH 124 424 136 HOH HOH A . 
C 3 HOH 125 425 14  HOH HOH A . 
C 3 HOH 126 426 107 HOH HOH A . 
C 3 HOH 127 427 138 HOH HOH A . 
C 3 HOH 128 428 65  HOH HOH A . 
C 3 HOH 129 429 220 HOH HOH A . 
C 3 HOH 130 430 9   HOH HOH A . 
C 3 HOH 131 431 196 HOH HOH A . 
C 3 HOH 132 432 205 HOH HOH A . 
C 3 HOH 133 433 2   HOH HOH A . 
C 3 HOH 134 434 187 HOH HOH A . 
C 3 HOH 135 435 170 HOH HOH A . 
C 3 HOH 136 436 6   HOH HOH A . 
C 3 HOH 137 437 78  HOH HOH A . 
C 3 HOH 138 438 206 HOH HOH A . 
C 3 HOH 139 439 117 HOH HOH A . 
C 3 HOH 140 440 37  HOH HOH A . 
C 3 HOH 141 441 44  HOH HOH A . 
C 3 HOH 142 442 181 HOH HOH A . 
C 3 HOH 143 443 186 HOH HOH A . 
C 3 HOH 144 444 121 HOH HOH A . 
C 3 HOH 145 445 115 HOH HOH A . 
C 3 HOH 146 446 63  HOH HOH A . 
C 3 HOH 147 447 99  HOH HOH A . 
C 3 HOH 148 448 151 HOH HOH A . 
C 3 HOH 149 449 178 HOH HOH A . 
C 3 HOH 150 450 166 HOH HOH A . 
C 3 HOH 151 451 122 HOH HOH A . 
C 3 HOH 152 452 137 HOH HOH A . 
C 3 HOH 153 453 213 HOH HOH A . 
C 3 HOH 154 454 144 HOH HOH A . 
C 3 HOH 155 455 133 HOH HOH A . 
C 3 HOH 156 456 209 HOH HOH A . 
C 3 HOH 157 457 113 HOH HOH A . 
C 3 HOH 158 458 89  HOH HOH A . 
C 3 HOH 159 459 216 HOH HOH A . 
C 3 HOH 160 460 132 HOH HOH A . 
C 3 HOH 161 461 150 HOH HOH A . 
C 3 HOH 162 462 83  HOH HOH A . 
C 3 HOH 163 463 169 HOH HOH A . 
C 3 HOH 164 464 185 HOH HOH A . 
C 3 HOH 165 465 211 HOH HOH A . 
C 3 HOH 166 466 167 HOH HOH A . 
C 3 HOH 167 467 123 HOH HOH A . 
C 3 HOH 168 468 135 HOH HOH A . 
C 3 HOH 169 469 195 HOH HOH A . 
C 3 HOH 170 470 143 HOH HOH A . 
C 3 HOH 171 471 76  HOH HOH A . 
C 3 HOH 172 472 49  HOH HOH A . 
C 3 HOH 173 473 147 HOH HOH A . 
C 3 HOH 174 474 204 HOH HOH A . 
C 3 HOH 175 475 180 HOH HOH A . 
C 3 HOH 176 476 119 HOH HOH A . 
C 3 HOH 177 477 100 HOH HOH A . 
C 3 HOH 178 478 179 HOH HOH A . 
C 3 HOH 179 479 141 HOH HOH A . 
C 3 HOH 180 480 215 HOH HOH A . 
C 3 HOH 181 481 177 HOH HOH A . 
C 3 HOH 182 482 208 HOH HOH A . 
C 3 HOH 183 483 114 HOH HOH A . 
C 3 HOH 184 484 126 HOH HOH A . 
C 3 HOH 185 485 176 HOH HOH A . 
C 3 HOH 186 486 145 HOH HOH A . 
C 3 HOH 187 487 149 HOH HOH A . 
C 3 HOH 188 488 69  HOH HOH A . 
C 3 HOH 189 489 210 HOH HOH A . 
C 3 HOH 190 490 199 HOH HOH A . 
C 3 HOH 191 491 163 HOH HOH A . 
C 3 HOH 192 492 191 HOH HOH A . 
C 3 HOH 193 493 182 HOH HOH A . 
C 3 HOH 194 494 202 HOH HOH A . 
C 3 HOH 195 495 203 HOH HOH A . 
C 3 HOH 196 496 120 HOH HOH A . 
C 3 HOH 197 497 155 HOH HOH A . 
C 3 HOH 198 498 110 HOH HOH A . 
C 3 HOH 199 499 192 HOH HOH A . 
C 3 HOH 200 500 168 HOH HOH A . 
C 3 HOH 201 501 153 HOH HOH A . 
C 3 HOH 202 502 124 HOH HOH A . 
C 3 HOH 203 503 129 HOH HOH A . 
C 3 HOH 204 504 146 HOH HOH A . 
C 3 HOH 205 505 72  HOH HOH A . 
C 3 HOH 206 506 111 HOH HOH A . 
C 3 HOH 207 507 98  HOH HOH A . 
C 3 HOH 208 508 173 HOH HOH A . 
C 3 HOH 209 509 184 HOH HOH A . 
C 3 HOH 210 510 212 HOH HOH A . 
C 3 HOH 211 511 148 HOH HOH A . 
C 3 HOH 212 512 84  HOH HOH A . 
C 3 HOH 213 513 158 HOH HOH A . 
C 3 HOH 214 514 85  HOH HOH A . 
C 3 HOH 215 515 51  HOH HOH A . 
# 
loop_
_software.citation_id 
_software.classification 
_software.compiler_name 
_software.compiler_version 
_software.contact_author 
_software.contact_author_email 
_software.date 
_software.description 
_software.dependencies 
_software.hardware 
_software.language 
_software.location 
_software.mods 
_software.name 
_software.os 
_software.os_version 
_software.type 
_software.version 
_software.pdbx_ordinal 
? refinement       ? ? ? ? ? ? ? ? ? ? ? PHENIX         ? ? ? 1.15.2_3472 1 
? 'data reduction' ? ? ? ? ? ? ? ? ? ? ? 'PROTEUM PLUS' ? ? ? .           2 
? 'data scaling'   ? ? ? ? ? ? ? ? ? ? ? 'PROTEUM PLUS' ? ? ? .           3 
? phasing          ? ? ? ? ? ? ? ? ? ? ? PHASER         ? ? ? .           4 
# 
_cell.angle_alpha                  90.000 
_cell.angle_alpha_esd              ? 
_cell.angle_beta                   90.000 
_cell.angle_beta_esd               ? 
_cell.angle_gamma                  90.000 
_cell.angle_gamma_esd              ? 
_cell.entry_id                     8Z52 
_cell.details                      ? 
_cell.formula_units_Z              ? 
_cell.length_a                     78.378 
_cell.length_a_esd                 ? 
_cell.length_b                     78.378 
_cell.length_b_esd                 ? 
_cell.length_c                     36.904 
_cell.length_c_esd                 ? 
_cell.volume                       226705.364 
_cell.volume_esd                   ? 
_cell.Z_PDB                        8 
_cell.reciprocal_angle_alpha       ? 
_cell.reciprocal_angle_beta        ? 
_cell.reciprocal_angle_gamma       ? 
_cell.reciprocal_angle_alpha_esd   ? 
_cell.reciprocal_angle_beta_esd    ? 
_cell.reciprocal_angle_gamma_esd   ? 
_cell.reciprocal_length_a          ? 
_cell.reciprocal_length_b          ? 
_cell.reciprocal_length_c          ? 
_cell.reciprocal_length_a_esd      ? 
_cell.reciprocal_length_b_esd      ? 
_cell.reciprocal_length_c_esd      ? 
_cell.pdbx_unique_axis             ? 
_cell.pdbx_esd_method              ? 
# 
_symmetry.entry_id                         8Z52 
_symmetry.cell_setting                     ? 
_symmetry.Int_Tables_number                96 
_symmetry.space_group_name_Hall            'P 4nw 2abw' 
_symmetry.space_group_name_H-M             'P 43 21 2' 
_symmetry.pdbx_full_space_group_name_H-M   ? 
# 
_exptl.absorpt_coefficient_mu     ? 
_exptl.absorpt_correction_T_max   ? 
_exptl.absorpt_correction_T_min   ? 
_exptl.absorpt_correction_type    ? 
_exptl.absorpt_process_details    ? 
_exptl.entry_id                   8Z52 
_exptl.crystals_number            1 
_exptl.details                    ? 
_exptl.method                     'X-RAY DIFFRACTION' 
_exptl.method_details             ? 
# 
_exptl_crystal.colour                       ? 
_exptl_crystal.density_diffrn               ? 
_exptl_crystal.density_Matthews             1.98 
_exptl_crystal.density_method               ? 
_exptl_crystal.density_percent_sol          37.80 
_exptl_crystal.description                  ? 
_exptl_crystal.F_000                        ? 
_exptl_crystal.id                           1 
_exptl_crystal.preparation                  ? 
_exptl_crystal.size_max                     ? 
_exptl_crystal.size_mid                     ? 
_exptl_crystal.size_min                     ? 
_exptl_crystal.size_rad                     ? 
_exptl_crystal.colour_lustre                ? 
_exptl_crystal.colour_modifier              ? 
_exptl_crystal.colour_primary               ? 
_exptl_crystal.density_meas                 ? 
_exptl_crystal.density_meas_esd             ? 
_exptl_crystal.density_meas_gt              ? 
_exptl_crystal.density_meas_lt              ? 
_exptl_crystal.density_meas_temp            ? 
_exptl_crystal.density_meas_temp_esd        ? 
_exptl_crystal.density_meas_temp_gt         ? 
_exptl_crystal.density_meas_temp_lt         ? 
_exptl_crystal.pdbx_crystal_image_url       ? 
_exptl_crystal.pdbx_crystal_image_format    ? 
_exptl_crystal.pdbx_mosaicity               ? 
_exptl_crystal.pdbx_mosaicity_esd           ? 
_exptl_crystal.pdbx_mosaic_method           ? 
_exptl_crystal.pdbx_mosaic_block_size       ? 
_exptl_crystal.pdbx_mosaic_block_size_esd   ? 
# 
_exptl_crystal_grow.apparatus       ? 
_exptl_crystal_grow.atmosphere      ? 
_exptl_crystal_grow.crystal_id      1 
_exptl_crystal_grow.details         ? 
_exptl_crystal_grow.method          'VAPOR DIFFUSION, HANGING DROP' 
_exptl_crystal_grow.method_ref      ? 
_exptl_crystal_grow.pH              ? 
_exptl_crystal_grow.pressure        ? 
_exptl_crystal_grow.pressure_esd    ? 
_exptl_crystal_grow.seeding         ? 
_exptl_crystal_grow.seeding_ref     ? 
_exptl_crystal_grow.temp_details    ? 
_exptl_crystal_grow.temp_esd        ? 
_exptl_crystal_grow.time            ? 
_exptl_crystal_grow.pdbx_details    '0.1M Na-acetate pH 4.5, 6.5% (w/v) NaCl' 
_exptl_crystal_grow.pdbx_pH_range   ? 
_exptl_crystal_grow.temp            293.15 
# 
_diffrn.ambient_environment              ? 
_diffrn.ambient_temp                     100 
_diffrn.ambient_temp_details             ? 
_diffrn.ambient_temp_esd                 ? 
_diffrn.crystal_id                       1 
_diffrn.crystal_support                  ? 
_diffrn.crystal_treatment                ? 
_diffrn.details                          ? 
_diffrn.id                               1 
_diffrn.ambient_pressure                 ? 
_diffrn.ambient_pressure_esd             ? 
_diffrn.ambient_pressure_gt              ? 
_diffrn.ambient_pressure_lt              ? 
_diffrn.ambient_temp_gt                  ? 
_diffrn.ambient_temp_lt                  ? 
_diffrn.pdbx_serial_crystal_experiment   N 
# 
_diffrn_detector.details                      ? 
_diffrn_detector.detector                     PIXEL 
_diffrn_detector.diffrn_id                    1 
_diffrn_detector.type                         'Bruker PHOTON III' 
_diffrn_detector.area_resol_mean              ? 
_diffrn_detector.dtime                        ? 
_diffrn_detector.pdbx_frames_total            ? 
_diffrn_detector.pdbx_collection_time_total   ? 
_diffrn_detector.pdbx_collection_date         2019-04-14 
_diffrn_detector.pdbx_frequency               ? 
_diffrn_detector.id                           ? 
_diffrn_detector.number_of_axes               ? 
# 
_diffrn_radiation.collimation                      ? 
_diffrn_radiation.diffrn_id                        1 
_diffrn_radiation.filter_edge                      ? 
_diffrn_radiation.inhomogeneity                    ? 
_diffrn_radiation.monochromator                    ? 
_diffrn_radiation.polarisn_norm                    ? 
_diffrn_radiation.polarisn_ratio                   ? 
_diffrn_radiation.probe                            ? 
_diffrn_radiation.type                             ? 
_diffrn_radiation.xray_symbol                      ? 
_diffrn_radiation.wavelength_id                    1 
_diffrn_radiation.pdbx_monochromatic_or_laue_m_l   M 
_diffrn_radiation.pdbx_wavelength_list             ? 
_diffrn_radiation.pdbx_wavelength                  ? 
_diffrn_radiation.pdbx_diffrn_protocol             'SINGLE WAVELENGTH' 
_diffrn_radiation.pdbx_analyzer                    ? 
_diffrn_radiation.pdbx_scattering_type             x-ray 
# 
_diffrn_radiation_wavelength.id           1 
_diffrn_radiation_wavelength.wavelength   1.5 
_diffrn_radiation_wavelength.wt           1.0 
# 
_diffrn_source.current                     ? 
_diffrn_source.details                     ? 
_diffrn_source.diffrn_id                   1 
_diffrn_source.power                       ? 
_diffrn_source.size                        ? 
_diffrn_source.source                      'ROTATING ANODE' 
_diffrn_source.target                      ? 
_diffrn_source.type                        'BRUKER X8 PROTEUM' 
_diffrn_source.voltage                     ? 
_diffrn_source.take-off_angle              ? 
_diffrn_source.pdbx_wavelength_list        1.5 
_diffrn_source.pdbx_wavelength             ? 
_diffrn_source.pdbx_synchrotron_beamline   ? 
_diffrn_source.pdbx_synchrotron_site       ? 
# 
_reflns.B_iso_Wilson_estimate                          11.23 
_reflns.entry_id                                       8Z52 
_reflns.data_reduction_details                         ? 
_reflns.data_reduction_method                          ? 
_reflns.d_resolution_high                              1.48 
_reflns.d_resolution_low                               22.159 
_reflns.details                                        ? 
_reflns.limit_h_max                                    ? 
_reflns.limit_h_min                                    ? 
_reflns.limit_k_max                                    ? 
_reflns.limit_k_min                                    ? 
_reflns.limit_l_max                                    ? 
_reflns.limit_l_min                                    ? 
_reflns.number_all                                     ? 
_reflns.number_obs                                     19519 
_reflns.observed_criterion                             ? 
_reflns.observed_criterion_F_max                       ? 
_reflns.observed_criterion_F_min                       ? 
_reflns.observed_criterion_I_max                       ? 
_reflns.observed_criterion_I_min                       ? 
_reflns.observed_criterion_sigma_F                     ? 
_reflns.observed_criterion_sigma_I                     ? 
_reflns.percent_possible_obs                           99.1 
_reflns.R_free_details                                 ? 
_reflns.Rmerge_F_all                                   ? 
_reflns.Rmerge_F_obs                                   ? 
_reflns.Friedel_coverage                               ? 
_reflns.number_gt                                      ? 
_reflns.threshold_expression                           ? 
_reflns.pdbx_redundancy                                6.3 
_reflns.pdbx_netI_over_av_sigmaI                       ? 
_reflns.pdbx_netI_over_sigmaI                          11.5 
_reflns.pdbx_res_netI_over_av_sigmaI_2                 ? 
_reflns.pdbx_res_netI_over_sigmaI_2                    ? 
_reflns.pdbx_chi_squared                               ? 
_reflns.pdbx_scaling_rejects                           ? 
_reflns.pdbx_d_res_high_opt                            ? 
_reflns.pdbx_d_res_low_opt                             ? 
_reflns.pdbx_d_res_opt_method                          ? 
_reflns.phase_calculation_details                      ? 
_reflns.pdbx_Rrim_I_all                                0.101 
_reflns.pdbx_Rpim_I_all                                0.04 
_reflns.pdbx_d_opt                                     ? 
_reflns.pdbx_number_measured_all                       ? 
_reflns.pdbx_diffrn_id                                 1 
_reflns.pdbx_ordinal                                   1 
_reflns.pdbx_CC_half                                   0.998 
_reflns.pdbx_CC_star                                   ? 
_reflns.pdbx_R_split                                   ? 
_reflns.pdbx_Rmerge_I_obs                              0.093 
_reflns.pdbx_Rmerge_I_all                              ? 
_reflns.pdbx_Rsym_value                                ? 
_reflns.pdbx_CC_split_method                           ? 
_reflns.pdbx_aniso_diffraction_limit_axis_1_ortho[1]   ? 
_reflns.pdbx_aniso_diffraction_limit_axis_1_ortho[2]   ? 
_reflns.pdbx_aniso_diffraction_limit_axis_1_ortho[3]   ? 
_reflns.pdbx_aniso_diffraction_limit_axis_2_ortho[1]   ? 
_reflns.pdbx_aniso_diffraction_limit_axis_2_ortho[2]   ? 
_reflns.pdbx_aniso_diffraction_limit_axis_2_ortho[3]   ? 
_reflns.pdbx_aniso_diffraction_limit_axis_3_ortho[1]   ? 
_reflns.pdbx_aniso_diffraction_limit_axis_3_ortho[2]   ? 
_reflns.pdbx_aniso_diffraction_limit_axis_3_ortho[3]   ? 
_reflns.pdbx_aniso_diffraction_limit_1                 ? 
_reflns.pdbx_aniso_diffraction_limit_2                 ? 
_reflns.pdbx_aniso_diffraction_limit_3                 ? 
_reflns.pdbx_aniso_B_tensor_eigenvector_1_ortho[1]     ? 
_reflns.pdbx_aniso_B_tensor_eigenvector_1_ortho[2]     ? 
_reflns.pdbx_aniso_B_tensor_eigenvector_1_ortho[3]     ? 
_reflns.pdbx_aniso_B_tensor_eigenvector_2_ortho[1]     ? 
_reflns.pdbx_aniso_B_tensor_eigenvector_2_ortho[2]     ? 
_reflns.pdbx_aniso_B_tensor_eigenvector_2_ortho[3]     ? 
_reflns.pdbx_aniso_B_tensor_eigenvector_3_ortho[1]     ? 
_reflns.pdbx_aniso_B_tensor_eigenvector_3_ortho[2]     ? 
_reflns.pdbx_aniso_B_tensor_eigenvector_3_ortho[3]     ? 
_reflns.pdbx_aniso_B_tensor_eigenvalue_1               ? 
_reflns.pdbx_aniso_B_tensor_eigenvalue_2               ? 
_reflns.pdbx_aniso_B_tensor_eigenvalue_3               ? 
_reflns.pdbx_orthogonalization_convention              ? 
_reflns.pdbx_percent_possible_ellipsoidal              ? 
_reflns.pdbx_percent_possible_spherical                ? 
_reflns.pdbx_percent_possible_ellipsoidal_anomalous    ? 
_reflns.pdbx_percent_possible_spherical_anomalous      ? 
_reflns.pdbx_redundancy_anomalous                      ? 
_reflns.pdbx_CC_half_anomalous                         ? 
_reflns.pdbx_absDiff_over_sigma_anomalous              ? 
_reflns.pdbx_percent_possible_anomalous                ? 
_reflns.pdbx_observed_signal_threshold                 ? 
_reflns.pdbx_signal_type                               ? 
_reflns.pdbx_signal_details                            ? 
_reflns.pdbx_signal_software_id                        ? 
# 
_reflns_shell.d_res_high                                    1.48 
_reflns_shell.d_res_low                                     1.54 
_reflns_shell.meanI_over_sigI_all                           ? 
_reflns_shell.meanI_over_sigI_obs                           1.8 
_reflns_shell.number_measured_all                           ? 
_reflns_shell.number_measured_obs                           ? 
_reflns_shell.number_possible                               ? 
_reflns_shell.number_unique_all                             ? 
_reflns_shell.number_unique_obs                             3246 
_reflns_shell.percent_possible_obs                          ? 
_reflns_shell.Rmerge_F_all                                  ? 
_reflns_shell.Rmerge_F_obs                                  ? 
_reflns_shell.meanI_over_sigI_gt                            ? 
_reflns_shell.meanI_over_uI_all                             ? 
_reflns_shell.meanI_over_uI_gt                              ? 
_reflns_shell.number_measured_gt                            ? 
_reflns_shell.number_unique_gt                              ? 
_reflns_shell.percent_possible_gt                           ? 
_reflns_shell.Rmerge_F_gt                                   ? 
_reflns_shell.Rmerge_I_gt                                   ? 
_reflns_shell.pdbx_redundancy                               4.5 
_reflns_shell.pdbx_chi_squared                              ? 
_reflns_shell.pdbx_netI_over_sigmaI_all                     ? 
_reflns_shell.pdbx_netI_over_sigmaI_obs                     ? 
_reflns_shell.pdbx_Rrim_I_all                               0.929 
_reflns_shell.pdbx_Rpim_I_all                               0.44 
_reflns_shell.pdbx_rejects                                  ? 
_reflns_shell.pdbx_ordinal                                  1 
_reflns_shell.pdbx_diffrn_id                                1 
_reflns_shell.pdbx_CC_half                                  0.183 
_reflns_shell.pdbx_CC_star                                  ? 
_reflns_shell.pdbx_R_split                                  ? 
_reflns_shell.percent_possible_all                          91.1 
_reflns_shell.Rmerge_I_all                                  ? 
_reflns_shell.Rmerge_I_obs                                  0.811 
_reflns_shell.pdbx_Rsym_value                               ? 
_reflns_shell.pdbx_percent_possible_ellipsoidal             ? 
_reflns_shell.pdbx_percent_possible_spherical               ? 
_reflns_shell.pdbx_percent_possible_ellipsoidal_anomalous   ? 
_reflns_shell.pdbx_percent_possible_spherical_anomalous     ? 
_reflns_shell.pdbx_redundancy_anomalous                     ? 
_reflns_shell.pdbx_CC_half_anomalous                        ? 
_reflns_shell.pdbx_absDiff_over_sigma_anomalous             ? 
_reflns_shell.pdbx_percent_possible_anomalous               ? 
# 
_refine.aniso_B[1][1]                            ? 
_refine.aniso_B[1][2]                            ? 
_refine.aniso_B[1][3]                            ? 
_refine.aniso_B[2][2]                            ? 
_refine.aniso_B[2][3]                            ? 
_refine.aniso_B[3][3]                            ? 
_refine.B_iso_max                                ? 
_refine.B_iso_mean                               16.92 
_refine.B_iso_min                                ? 
_refine.correlation_coeff_Fo_to_Fc               ? 
_refine.correlation_coeff_Fo_to_Fc_free          ? 
_refine.details                                  ? 
_refine.diff_density_max                         ? 
_refine.diff_density_max_esd                     ? 
_refine.diff_density_min                         ? 
_refine.diff_density_min_esd                     ? 
_refine.diff_density_rms                         ? 
_refine.diff_density_rms_esd                     ? 
_refine.entry_id                                 8Z52 
_refine.pdbx_refine_id                           'X-RAY DIFFRACTION' 
_refine.ls_abs_structure_details                 ? 
_refine.ls_abs_structure_Flack                   ? 
_refine.ls_abs_structure_Flack_esd               ? 
_refine.ls_abs_structure_Rogers                  ? 
_refine.ls_abs_structure_Rogers_esd              ? 
_refine.ls_d_res_high                            1.48 
_refine.ls_d_res_low                             21.74 
_refine.ls_extinction_coef                       ? 
_refine.ls_extinction_coef_esd                   ? 
_refine.ls_extinction_expression                 ? 
_refine.ls_extinction_method                     ? 
_refine.ls_goodness_of_fit_all                   ? 
_refine.ls_goodness_of_fit_all_esd               ? 
_refine.ls_goodness_of_fit_obs                   ? 
_refine.ls_goodness_of_fit_obs_esd               ? 
_refine.ls_hydrogen_treatment                    ? 
_refine.ls_matrix_type                           ? 
_refine.ls_number_constraints                    ? 
_refine.ls_number_parameters                     ? 
_refine.ls_number_reflns_all                     ? 
_refine.ls_number_reflns_obs                     19519 
_refine.ls_number_reflns_R_free                  1952 
_refine.ls_number_reflns_R_work                  17567 
_refine.ls_number_restraints                     ? 
_refine.ls_percent_reflns_obs                    99.88 
_refine.ls_percent_reflns_R_free                 10.00 
_refine.ls_R_factor_all                          ? 
_refine.ls_R_factor_obs                          0.1815 
_refine.ls_R_factor_R_free                       0.2088 
_refine.ls_R_factor_R_free_error                 ? 
_refine.ls_R_factor_R_free_error_details         ? 
_refine.ls_R_factor_R_work                       0.1785 
_refine.ls_R_Fsqd_factor_obs                     ? 
_refine.ls_R_I_factor_obs                        ? 
_refine.ls_redundancy_reflns_all                 ? 
_refine.ls_redundancy_reflns_obs                 ? 
_refine.ls_restrained_S_all                      ? 
_refine.ls_restrained_S_obs                      ? 
_refine.ls_shift_over_esd_max                    ? 
_refine.ls_shift_over_esd_mean                   ? 
_refine.ls_structure_factor_coef                 ? 
_refine.ls_weighting_details                     ? 
_refine.ls_weighting_scheme                      ? 
_refine.ls_wR_factor_all                         ? 
_refine.ls_wR_factor_obs                         ? 
_refine.ls_wR_factor_R_free                      ? 
_refine.ls_wR_factor_R_work                      ? 
_refine.occupancy_max                            ? 
_refine.occupancy_min                            ? 
_refine.solvent_model_details                    'FLAT BULK SOLVENT MODEL' 
_refine.solvent_model_param_bsol                 ? 
_refine.solvent_model_param_ksol                 ? 
_refine.pdbx_R_complete                          ? 
_refine.ls_R_factor_gt                           ? 
_refine.ls_goodness_of_fit_gt                    ? 
_refine.ls_goodness_of_fit_ref                   ? 
_refine.ls_shift_over_su_max                     ? 
_refine.ls_shift_over_su_max_lt                  ? 
_refine.ls_shift_over_su_mean                    ? 
_refine.ls_shift_over_su_mean_lt                 ? 
_refine.pdbx_ls_sigma_I                          ? 
_refine.pdbx_ls_sigma_F                          1.34 
_refine.pdbx_ls_sigma_Fsqd                       ? 
_refine.pdbx_data_cutoff_high_absF               ? 
_refine.pdbx_data_cutoff_high_rms_absF           ? 
_refine.pdbx_data_cutoff_low_absF                ? 
_refine.pdbx_isotropic_thermal_model             ? 
_refine.pdbx_ls_cross_valid_method               'FREE R-VALUE' 
_refine.pdbx_method_to_determine_struct          'MOLECULAR REPLACEMENT' 
_refine.pdbx_starting_model                      ? 
_refine.pdbx_stereochemistry_target_values       'GeoStd + Monomer Library + CDL v1.2' 
_refine.pdbx_R_Free_selection_details            ? 
_refine.pdbx_stereochem_target_val_spec_case     ? 
_refine.pdbx_overall_ESU_R                       ? 
_refine.pdbx_overall_ESU_R_Free                  ? 
_refine.pdbx_solvent_vdw_probe_radii             1.1100 
_refine.pdbx_solvent_ion_probe_radii             ? 
_refine.pdbx_solvent_shrinkage_radii             0.9000 
_refine.pdbx_real_space_R                        ? 
_refine.pdbx_density_correlation                 ? 
_refine.pdbx_pd_number_of_powder_patterns        ? 
_refine.pdbx_pd_number_of_points                 ? 
_refine.pdbx_pd_meas_number_of_points            ? 
_refine.pdbx_pd_proc_ls_prof_R_factor            ? 
_refine.pdbx_pd_proc_ls_prof_wR_factor           ? 
_refine.pdbx_pd_Marquardt_correlation_coeff      ? 
_refine.pdbx_pd_Fsqrd_R_factor                   ? 
_refine.pdbx_pd_ls_matrix_band_width             ? 
_refine.pdbx_overall_phase_error                 19.5285 
_refine.pdbx_overall_SU_R_free_Cruickshank_DPI   ? 
_refine.pdbx_overall_SU_R_free_Blow_DPI          ? 
_refine.pdbx_overall_SU_R_Blow_DPI               ? 
_refine.pdbx_TLS_residual_ADP_flag               ? 
_refine.pdbx_diffrn_id                           1 
_refine.overall_SU_B                             ? 
_refine.overall_SU_ML                            0.1416 
_refine.overall_SU_R_Cruickshank_DPI             ? 
_refine.overall_SU_R_free                        ? 
_refine.overall_FOM_free_R_set                   ? 
_refine.overall_FOM_work_R_set                   ? 
_refine.pdbx_average_fsc_overall                 ? 
_refine.pdbx_average_fsc_work                    ? 
_refine.pdbx_average_fsc_free                    ? 
# 
_refine_hist.pdbx_refine_id                   'X-RAY DIFFRACTION' 
_refine_hist.cycle_id                         LAST 
_refine_hist.details                          ? 
_refine_hist.d_res_high                       1.48 
_refine_hist.d_res_low                        21.74 
_refine_hist.number_atoms_solvent             215 
_refine_hist.number_atoms_total               1229 
_refine_hist.number_reflns_all                ? 
_refine_hist.number_reflns_obs                ? 
_refine_hist.number_reflns_R_free             ? 
_refine_hist.number_reflns_R_work             ? 
_refine_hist.R_factor_all                     ? 
_refine_hist.R_factor_obs                     ? 
_refine_hist.R_factor_R_free                  ? 
_refine_hist.R_factor_R_work                  ? 
_refine_hist.pdbx_number_residues_total       ? 
_refine_hist.pdbx_B_iso_mean_ligand           ? 
_refine_hist.pdbx_B_iso_mean_solvent          ? 
_refine_hist.pdbx_number_atoms_protein        1001 
_refine_hist.pdbx_number_atoms_nucleic_acid   0 
_refine_hist.pdbx_number_atoms_ligand         13 
_refine_hist.pdbx_number_atoms_lipid          ? 
_refine_hist.pdbx_number_atoms_carb           ? 
_refine_hist.pdbx_pseudo_atom_details         ? 
# 
loop_
_refine_ls_restr.pdbx_refine_id 
_refine_ls_restr.criterion 
_refine_ls_restr.dev_ideal 
_refine_ls_restr.dev_ideal_target 
_refine_ls_restr.number 
_refine_ls_restr.rejects 
_refine_ls_restr.type 
_refine_ls_restr.weight 
_refine_ls_restr.pdbx_restraint_function 
'X-RAY DIFFRACTION' ? 0.0035  ? 1084 ? f_bond_d           ? ? 
'X-RAY DIFFRACTION' ? 0.6902  ? 1476 ? f_angle_d          ? ? 
'X-RAY DIFFRACTION' ? 0.0785  ? 151  ? f_chiral_restr     ? ? 
'X-RAY DIFFRACTION' ? 0.0043  ? 195  ? f_plane_restr      ? ? 
'X-RAY DIFFRACTION' ? 23.0014 ? 401  ? f_dihedral_angle_d ? ? 
# 
loop_
_refine_ls_shell.pdbx_refine_id 
_refine_ls_shell.d_res_high 
_refine_ls_shell.d_res_low 
_refine_ls_shell.number_reflns_all 
_refine_ls_shell.number_reflns_obs 
_refine_ls_shell.number_reflns_R_free 
_refine_ls_shell.number_reflns_R_work 
_refine_ls_shell.percent_reflns_obs 
_refine_ls_shell.percent_reflns_R_free 
_refine_ls_shell.R_factor_all 
_refine_ls_shell.R_factor_obs 
_refine_ls_shell.R_factor_R_free_error 
_refine_ls_shell.R_factor_R_work 
_refine_ls_shell.redundancy_reflns_all 
_refine_ls_shell.redundancy_reflns_obs 
_refine_ls_shell.wR_factor_all 
_refine_ls_shell.wR_factor_obs 
_refine_ls_shell.wR_factor_R_free 
_refine_ls_shell.wR_factor_R_work 
_refine_ls_shell.pdbx_R_complete 
_refine_ls_shell.pdbx_total_number_of_bins_used 
_refine_ls_shell.pdbx_phase_error 
_refine_ls_shell.pdbx_fsc_work 
_refine_ls_shell.pdbx_fsc_free 
_refine_ls_shell.R_factor_R_free 
'X-RAY DIFFRACTION' 1.48 1.52  . . 134 1210 98.75  . . . . 0.3201 . . . . . . . . . . . 0.3246 
'X-RAY DIFFRACTION' 1.52 1.56  . . 138 1232 100.00 . . . . 0.2629 . . . . . . . . . . . 0.2949 
'X-RAY DIFFRACTION' 1.56 1.61  . . 138 1241 100.00 . . . . 0.2328 . . . . . . . . . . . 0.2800 
'X-RAY DIFFRACTION' 1.61 1.66  . . 137 1228 100.00 . . . . 0.2105 . . . . . . . . . . . 0.2604 
'X-RAY DIFFRACTION' 1.66 1.72  . . 135 1220 100.00 . . . . 0.1979 . . . . . . . . . . . 0.2429 
'X-RAY DIFFRACTION' 1.72 1.79  . . 138 1246 100.00 . . . . 0.1932 . . . . . . . . . . . 0.2675 
'X-RAY DIFFRACTION' 1.79 1.87  . . 138 1236 100.00 . . . . 0.1940 . . . . . . . . . . . 0.2222 
'X-RAY DIFFRACTION' 1.87 1.97  . . 139 1257 100.00 . . . . 0.1735 . . . . . . . . . . . 0.2059 
'X-RAY DIFFRACTION' 1.97 2.09  . . 138 1240 100.00 . . . . 0.1700 . . . . . . . . . . . 0.1904 
'X-RAY DIFFRACTION' 2.09 2.25  . . 139 1252 100.00 . . . . 0.1580 . . . . . . . . . . . 0.2222 
'X-RAY DIFFRACTION' 2.25 2.48  . . 141 1267 100.00 . . . . 0.1628 . . . . . . . . . . . 0.1828 
'X-RAY DIFFRACTION' 2.48 2.84  . . 142 1283 100.00 . . . . 0.1632 . . . . . . . . . . . 0.1802 
'X-RAY DIFFRACTION' 2.84 3.57  . . 143 1289 100.00 . . . . 0.1571 . . . . . . . . . . . 0.1650 
'X-RAY DIFFRACTION' 3.57 21.74 . . 152 1366 99.61  . . . . 0.1625 . . . . . . . . . . . 0.2007 
# 
_struct.entry_id                     8Z52 
_struct.title                        'Hen Egg-White Lysozyme (HEWL) complexed with Theophylline' 
_struct.pdbx_model_details           ? 
_struct.pdbx_formula_weight          ? 
_struct.pdbx_formula_weight_method   ? 
_struct.pdbx_model_type_details      ? 
_struct.pdbx_CASP_flag               N 
# 
_struct_keywords.entry_id        8Z52 
_struct_keywords.text            'Lysozyme, Emetine, dimerization, drug-carrier, HYDROLASE' 
_struct_keywords.pdbx_keywords   HYDROLASE 
# 
loop_
_struct_asym.id 
_struct_asym.pdbx_blank_PDB_chainid_flag 
_struct_asym.pdbx_modified 
_struct_asym.entity_id 
_struct_asym.details 
A N N 1 ? 
B N N 2 ? 
C N N 3 ? 
# 
_struct_ref.id                         1 
_struct_ref.db_name                    UNP 
_struct_ref.db_code                    LYSC_CHICK 
_struct_ref.pdbx_db_accession          P00698 
_struct_ref.pdbx_db_isoform            ? 
_struct_ref.entity_id                  1 
_struct_ref.pdbx_seq_one_letter_code   
;KVFGRCELAAAMKRHGLDNYRGYSLGNWVCAAKFESNFNTQATNRNTDGSTDYGILQINSRWWCNDGRTPGSRNLCNIPC
SALLSSDITASVNCAKKIVSDGNGMNAWVAWRNRCKGTDVQAWIRGCRL
;
_struct_ref.pdbx_align_begin           19 
# 
_struct_ref_seq.align_id                      1 
_struct_ref_seq.ref_id                        1 
_struct_ref_seq.pdbx_PDB_id_code              8Z52 
_struct_ref_seq.pdbx_strand_id                A 
_struct_ref_seq.seq_align_beg                 1 
_struct_ref_seq.pdbx_seq_align_beg_ins_code   ? 
_struct_ref_seq.seq_align_end                 129 
_struct_ref_seq.pdbx_seq_align_end_ins_code   ? 
_struct_ref_seq.pdbx_db_accession             P00698 
_struct_ref_seq.db_align_beg                  19 
_struct_ref_seq.pdbx_db_align_beg_ins_code    ? 
_struct_ref_seq.db_align_end                  147 
_struct_ref_seq.pdbx_db_align_end_ins_code    ? 
_struct_ref_seq.pdbx_auth_seq_align_beg       1 
_struct_ref_seq.pdbx_auth_seq_align_end       129 
# 
_pdbx_struct_assembly.id                   1 
_pdbx_struct_assembly.details              author_defined_assembly 
_pdbx_struct_assembly.method_details       ? 
_pdbx_struct_assembly.oligomeric_details   monomeric 
_pdbx_struct_assembly.oligomeric_count     1 
# 
_pdbx_struct_assembly_gen.assembly_id       1 
_pdbx_struct_assembly_gen.oper_expression   1 
_pdbx_struct_assembly_gen.asym_id_list      A,B,C 
# 
_pdbx_struct_assembly_auth_evidence.id                     1 
_pdbx_struct_assembly_auth_evidence.assembly_id            1 
_pdbx_struct_assembly_auth_evidence.experimental_support   none 
_pdbx_struct_assembly_auth_evidence.details                ? 
# 
_pdbx_struct_oper_list.id                   1 
_pdbx_struct_oper_list.type                 'identity operation' 
_pdbx_struct_oper_list.name                 1_555 
_pdbx_struct_oper_list.symmetry_operation   x,y,z 
_pdbx_struct_oper_list.matrix[1][1]         1.0000000000 
_pdbx_struct_oper_list.matrix[1][2]         0.0000000000 
_pdbx_struct_oper_list.matrix[1][3]         0.0000000000 
_pdbx_struct_oper_list.vector[1]            0.0000000000 
_pdbx_struct_oper_list.matrix[2][1]         0.0000000000 
_pdbx_struct_oper_list.matrix[2][2]         1.0000000000 
_pdbx_struct_oper_list.matrix[2][3]         0.0000000000 
_pdbx_struct_oper_list.vector[2]            0.0000000000 
_pdbx_struct_oper_list.matrix[3][1]         0.0000000000 
_pdbx_struct_oper_list.matrix[3][2]         0.0000000000 
_pdbx_struct_oper_list.matrix[3][3]         1.0000000000 
_pdbx_struct_oper_list.vector[3]            0.0000000000 
# 
loop_
_struct_conf.conf_type_id 
_struct_conf.id 
_struct_conf.pdbx_PDB_helix_id 
_struct_conf.beg_label_comp_id 
_struct_conf.beg_label_asym_id 
_struct_conf.beg_label_seq_id 
_struct_conf.pdbx_beg_PDB_ins_code 
_struct_conf.end_label_comp_id 
_struct_conf.end_label_asym_id 
_struct_conf.end_label_seq_id 
_struct_conf.pdbx_end_PDB_ins_code 
_struct_conf.beg_auth_comp_id 
_struct_conf.beg_auth_asym_id 
_struct_conf.beg_auth_seq_id 
_struct_conf.end_auth_comp_id 
_struct_conf.end_auth_asym_id 
_struct_conf.end_auth_seq_id 
_struct_conf.pdbx_PDB_helix_class 
_struct_conf.details 
_struct_conf.pdbx_PDB_helix_length 
HELX_P HELX_P1 AA1 GLY A 4   ? HIS A 15  ? GLY A 4   HIS A 15  1 ? 12 
HELX_P HELX_P2 AA2 ASN A 19  ? TYR A 23  ? ASN A 19  TYR A 23  5 ? 5  
HELX_P HELX_P3 AA3 SER A 24  ? ASN A 37  ? SER A 24  ASN A 37  1 ? 14 
HELX_P HELX_P4 AA4 PRO A 79  ? SER A 85  ? PRO A 79  SER A 85  5 ? 7  
HELX_P HELX_P5 AA5 ILE A 88  ? SER A 100 ? ILE A 88  SER A 100 1 ? 13 
HELX_P HELX_P6 AA6 ASN A 103 ? ALA A 107 ? ASN A 103 ALA A 107 5 ? 5  
HELX_P HELX_P7 AA7 TRP A 108 ? CYS A 115 ? TRP A 108 CYS A 115 1 ? 8  
HELX_P HELX_P8 AA8 ASP A 119 ? ARG A 125 ? ASP A 119 ARG A 125 5 ? 7  
# 
_struct_conf_type.id          HELX_P 
_struct_conf_type.criteria    ? 
_struct_conf_type.reference   ? 
# 
loop_
_struct_conn.id 
_struct_conn.conn_type_id 
_struct_conn.pdbx_leaving_atom_flag 
_struct_conn.pdbx_PDB_id 
_struct_conn.ptnr1_label_asym_id 
_struct_conn.ptnr1_label_comp_id 
_struct_conn.ptnr1_label_seq_id 
_struct_conn.ptnr1_label_atom_id 
_struct_conn.pdbx_ptnr1_label_alt_id 
_struct_conn.pdbx_ptnr1_PDB_ins_code 
_struct_conn.pdbx_ptnr1_standard_comp_id 
_struct_conn.ptnr1_symmetry 
_struct_conn.ptnr2_label_asym_id 
_struct_conn.ptnr2_label_comp_id 
_struct_conn.ptnr2_label_seq_id 
_struct_conn.ptnr2_label_atom_id 
_struct_conn.pdbx_ptnr2_label_alt_id 
_struct_conn.pdbx_ptnr2_PDB_ins_code 
_struct_conn.ptnr1_auth_asym_id 
_struct_conn.ptnr1_auth_comp_id 
_struct_conn.ptnr1_auth_seq_id 
_struct_conn.ptnr2_auth_asym_id 
_struct_conn.ptnr2_auth_comp_id 
_struct_conn.ptnr2_auth_seq_id 
_struct_conn.ptnr2_symmetry 
_struct_conn.pdbx_ptnr3_label_atom_id 
_struct_conn.pdbx_ptnr3_label_seq_id 
_struct_conn.pdbx_ptnr3_label_comp_id 
_struct_conn.pdbx_ptnr3_label_asym_id 
_struct_conn.pdbx_ptnr3_label_alt_id 
_struct_conn.pdbx_ptnr3_PDB_ins_code 
_struct_conn.details 
_struct_conn.pdbx_dist_value 
_struct_conn.pdbx_value_order 
_struct_conn.pdbx_role 
disulf1 disulf ? ? A CYS 6  SG ? ? ? 1_555 A CYS 127 SG ? ? A CYS 6  A CYS 127 1_555 ? ? ? ? ? ? ? 2.035 ? ? 
disulf2 disulf ? ? A CYS 30 SG ? ? ? 1_555 A CYS 115 SG ? ? A CYS 30 A CYS 115 1_555 ? ? ? ? ? ? ? 2.026 ? ? 
disulf3 disulf ? ? A CYS 64 SG ? ? ? 1_555 A CYS 80  SG ? ? A CYS 64 A CYS 80  1_555 ? ? ? ? ? ? ? 2.036 ? ? 
disulf4 disulf ? ? A CYS 76 SG ? ? ? 1_555 A CYS 94  SG ? ? A CYS 76 A CYS 94  1_555 ? ? ? ? ? ? ? 2.025 ? ? 
# 
_struct_conn_type.id          disulf 
_struct_conn_type.criteria    ? 
_struct_conn_type.reference   ? 
# 
loop_
_pdbx_modification_feature.ordinal 
_pdbx_modification_feature.label_comp_id 
_pdbx_modification_feature.label_asym_id 
_pdbx_modification_feature.label_seq_id 
_pdbx_modification_feature.label_alt_id 
_pdbx_modification_feature.modified_residue_label_comp_id 
_pdbx_modification_feature.modified_residue_label_asym_id 
_pdbx_modification_feature.modified_residue_label_seq_id 
_pdbx_modification_feature.modified_residue_label_alt_id 
_pdbx_modification_feature.auth_comp_id 
_pdbx_modification_feature.auth_asym_id 
_pdbx_modification_feature.auth_seq_id 
_pdbx_modification_feature.PDB_ins_code 
_pdbx_modification_feature.symmetry 
_pdbx_modification_feature.modified_residue_auth_comp_id 
_pdbx_modification_feature.modified_residue_auth_asym_id 
_pdbx_modification_feature.modified_residue_auth_seq_id 
_pdbx_modification_feature.modified_residue_PDB_ins_code 
_pdbx_modification_feature.modified_residue_symmetry 
_pdbx_modification_feature.comp_id_linking_atom 
_pdbx_modification_feature.modified_residue_id_linking_atom 
_pdbx_modification_feature.modified_residue_id 
_pdbx_modification_feature.ref_pcm_id 
_pdbx_modification_feature.ref_comp_id 
_pdbx_modification_feature.type 
_pdbx_modification_feature.category 
1 CYS A 6  ? CYS A 127 ? CYS A 6  ? 1_555 CYS A 127 ? 1_555 SG SG . . . None 'Disulfide bridge' 
2 CYS A 30 ? CYS A 115 ? CYS A 30 ? 1_555 CYS A 115 ? 1_555 SG SG . . . None 'Disulfide bridge' 
3 CYS A 64 ? CYS A 80  ? CYS A 64 ? 1_555 CYS A 80  ? 1_555 SG SG . . . None 'Disulfide bridge' 
4 CYS A 76 ? CYS A 94  ? CYS A 76 ? 1_555 CYS A 94  ? 1_555 SG SG . . . None 'Disulfide bridge' 
# 
_struct_sheet.id               AA1 
_struct_sheet.type             ? 
_struct_sheet.number_strands   3 
_struct_sheet.details          ? 
# 
loop_
_struct_sheet_order.sheet_id 
_struct_sheet_order.range_id_1 
_struct_sheet_order.range_id_2 
_struct_sheet_order.offset 
_struct_sheet_order.sense 
AA1 1 2 ? anti-parallel 
AA1 2 3 ? anti-parallel 
# 
loop_
_struct_sheet_range.sheet_id 
_struct_sheet_range.id 
_struct_sheet_range.beg_label_comp_id 
_struct_sheet_range.beg_label_asym_id 
_struct_sheet_range.beg_label_seq_id 
_struct_sheet_range.pdbx_beg_PDB_ins_code 
_struct_sheet_range.end_label_comp_id 
_struct_sheet_range.end_label_asym_id 
_struct_sheet_range.end_label_seq_id 
_struct_sheet_range.pdbx_end_PDB_ins_code 
_struct_sheet_range.beg_auth_comp_id 
_struct_sheet_range.beg_auth_asym_id 
_struct_sheet_range.beg_auth_seq_id 
_struct_sheet_range.end_auth_comp_id 
_struct_sheet_range.end_auth_asym_id 
_struct_sheet_range.end_auth_seq_id 
AA1 1 THR A 43 ? ARG A 45 ? THR A 43 ARG A 45 
AA1 2 THR A 51 ? TYR A 53 ? THR A 51 TYR A 53 
AA1 3 ILE A 58 ? ASN A 59 ? ILE A 58 ASN A 59 
# 
loop_
_pdbx_struct_sheet_hbond.sheet_id 
_pdbx_struct_sheet_hbond.range_id_1 
_pdbx_struct_sheet_hbond.range_id_2 
_pdbx_struct_sheet_hbond.range_1_label_atom_id 
_pdbx_struct_sheet_hbond.range_1_label_comp_id 
_pdbx_struct_sheet_hbond.range_1_label_asym_id 
_pdbx_struct_sheet_hbond.range_1_label_seq_id 
_pdbx_struct_sheet_hbond.range_1_PDB_ins_code 
_pdbx_struct_sheet_hbond.range_1_auth_atom_id 
_pdbx_struct_sheet_hbond.range_1_auth_comp_id 
_pdbx_struct_sheet_hbond.range_1_auth_asym_id 
_pdbx_struct_sheet_hbond.range_1_auth_seq_id 
_pdbx_struct_sheet_hbond.range_2_label_atom_id 
_pdbx_struct_sheet_hbond.range_2_label_comp_id 
_pdbx_struct_sheet_hbond.range_2_label_asym_id 
_pdbx_struct_sheet_hbond.range_2_label_seq_id 
_pdbx_struct_sheet_hbond.range_2_PDB_ins_code 
_pdbx_struct_sheet_hbond.range_2_auth_atom_id 
_pdbx_struct_sheet_hbond.range_2_auth_comp_id 
_pdbx_struct_sheet_hbond.range_2_auth_asym_id 
_pdbx_struct_sheet_hbond.range_2_auth_seq_id 
AA1 1 2 N ASN A 44 ? N ASN A 44 O ASP A 52 ? O ASP A 52 
AA1 2 3 N TYR A 53 ? N TYR A 53 O ILE A 58 ? O ILE A 58 
# 
_pdbx_entry_details.entry_id                   8Z52 
_pdbx_entry_details.has_ligand_of_interest     Y 
_pdbx_entry_details.compound_details           ? 
_pdbx_entry_details.source_details             ? 
_pdbx_entry_details.nonpolymer_details         ? 
_pdbx_entry_details.sequence_details           ? 
_pdbx_entry_details.has_protein_modification   Y 
# 
loop_
_pdbx_struct_special_symmetry.id 
_pdbx_struct_special_symmetry.PDB_model_num 
_pdbx_struct_special_symmetry.auth_asym_id 
_pdbx_struct_special_symmetry.auth_comp_id 
_pdbx_struct_special_symmetry.auth_seq_id 
_pdbx_struct_special_symmetry.PDB_ins_code 
_pdbx_struct_special_symmetry.label_asym_id 
_pdbx_struct_special_symmetry.label_comp_id 
_pdbx_struct_special_symmetry.label_seq_id 
1 1 A HOH 344 ? C HOH . 
2 1 A HOH 364 ? C HOH . 
3 1 A HOH 510 ? C HOH . 
# 
loop_
_space_group_symop.id 
_space_group_symop.operation_xyz 
1 x,y,z               
2 -y+1/2,x+1/2,z+3/4  
3 y+1/2,-x+1/2,z+1/4  
4 x+1/2,-y+1/2,-z+1/4 
5 -x+1/2,y+1/2,-z+3/4 
6 -x,-y,z+1/2         
7 y,x,-z              
8 -y,-x,-z+1/2        
# 
loop_
_chem_comp_atom.comp_id 
_chem_comp_atom.atom_id 
_chem_comp_atom.type_symbol 
_chem_comp_atom.pdbx_aromatic_flag 
_chem_comp_atom.pdbx_stereo_config 
_chem_comp_atom.pdbx_ordinal 
ALA N    N N N 1   
ALA CA   C N S 2   
ALA C    C N N 3   
ALA O    O N N 4   
ALA CB   C N N 5   
ALA OXT  O N N 6   
ALA H    H N N 7   
ALA H2   H N N 8   
ALA HA   H N N 9   
ALA HB1  H N N 10  
ALA HB2  H N N 11  
ALA HB3  H N N 12  
ALA HXT  H N N 13  
ARG N    N N N 14  
ARG CA   C N S 15  
ARG C    C N N 16  
ARG O    O N N 17  
ARG CB   C N N 18  
ARG CG   C N N 19  
ARG CD   C N N 20  
ARG NE   N N N 21  
ARG CZ   C N N 22  
ARG NH1  N N N 23  
ARG NH2  N N N 24  
ARG OXT  O N N 25  
ARG H    H N N 26  
ARG H2   H N N 27  
ARG HA   H N N 28  
ARG HB2  H N N 29  
ARG HB3  H N N 30  
ARG HG2  H N N 31  
ARG HG3  H N N 32  
ARG HD2  H N N 33  
ARG HD3  H N N 34  
ARG HE   H N N 35  
ARG HH11 H N N 36  
ARG HH12 H N N 37  
ARG HH21 H N N 38  
ARG HH22 H N N 39  
ARG HXT  H N N 40  
ASN N    N N N 41  
ASN CA   C N S 42  
ASN C    C N N 43  
ASN O    O N N 44  
ASN CB   C N N 45  
ASN CG   C N N 46  
ASN OD1  O N N 47  
ASN ND2  N N N 48  
ASN OXT  O N N 49  
ASN H    H N N 50  
ASN H2   H N N 51  
ASN HA   H N N 52  
ASN HB2  H N N 53  
ASN HB3  H N N 54  
ASN HD21 H N N 55  
ASN HD22 H N N 56  
ASN HXT  H N N 57  
ASP N    N N N 58  
ASP CA   C N S 59  
ASP C    C N N 60  
ASP O    O N N 61  
ASP CB   C N N 62  
ASP CG   C N N 63  
ASP OD1  O N N 64  
ASP OD2  O N N 65  
ASP OXT  O N N 66  
ASP H    H N N 67  
ASP H2   H N N 68  
ASP HA   H N N 69  
ASP HB2  H N N 70  
ASP HB3  H N N 71  
ASP HD2  H N N 72  
ASP HXT  H N N 73  
CYS N    N N N 74  
CYS CA   C N R 75  
CYS C    C N N 76  
CYS O    O N N 77  
CYS CB   C N N 78  
CYS SG   S N N 79  
CYS OXT  O N N 80  
CYS H    H N N 81  
CYS H2   H N N 82  
CYS HA   H N N 83  
CYS HB2  H N N 84  
CYS HB3  H N N 85  
CYS HG   H N N 86  
CYS HXT  H N N 87  
GLN N    N N N 88  
GLN CA   C N S 89  
GLN C    C N N 90  
GLN O    O N N 91  
GLN CB   C N N 92  
GLN CG   C N N 93  
GLN CD   C N N 94  
GLN OE1  O N N 95  
GLN NE2  N N N 96  
GLN OXT  O N N 97  
GLN H    H N N 98  
GLN H2   H N N 99  
GLN HA   H N N 100 
GLN HB2  H N N 101 
GLN HB3  H N N 102 
GLN HG2  H N N 103 
GLN HG3  H N N 104 
GLN HE21 H N N 105 
GLN HE22 H N N 106 
GLN HXT  H N N 107 
GLU N    N N N 108 
GLU CA   C N S 109 
GLU C    C N N 110 
GLU O    O N N 111 
GLU CB   C N N 112 
GLU CG   C N N 113 
GLU CD   C N N 114 
GLU OE1  O N N 115 
GLU OE2  O N N 116 
GLU OXT  O N N 117 
GLU H    H N N 118 
GLU H2   H N N 119 
GLU HA   H N N 120 
GLU HB2  H N N 121 
GLU HB3  H N N 122 
GLU HG2  H N N 123 
GLU HG3  H N N 124 
GLU HE2  H N N 125 
GLU HXT  H N N 126 
GLY N    N N N 127 
GLY CA   C N N 128 
GLY C    C N N 129 
GLY O    O N N 130 
GLY OXT  O N N 131 
GLY H    H N N 132 
GLY H2   H N N 133 
GLY HA2  H N N 134 
GLY HA3  H N N 135 
GLY HXT  H N N 136 
HIS N    N N N 137 
HIS CA   C N S 138 
HIS C    C N N 139 
HIS O    O N N 140 
HIS CB   C N N 141 
HIS CG   C Y N 142 
HIS ND1  N Y N 143 
HIS CD2  C Y N 144 
HIS CE1  C Y N 145 
HIS NE2  N Y N 146 
HIS OXT  O N N 147 
HIS H    H N N 148 
HIS H2   H N N 149 
HIS HA   H N N 150 
HIS HB2  H N N 151 
HIS HB3  H N N 152 
HIS HD1  H N N 153 
HIS HD2  H N N 154 
HIS HE1  H N N 155 
HIS HE2  H N N 156 
HIS HXT  H N N 157 
HOH O    O N N 158 
HOH H1   H N N 159 
HOH H2   H N N 160 
ILE N    N N N 161 
ILE CA   C N S 162 
ILE C    C N N 163 
ILE O    O N N 164 
ILE CB   C N S 165 
ILE CG1  C N N 166 
ILE CG2  C N N 167 
ILE CD1  C N N 168 
ILE OXT  O N N 169 
ILE H    H N N 170 
ILE H2   H N N 171 
ILE HA   H N N 172 
ILE HB   H N N 173 
ILE HG12 H N N 174 
ILE HG13 H N N 175 
ILE HG21 H N N 176 
ILE HG22 H N N 177 
ILE HG23 H N N 178 
ILE HD11 H N N 179 
ILE HD12 H N N 180 
ILE HD13 H N N 181 
ILE HXT  H N N 182 
LEU N    N N N 183 
LEU CA   C N S 184 
LEU C    C N N 185 
LEU O    O N N 186 
LEU CB   C N N 187 
LEU CG   C N N 188 
LEU CD1  C N N 189 
LEU CD2  C N N 190 
LEU OXT  O N N 191 
LEU H    H N N 192 
LEU H2   H N N 193 
LEU HA   H N N 194 
LEU HB2  H N N 195 
LEU HB3  H N N 196 
LEU HG   H N N 197 
LEU HD11 H N N 198 
LEU HD12 H N N 199 
LEU HD13 H N N 200 
LEU HD21 H N N 201 
LEU HD22 H N N 202 
LEU HD23 H N N 203 
LEU HXT  H N N 204 
LYS N    N N N 205 
LYS CA   C N S 206 
LYS C    C N N 207 
LYS O    O N N 208 
LYS CB   C N N 209 
LYS CG   C N N 210 
LYS CD   C N N 211 
LYS CE   C N N 212 
LYS NZ   N N N 213 
LYS OXT  O N N 214 
LYS H    H N N 215 
LYS H2   H N N 216 
LYS HA   H N N 217 
LYS HB2  H N N 218 
LYS HB3  H N N 219 
LYS HG2  H N N 220 
LYS HG3  H N N 221 
LYS HD2  H N N 222 
LYS HD3  H N N 223 
LYS HE2  H N N 224 
LYS HE3  H N N 225 
LYS HZ1  H N N 226 
LYS HZ2  H N N 227 
LYS HZ3  H N N 228 
LYS HXT  H N N 229 
MET N    N N N 230 
MET CA   C N S 231 
MET C    C N N 232 
MET O    O N N 233 
MET CB   C N N 234 
MET CG   C N N 235 
MET SD   S N N 236 
MET CE   C N N 237 
MET OXT  O N N 238 
MET H    H N N 239 
MET H2   H N N 240 
MET HA   H N N 241 
MET HB2  H N N 242 
MET HB3  H N N 243 
MET HG2  H N N 244 
MET HG3  H N N 245 
MET HE1  H N N 246 
MET HE2  H N N 247 
MET HE3  H N N 248 
MET HXT  H N N 249 
PHE N    N N N 250 
PHE CA   C N S 251 
PHE C    C N N 252 
PHE O    O N N 253 
PHE CB   C N N 254 
PHE CG   C Y N 255 
PHE CD1  C Y N 256 
PHE CD2  C Y N 257 
PHE CE1  C Y N 258 
PHE CE2  C Y N 259 
PHE CZ   C Y N 260 
PHE OXT  O N N 261 
PHE H    H N N 262 
PHE H2   H N N 263 
PHE HA   H N N 264 
PHE HB2  H N N 265 
PHE HB3  H N N 266 
PHE HD1  H N N 267 
PHE HD2  H N N 268 
PHE HE1  H N N 269 
PHE HE2  H N N 270 
PHE HZ   H N N 271 
PHE HXT  H N N 272 
PRO N    N N N 273 
PRO CA   C N S 274 
PRO C    C N N 275 
PRO O    O N N 276 
PRO CB   C N N 277 
PRO CG   C N N 278 
PRO CD   C N N 279 
PRO OXT  O N N 280 
PRO H    H N N 281 
PRO HA   H N N 282 
PRO HB2  H N N 283 
PRO HB3  H N N 284 
PRO HG2  H N N 285 
PRO HG3  H N N 286 
PRO HD2  H N N 287 
PRO HD3  H N N 288 
PRO HXT  H N N 289 
SER N    N N N 290 
SER CA   C N S 291 
SER C    C N N 292 
SER O    O N N 293 
SER CB   C N N 294 
SER OG   O N N 295 
SER OXT  O N N 296 
SER H    H N N 297 
SER H2   H N N 298 
SER HA   H N N 299 
SER HB2  H N N 300 
SER HB3  H N N 301 
SER HG   H N N 302 
SER HXT  H N N 303 
TEP C1   C N N 304 
TEP N1   N Y N 305 
TEP C2   C Y N 306 
TEP O2   O N N 307 
TEP N3   N Y N 308 
TEP C3   C N N 309 
TEP C4   C Y N 310 
TEP C5   C Y N 311 
TEP C6   C Y N 312 
TEP O6   O N N 313 
TEP N7   N Y N 314 
TEP C8   C Y N 315 
TEP N9   N Y N 316 
TEP H11  H N N 317 
TEP H12  H N N 318 
TEP H13  H N N 319 
TEP H31  H N N 320 
TEP H32  H N N 321 
TEP H33  H N N 322 
TEP HN7  H N N 323 
TEP H8   H N N 324 
THR N    N N N 325 
THR CA   C N S 326 
THR C    C N N 327 
THR O    O N N 328 
THR CB   C N R 329 
THR OG1  O N N 330 
THR CG2  C N N 331 
THR OXT  O N N 332 
THR H    H N N 333 
THR H2   H N N 334 
THR HA   H N N 335 
THR HB   H N N 336 
THR HG1  H N N 337 
THR HG21 H N N 338 
THR HG22 H N N 339 
THR HG23 H N N 340 
THR HXT  H N N 341 
TRP N    N N N 342 
TRP CA   C N S 343 
TRP C    C N N 344 
TRP O    O N N 345 
TRP CB   C N N 346 
TRP CG   C Y N 347 
TRP CD1  C Y N 348 
TRP CD2  C Y N 349 
TRP NE1  N Y N 350 
TRP CE2  C Y N 351 
TRP CE3  C Y N 352 
TRP CZ2  C Y N 353 
TRP CZ3  C Y N 354 
TRP CH2  C Y N 355 
TRP OXT  O N N 356 
TRP H    H N N 357 
TRP H2   H N N 358 
TRP HA   H N N 359 
TRP HB2  H N N 360 
TRP HB3  H N N 361 
TRP HD1  H N N 362 
TRP HE1  H N N 363 
TRP HE3  H N N 364 
TRP HZ2  H N N 365 
TRP HZ3  H N N 366 
TRP HH2  H N N 367 
TRP HXT  H N N 368 
TYR N    N N N 369 
TYR CA   C N S 370 
TYR C    C N N 371 
TYR O    O N N 372 
TYR CB   C N N 373 
TYR CG   C Y N 374 
TYR CD1  C Y N 375 
TYR CD2  C Y N 376 
TYR CE1  C Y N 377 
TYR CE2  C Y N 378 
TYR CZ   C Y N 379 
TYR OH   O N N 380 
TYR OXT  O N N 381 
TYR H    H N N 382 
TYR H2   H N N 383 
TYR HA   H N N 384 
TYR HB2  H N N 385 
TYR HB3  H N N 386 
TYR HD1  H N N 387 
TYR HD2  H N N 388 
TYR HE1  H N N 389 
TYR HE2  H N N 390 
TYR HH   H N N 391 
TYR HXT  H N N 392 
VAL N    N N N 393 
VAL CA   C N S 394 
VAL C    C N N 395 
VAL O    O N N 396 
VAL CB   C N N 397 
VAL CG1  C N N 398 
VAL CG2  C N N 399 
VAL OXT  O N N 400 
VAL H    H N N 401 
VAL H2   H N N 402 
VAL HA   H N N 403 
VAL HB   H N N 404 
VAL HG11 H N N 405 
VAL HG12 H N N 406 
VAL HG13 H N N 407 
VAL HG21 H N N 408 
VAL HG22 H N N 409 
VAL HG23 H N N 410 
VAL HXT  H N N 411 
# 
loop_
_chem_comp_bond.comp_id 
_chem_comp_bond.atom_id_1 
_chem_comp_bond.atom_id_2 
_chem_comp_bond.value_order 
_chem_comp_bond.pdbx_aromatic_flag 
_chem_comp_bond.pdbx_stereo_config 
_chem_comp_bond.pdbx_ordinal 
ALA N   CA   sing N N 1   
ALA N   H    sing N N 2   
ALA N   H2   sing N N 3   
ALA CA  C    sing N N 4   
ALA CA  CB   sing N N 5   
ALA CA  HA   sing N N 6   
ALA C   O    doub N N 7   
ALA C   OXT  sing N N 8   
ALA CB  HB1  sing N N 9   
ALA CB  HB2  sing N N 10  
ALA CB  HB3  sing N N 11  
ALA OXT HXT  sing N N 12  
ARG N   CA   sing N N 13  
ARG N   H    sing N N 14  
ARG N   H2   sing N N 15  
ARG CA  C    sing N N 16  
ARG CA  CB   sing N N 17  
ARG CA  HA   sing N N 18  
ARG C   O    doub N N 19  
ARG C   OXT  sing N N 20  
ARG CB  CG   sing N N 21  
ARG CB  HB2  sing N N 22  
ARG CB  HB3  sing N N 23  
ARG CG  CD   sing N N 24  
ARG CG  HG2  sing N N 25  
ARG CG  HG3  sing N N 26  
ARG CD  NE   sing N N 27  
ARG CD  HD2  sing N N 28  
ARG CD  HD3  sing N N 29  
ARG NE  CZ   sing N N 30  
ARG NE  HE   sing N N 31  
ARG CZ  NH1  sing N N 32  
ARG CZ  NH2  doub N N 33  
ARG NH1 HH11 sing N N 34  
ARG NH1 HH12 sing N N 35  
ARG NH2 HH21 sing N N 36  
ARG NH2 HH22 sing N N 37  
ARG OXT HXT  sing N N 38  
ASN N   CA   sing N N 39  
ASN N   H    sing N N 40  
ASN N   H2   sing N N 41  
ASN CA  C    sing N N 42  
ASN CA  CB   sing N N 43  
ASN CA  HA   sing N N 44  
ASN C   O    doub N N 45  
ASN C   OXT  sing N N 46  
ASN CB  CG   sing N N 47  
ASN CB  HB2  sing N N 48  
ASN CB  HB3  sing N N 49  
ASN CG  OD1  doub N N 50  
ASN CG  ND2  sing N N 51  
ASN ND2 HD21 sing N N 52  
ASN ND2 HD22 sing N N 53  
ASN OXT HXT  sing N N 54  
ASP N   CA   sing N N 55  
ASP N   H    sing N N 56  
ASP N   H2   sing N N 57  
ASP CA  C    sing N N 58  
ASP CA  CB   sing N N 59  
ASP CA  HA   sing N N 60  
ASP C   O    doub N N 61  
ASP C   OXT  sing N N 62  
ASP CB  CG   sing N N 63  
ASP CB  HB2  sing N N 64  
ASP CB  HB3  sing N N 65  
ASP CG  OD1  doub N N 66  
ASP CG  OD2  sing N N 67  
ASP OD2 HD2  sing N N 68  
ASP OXT HXT  sing N N 69  
CYS N   CA   sing N N 70  
CYS N   H    sing N N 71  
CYS N   H2   sing N N 72  
CYS CA  C    sing N N 73  
CYS CA  CB   sing N N 74  
CYS CA  HA   sing N N 75  
CYS C   O    doub N N 76  
CYS C   OXT  sing N N 77  
CYS CB  SG   sing N N 78  
CYS CB  HB2  sing N N 79  
CYS CB  HB3  sing N N 80  
CYS SG  HG   sing N N 81  
CYS OXT HXT  sing N N 82  
GLN N   CA   sing N N 83  
GLN N   H    sing N N 84  
GLN N   H2   sing N N 85  
GLN CA  C    sing N N 86  
GLN CA  CB   sing N N 87  
GLN CA  HA   sing N N 88  
GLN C   O    doub N N 89  
GLN C   OXT  sing N N 90  
GLN CB  CG   sing N N 91  
GLN CB  HB2  sing N N 92  
GLN CB  HB3  sing N N 93  
GLN CG  CD   sing N N 94  
GLN CG  HG2  sing N N 95  
GLN CG  HG3  sing N N 96  
GLN CD  OE1  doub N N 97  
GLN CD  NE2  sing N N 98  
GLN NE2 HE21 sing N N 99  
GLN NE2 HE22 sing N N 100 
GLN OXT HXT  sing N N 101 
GLU N   CA   sing N N 102 
GLU N   H    sing N N 103 
GLU N   H2   sing N N 104 
GLU CA  C    sing N N 105 
GLU CA  CB   sing N N 106 
GLU CA  HA   sing N N 107 
GLU C   O    doub N N 108 
GLU C   OXT  sing N N 109 
GLU CB  CG   sing N N 110 
GLU CB  HB2  sing N N 111 
GLU CB  HB3  sing N N 112 
GLU CG  CD   sing N N 113 
GLU CG  HG2  sing N N 114 
GLU CG  HG3  sing N N 115 
GLU CD  OE1  doub N N 116 
GLU CD  OE2  sing N N 117 
GLU OE2 HE2  sing N N 118 
GLU OXT HXT  sing N N 119 
GLY N   CA   sing N N 120 
GLY N   H    sing N N 121 
GLY N   H2   sing N N 122 
GLY CA  C    sing N N 123 
GLY CA  HA2  sing N N 124 
GLY CA  HA3  sing N N 125 
GLY C   O    doub N N 126 
GLY C   OXT  sing N N 127 
GLY OXT HXT  sing N N 128 
HIS N   CA   sing N N 129 
HIS N   H    sing N N 130 
HIS N   H2   sing N N 131 
HIS CA  C    sing N N 132 
HIS CA  CB   sing N N 133 
HIS CA  HA   sing N N 134 
HIS C   O    doub N N 135 
HIS C   OXT  sing N N 136 
HIS CB  CG   sing N N 137 
HIS CB  HB2  sing N N 138 
HIS CB  HB3  sing N N 139 
HIS CG  ND1  sing Y N 140 
HIS CG  CD2  doub Y N 141 
HIS ND1 CE1  doub Y N 142 
HIS ND1 HD1  sing N N 143 
HIS CD2 NE2  sing Y N 144 
HIS CD2 HD2  sing N N 145 
HIS CE1 NE2  sing Y N 146 
HIS CE1 HE1  sing N N 147 
HIS NE2 HE2  sing N N 148 
HIS OXT HXT  sing N N 149 
HOH O   H1   sing N N 150 
HOH O   H2   sing N N 151 
ILE N   CA   sing N N 152 
ILE N   H    sing N N 153 
ILE N   H2   sing N N 154 
ILE CA  C    sing N N 155 
ILE CA  CB   sing N N 156 
ILE CA  HA   sing N N 157 
ILE C   O    doub N N 158 
ILE C   OXT  sing N N 159 
ILE CB  CG1  sing N N 160 
ILE CB  CG2  sing N N 161 
ILE CB  HB   sing N N 162 
ILE CG1 CD1  sing N N 163 
ILE CG1 HG12 sing N N 164 
ILE CG1 HG13 sing N N 165 
ILE CG2 HG21 sing N N 166 
ILE CG2 HG22 sing N N 167 
ILE CG2 HG23 sing N N 168 
ILE CD1 HD11 sing N N 169 
ILE CD1 HD12 sing N N 170 
ILE CD1 HD13 sing N N 171 
ILE OXT HXT  sing N N 172 
LEU N   CA   sing N N 173 
LEU N   H    sing N N 174 
LEU N   H2   sing N N 175 
LEU CA  C    sing N N 176 
LEU CA  CB   sing N N 177 
LEU CA  HA   sing N N 178 
LEU C   O    doub N N 179 
LEU C   OXT  sing N N 180 
LEU CB  CG   sing N N 181 
LEU CB  HB2  sing N N 182 
LEU CB  HB3  sing N N 183 
LEU CG  CD1  sing N N 184 
LEU CG  CD2  sing N N 185 
LEU CG  HG   sing N N 186 
LEU CD1 HD11 sing N N 187 
LEU CD1 HD12 sing N N 188 
LEU CD1 HD13 sing N N 189 
LEU CD2 HD21 sing N N 190 
LEU CD2 HD22 sing N N 191 
LEU CD2 HD23 sing N N 192 
LEU OXT HXT  sing N N 193 
LYS N   CA   sing N N 194 
LYS N   H    sing N N 195 
LYS N   H2   sing N N 196 
LYS CA  C    sing N N 197 
LYS CA  CB   sing N N 198 
LYS CA  HA   sing N N 199 
LYS C   O    doub N N 200 
LYS C   OXT  sing N N 201 
LYS CB  CG   sing N N 202 
LYS CB  HB2  sing N N 203 
LYS CB  HB3  sing N N 204 
LYS CG  CD   sing N N 205 
LYS CG  HG2  sing N N 206 
LYS CG  HG3  sing N N 207 
LYS CD  CE   sing N N 208 
LYS CD  HD2  sing N N 209 
LYS CD  HD3  sing N N 210 
LYS CE  NZ   sing N N 211 
LYS CE  HE2  sing N N 212 
LYS CE  HE3  sing N N 213 
LYS NZ  HZ1  sing N N 214 
LYS NZ  HZ2  sing N N 215 
LYS NZ  HZ3  sing N N 216 
LYS OXT HXT  sing N N 217 
MET N   CA   sing N N 218 
MET N   H    sing N N 219 
MET N   H2   sing N N 220 
MET CA  C    sing N N 221 
MET CA  CB   sing N N 222 
MET CA  HA   sing N N 223 
MET C   O    doub N N 224 
MET C   OXT  sing N N 225 
MET CB  CG   sing N N 226 
MET CB  HB2  sing N N 227 
MET CB  HB3  sing N N 228 
MET CG  SD   sing N N 229 
MET CG  HG2  sing N N 230 
MET CG  HG3  sing N N 231 
MET SD  CE   sing N N 232 
MET CE  HE1  sing N N 233 
MET CE  HE2  sing N N 234 
MET CE  HE3  sing N N 235 
MET OXT HXT  sing N N 236 
PHE N   CA   sing N N 237 
PHE N   H    sing N N 238 
PHE N   H2   sing N N 239 
PHE CA  C    sing N N 240 
PHE CA  CB   sing N N 241 
PHE CA  HA   sing N N 242 
PHE C   O    doub N N 243 
PHE C   OXT  sing N N 244 
PHE CB  CG   sing N N 245 
PHE CB  HB2  sing N N 246 
PHE CB  HB3  sing N N 247 
PHE CG  CD1  doub Y N 248 
PHE CG  CD2  sing Y N 249 
PHE CD1 CE1  sing Y N 250 
PHE CD1 HD1  sing N N 251 
PHE CD2 CE2  doub Y N 252 
PHE CD2 HD2  sing N N 253 
PHE CE1 CZ   doub Y N 254 
PHE CE1 HE1  sing N N 255 
PHE CE2 CZ   sing Y N 256 
PHE CE2 HE2  sing N N 257 
PHE CZ  HZ   sing N N 258 
PHE OXT HXT  sing N N 259 
PRO N   CA   sing N N 260 
PRO N   CD   sing N N 261 
PRO N   H    sing N N 262 
PRO CA  C    sing N N 263 
PRO CA  CB   sing N N 264 
PRO CA  HA   sing N N 265 
PRO C   O    doub N N 266 
PRO C   OXT  sing N N 267 
PRO CB  CG   sing N N 268 
PRO CB  HB2  sing N N 269 
PRO CB  HB3  sing N N 270 
PRO CG  CD   sing N N 271 
PRO CG  HG2  sing N N 272 
PRO CG  HG3  sing N N 273 
PRO CD  HD2  sing N N 274 
PRO CD  HD3  sing N N 275 
PRO OXT HXT  sing N N 276 
SER N   CA   sing N N 277 
SER N   H    sing N N 278 
SER N   H2   sing N N 279 
SER CA  C    sing N N 280 
SER CA  CB   sing N N 281 
SER CA  HA   sing N N 282 
SER C   O    doub N N 283 
SER C   OXT  sing N N 284 
SER CB  OG   sing N N 285 
SER CB  HB2  sing N N 286 
SER CB  HB3  sing N N 287 
SER OG  HG   sing N N 288 
SER OXT HXT  sing N N 289 
TEP C1  N1   sing N N 290 
TEP C1  H11  sing N N 291 
TEP C1  H12  sing N N 292 
TEP C1  H13  sing N N 293 
TEP N1  C2   sing Y N 294 
TEP N1  C6   sing Y N 295 
TEP C2  O2   doub N N 296 
TEP C2  N3   sing Y N 297 
TEP N3  C3   sing N N 298 
TEP N3  C4   sing Y N 299 
TEP C3  H31  sing N N 300 
TEP C3  H32  sing N N 301 
TEP C3  H33  sing N N 302 
TEP C4  C5   doub Y N 303 
TEP C4  N9   sing Y N 304 
TEP C5  C6   sing Y N 305 
TEP C5  N7   sing Y N 306 
TEP C6  O6   doub N N 307 
TEP N7  C8   sing Y N 308 
TEP N7  HN7  sing N N 309 
TEP C8  N9   doub Y N 310 
TEP C8  H8   sing N N 311 
THR N   CA   sing N N 312 
THR N   H    sing N N 313 
THR N   H2   sing N N 314 
THR CA  C    sing N N 315 
THR CA  CB   sing N N 316 
THR CA  HA   sing N N 317 
THR C   O    doub N N 318 
THR C   OXT  sing N N 319 
THR CB  OG1  sing N N 320 
THR CB  CG2  sing N N 321 
THR CB  HB   sing N N 322 
THR OG1 HG1  sing N N 323 
THR CG2 HG21 sing N N 324 
THR CG2 HG22 sing N N 325 
THR CG2 HG23 sing N N 326 
THR OXT HXT  sing N N 327 
TRP N   CA   sing N N 328 
TRP N   H    sing N N 329 
TRP N   H2   sing N N 330 
TRP CA  C    sing N N 331 
TRP CA  CB   sing N N 332 
TRP CA  HA   sing N N 333 
TRP C   O    doub N N 334 
TRP C   OXT  sing N N 335 
TRP CB  CG   sing N N 336 
TRP CB  HB2  sing N N 337 
TRP CB  HB3  sing N N 338 
TRP CG  CD1  doub Y N 339 
TRP CG  CD2  sing Y N 340 
TRP CD1 NE1  sing Y N 341 
TRP CD1 HD1  sing N N 342 
TRP CD2 CE2  doub Y N 343 
TRP CD2 CE3  sing Y N 344 
TRP NE1 CE2  sing Y N 345 
TRP NE1 HE1  sing N N 346 
TRP CE2 CZ2  sing Y N 347 
TRP CE3 CZ3  doub Y N 348 
TRP CE3 HE3  sing N N 349 
TRP CZ2 CH2  doub Y N 350 
TRP CZ2 HZ2  sing N N 351 
TRP CZ3 CH2  sing Y N 352 
TRP CZ3 HZ3  sing N N 353 
TRP CH2 HH2  sing N N 354 
TRP OXT HXT  sing N N 355 
TYR N   CA   sing N N 356 
TYR N   H    sing N N 357 
TYR N   H2   sing N N 358 
TYR CA  C    sing N N 359 
TYR CA  CB   sing N N 360 
TYR CA  HA   sing N N 361 
TYR C   O    doub N N 362 
TYR C   OXT  sing N N 363 
TYR CB  CG   sing N N 364 
TYR CB  HB2  sing N N 365 
TYR CB  HB3  sing N N 366 
TYR CG  CD1  doub Y N 367 
TYR CG  CD2  sing Y N 368 
TYR CD1 CE1  sing Y N 369 
TYR CD1 HD1  sing N N 370 
TYR CD2 CE2  doub Y N 371 
TYR CD2 HD2  sing N N 372 
TYR CE1 CZ   doub Y N 373 
TYR CE1 HE1  sing N N 374 
TYR CE2 CZ   sing Y N 375 
TYR CE2 HE2  sing N N 376 
TYR CZ  OH   sing N N 377 
TYR OH  HH   sing N N 378 
TYR OXT HXT  sing N N 379 
VAL N   CA   sing N N 380 
VAL N   H    sing N N 381 
VAL N   H2   sing N N 382 
VAL CA  C    sing N N 383 
VAL CA  CB   sing N N 384 
VAL CA  HA   sing N N 385 
VAL C   O    doub N N 386 
VAL C   OXT  sing N N 387 
VAL CB  CG1  sing N N 388 
VAL CB  CG2  sing N N 389 
VAL CB  HB   sing N N 390 
VAL CG1 HG11 sing N N 391 
VAL CG1 HG12 sing N N 392 
VAL CG1 HG13 sing N N 393 
VAL CG2 HG21 sing N N 394 
VAL CG2 HG22 sing N N 395 
VAL CG2 HG23 sing N N 396 
VAL OXT HXT  sing N N 397 
# 
_pdbx_audit_support.funding_organization   'Department of Biotechnology (DBT, India)' 
_pdbx_audit_support.country                India 
_pdbx_audit_support.grant_number           GAP299 
_pdbx_audit_support.ordinal                1 
# 
_pdbx_initial_refinement_model.id               1 
_pdbx_initial_refinement_model.entity_id_list   ? 
_pdbx_initial_refinement_model.type             'experimental model' 
_pdbx_initial_refinement_model.source_name      PDB 
_pdbx_initial_refinement_model.accession_code   1BVX 
_pdbx_initial_refinement_model.details          ? 
# 
_space_group.name_H-M_alt     'P 43 21 2' 
_space_group.name_Hall        'P 4nw 2abw' 
_space_group.IT_number        96 
_space_group.crystal_system   tetragonal 
_space_group.id               1 
# 
_atom_sites.entry_id                    8Z52 
_atom_sites.Cartn_transf_matrix[1][1]   ? 
_atom_sites.Cartn_transf_matrix[1][2]   ? 
_atom_sites.Cartn_transf_matrix[1][3]   ? 
_atom_sites.Cartn_transf_matrix[2][1]   ? 
_atom_sites.Cartn_transf_matrix[2][2]   ? 
_atom_sites.Cartn_transf_matrix[2][3]   ? 
_atom_sites.Cartn_transf_matrix[3][1]   ? 
_atom_sites.Cartn_transf_matrix[3][2]   ? 
_atom_sites.Cartn_transf_matrix[3][3]   ? 
_atom_sites.Cartn_transf_vector[1]      ? 
_atom_sites.Cartn_transf_vector[2]      ? 
_atom_sites.Cartn_transf_vector[3]      ? 
_atom_sites.Cartn_transform_axes        ? 
_atom_sites.fract_transf_matrix[1][1]   0.00506178 
_atom_sites.fract_transf_matrix[1][2]   -0.00063633 
_atom_sites.fract_transf_matrix[1][3]   0.01169468 
_atom_sites.fract_transf_matrix[2][1]   -0.00679590 
_atom_sites.fract_transf_matrix[2][2]   -0.01053563 
_atom_sites.fract_transf_matrix[2][3]   0.00236818 
_atom_sites.fract_transf_matrix[3][1]   0.02025781 
_atom_sites.fract_transf_matrix[3][2]   -0.01522418 
_atom_sites.fract_transf_matrix[3][3]   -0.00959652 
_atom_sites.fract_transf_vector[1]      -0.009860 
_atom_sites.fract_transf_vector[2]      0.255072 
_atom_sites.fract_transf_vector[3]      0.511576 
_atom_sites.solution_primary            ? 
_atom_sites.solution_secondary          ? 
_atom_sites.solution_hydrogens          ? 
_atom_sites.special_details             ? 
# 
loop_
_atom_type.symbol 
_atom_type.scat_dispersion_real 
_atom_type.scat_dispersion_imag 
_atom_type.scat_Cromer_Mann_a1 
_atom_type.scat_Cromer_Mann_a2 
_atom_type.scat_Cromer_Mann_a3 
_atom_type.scat_Cromer_Mann_a4 
_atom_type.scat_Cromer_Mann_b1 
_atom_type.scat_Cromer_Mann_b2 
_atom_type.scat_Cromer_Mann_b3 
_atom_type.scat_Cromer_Mann_b4 
_atom_type.scat_Cromer_Mann_c 
_atom_type.scat_source 
_atom_type.scat_dispersion_source 
C ? ? 3.54356 2.42580 ? ? 25.62398 1.50364  ? ? 0.0 
;2-Gaussian fit: Grosse-Kunstleve RW, Sauter NK, Adams PD: Newsletter of the IUCr Commission on Crystallographic Computing 2004, 3, 22-31.
;
? 
N ? ? 4.01032 2.96436 ? ? 19.97189 1.75589  ? ? 0.0 
;2-Gaussian fit: Grosse-Kunstleve RW, Sauter NK, Adams PD: Newsletter of the IUCr Commission on Crystallographic Computing 2004, 3, 22-31.
;
? 
O ? ? 4.49882 3.47563 ? ? 15.80542 1.70748  ? ? 0.0 
;2-Gaussian fit: Grosse-Kunstleve RW, Sauter NK, Adams PD: Newsletter of the IUCr Commission on Crystallographic Computing 2004, 3, 22-31.
;
? 
S ? ? 9.55732 6.39887 ? ? 1.23737  29.19336 ? ? 0.0 
;2-Gaussian fit: Grosse-Kunstleve RW, Sauter NK, Adams PD: Newsletter of the IUCr Commission on Crystallographic Computing 2004, 3, 22-31.
;
? 
# 
loop_
_atom_site.group_PDB 
_atom_site.id 
_atom_site.type_symbol 
_atom_site.label_atom_id 
_atom_site.label_alt_id 
_atom_site.label_comp_id 
_atom_site.label_asym_id 
_atom_site.label_entity_id 
_atom_site.label_seq_id 
_atom_site.pdbx_PDB_ins_code 
_atom_site.Cartn_x 
_atom_site.Cartn_y 
_atom_site.Cartn_z 
_atom_site.occupancy 
_atom_site.B_iso_or_equiv 
_atom_site.pdbx_formal_charge 
_atom_site.auth_seq_id 
_atom_site.auth_comp_id 
_atom_site.auth_asym_id 
_atom_site.auth_atom_id 
_atom_site.pdbx_PDB_model_num 
ATOM   1    N N   . LYS A 1 1   ? 0.01835   13.13085  4.76487   1.000 11.42772 ? 1   LYS A N   1 
ATOM   2    C CA  . LYS A 1 1   ? -1.34519  13.42438  4.33434   1.000 10.67504 ? 1   LYS A CA  1 
ATOM   3    C C   . LYS A 1 1   ? -2.28657  12.30360  4.74963   1.000 11.74260 ? 1   LYS A C   1 
ATOM   4    O O   . LYS A 1 1   ? -1.98175  11.12599  4.54520   1.000 11.47974 ? 1   LYS A O   1 
ATOM   5    C CB  . LYS A 1 1   ? -1.38862  13.59300  2.81643   1.000 13.36555 ? 1   LYS A CB  1 
ATOM   6    C CG  . LYS A 1 1   ? -2.78852  13.78865  2.26105   1.000 14.35764 ? 1   LYS A CG  1 
ATOM   7    C CD  . LYS A 1 1   ? -2.75228  14.06039  0.77315   1.000 13.59138 ? 1   LYS A CD  1 
ATOM   8    C CE  . LYS A 1 1   ? -4.15746  14.04735  0.18475   1.000 16.24064 ? 1   LYS A CE  1 
ATOM   9    N NZ  . LYS A 1 1   ? -4.16719  14.57719  -1.20818  1.000 28.11873 ? 1   LYS A NZ  1 
ATOM   10   N N   . VAL A 1 2   ? -3.42316  12.65983  5.34032   1.000 12.66591 ? 2   VAL A N   1 
ATOM   11   C CA  . VAL A 1 2   ? -4.47121  11.69773  5.65981   1.000 11.87469 ? 2   VAL A CA  1 
ATOM   12   C C   . VAL A 1 2   ? -5.54746  11.82118  4.59175   1.000 12.85067 ? 2   VAL A C   1 
ATOM   13   O O   . VAL A 1 2   ? -6.28764  12.81130  4.55001   1.000 13.52260 ? 2   VAL A O   1 
ATOM   14   C CB  . VAL A 1 2   ? -5.03828  11.90370  7.07052   1.000 11.87387 ? 2   VAL A CB  1 
ATOM   15   C CG1 . VAL A 1 2   ? -6.15933  10.91723  7.32536   1.000 12.57679 ? 2   VAL A CG1 1 
ATOM   16   C CG2 . VAL A 1 2   ? -3.93574  11.71703  8.10523   1.000 11.03251 ? 2   VAL A CG2 1 
ATOM   17   N N   . PHE A 1 3   ? -5.62490  10.82102  3.71904   1.000 12.15520 ? 3   PHE A N   1 
ATOM   18   C CA  . PHE A 1 3   ? -6.60013  10.81423  2.64167   1.000 11.86413 ? 3   PHE A CA  1 
ATOM   19   C C   . PHE A 1 3   ? -7.98530  10.48324  3.17395   1.000 12.75109 ? 3   PHE A C   1 
ATOM   20   O O   . PHE A 1 3   ? -8.14686  9.72562   4.13444   1.000 11.37346 ? 3   PHE A O   1 
ATOM   21   C CB  . PHE A 1 3   ? -6.24712  9.73120   1.61750   1.000 10.70124 ? 3   PHE A CB  1 
ATOM   22   C CG  . PHE A 1 3   ? -5.27073  10.17146  0.57091   1.000 13.41929 ? 3   PHE A CG  1 
ATOM   23   C CD1 . PHE A 1 3   ? -5.71266  10.57560  -0.68220  1.000 11.05682 ? 3   PHE A CD1 1 
ATOM   24   C CD2 . PHE A 1 3   ? -3.90589  10.16011  0.82744   1.000 11.49585 ? 3   PHE A CD2 1 
ATOM   25   C CE1 . PHE A 1 3   ? -4.81538  10.97271  -1.65217  1.000 11.55743 ? 3   PHE A CE1 1 
ATOM   26   C CE2 . PHE A 1 3   ? -3.00528  10.56038  -0.14054  1.000 12.32990 ? 3   PHE A CE2 1 
ATOM   27   C CZ  . PHE A 1 3   ? -3.45883  10.96172  -1.38550  1.000 14.98251 ? 3   PHE A CZ  1 
ATOM   28   N N   . GLY A 1 4   ? -8.99827  11.05814  2.52298   1.000 15.71050 ? 4   GLY A N   1 
ATOM   29   C CA  . GLY A 1 4   ? -10.33464 10.53441  2.65060   1.000 14.06392 ? 4   GLY A CA  1 
ATOM   30   C C   . GLY A 1 4   ? -10.51417 9.26116   1.84325   1.000 10.65067 ? 4   GLY A C   1 
ATOM   31   O O   . GLY A 1 4   ? -9.73722  8.95366   0.94388   1.000 12.80735 ? 4   GLY A O   1 
ATOM   32   N N   . ARG A 1 5   ? -11.56391 8.51590   2.18504   1.000 15.27856 ? 5   ARG A N   1 
ATOM   33   C CA  . ARG A 1 5   ? -11.80951 7.21702   1.56418   1.000 14.86943 ? 5   ARG A CA  1 
ATOM   34   C C   . ARG A 1 5   ? -11.93176 7.33370   0.04700   1.000 12.58698 ? 5   ARG A C   1 
ATOM   35   O O   . ARG A 1 5   ? -11.20164 6.67488   -0.70716  1.000 12.33464 ? 5   ARG A O   1 
ATOM   36   C CB  . ARG A 1 5   ? -13.07171 6.60692   2.17211   1.000 15.08491 ? 5   ARG A CB  1 
ATOM   37   C CG  . ARG A 1 5   ? -13.43543 5.26005   1.62375   1.000 13.55780 ? 5   ARG A CG  1 
ATOM   38   C CD  . ARG A 1 5   ? -14.61280 4.65934   2.38750   1.000 16.37909 ? 5   ARG A CD  1 
ATOM   39   N NE  . ARG A 1 5   ? -15.80547 5.50404   2.36675   1.000 20.96536 ? 5   ARG A NE  1 
ATOM   40   C CZ  . ARG A 1 5   ? -16.66321 5.56129   1.35111   1.000 19.96445 ? 5   ARG A CZ  1 
ATOM   41   N NH1 . ARG A 1 5   ? -16.46073 4.82784   0.26482   1.000 14.99658 ? 5   ARG A NH1 1 
ATOM   42   N NH2 . ARG A 1 5   ? -17.72223 6.35453   1.42029   1.000 19.53831 ? 5   ARG A NH2 1 
ATOM   43   N N   . CYS A 1 6   ? -12.86708 8.16273   -0.42524  1.000 13.99159 ? 6   CYS A N   1 
ATOM   44   C CA  . CYS A 1 6   ? -13.04655 8.32258   -1.86623  1.000 16.36867 ? 6   CYS A CA  1 
ATOM   45   C C   . CYS A 1 6   ? -11.88674 9.07094   -2.50311  1.000 12.32043 ? 6   CYS A C   1 
ATOM   46   O O   . CYS A 1 6   ? -11.55380 8.82191   -3.66759  1.000 13.09842 ? 6   CYS A O   1 
ATOM   47   C CB  . CYS A 1 6   ? -14.34881 9.06114   -2.15624  1.000 13.81355 ? 6   CYS A CB  1 
ATOM   48   S SG  . CYS A 1 6   ? -15.78102 8.11281   -1.69817  1.000 16.27289 ? 6   CYS A SG  1 
ATOM   49   N N   . GLU A 1 7   ? -11.27783 10.00051  -1.76599  1.000 12.55322 ? 7   GLU A N   1 
ATOM   50   C CA  . GLU A 1 7   ? -10.11566 10.70699  -2.28616  1.000 10.88572 ? 7   GLU A CA  1 
ATOM   51   C C   . GLU A 1 7   ? -8.98818  9.73615   -2.60403  1.000 11.87977 ? 7   GLU A C   1 
ATOM   52   O O   . GLU A 1 7   ? -8.33436  9.84864   -3.64774  1.000 12.77084 ? 7   GLU A O   1 
ATOM   53   C CB  . GLU A 1 7   ? -9.65251  11.74871  -1.26934  1.000 14.83548 ? 7   GLU A CB  1 
ATOM   54   C CG  . GLU A 1 7   ? -8.48388  12.58334  -1.75045  1.000 15.07482 ? 7   GLU A CG  1 
ATOM   55   C CD  . GLU A 1 7   ? -7.89199  13.46347  -0.66281  1.000 19.76739 ? 7   GLU A CD  1 
ATOM   56   O OE1 . GLU A 1 7   ? -8.17535  13.22672  0.53570   1.000 16.30133 ? 7   GLU A OE1 1 
ATOM   57   O OE2 . GLU A 1 7   ? -7.13814  14.39390  -1.01382  1.000 17.84919 ? 7   GLU A OE2 1 
ATOM   58   N N   . LEU A 1 8   ? -8.74989  8.76782   -1.71886  1.000 12.82747 ? 8   LEU A N   1 
ATOM   59   C CA  . LEU A 1 8   ? -7.69009  7.79867   -1.96482  1.000 9.01622  ? 8   LEU A CA  1 
ATOM   60   C C   . LEU A 1 8   ? -8.06343  6.84935   -3.09404  1.000 11.17203 ? 8   LEU A C   1 
ATOM   61   O O   . LEU A 1 8   ? -7.21418  6.49862   -3.91904  1.000 10.07805 ? 8   LEU A O   1 
ATOM   62   C CB  . LEU A 1 8   ? -7.38566  7.01821   -0.69007  1.000 12.75031 ? 8   LEU A CB  1 
ATOM   63   C CG  . LEU A 1 8   ? -6.25346  6.00507   -0.84319  1.000 10.80479 ? 8   LEU A CG  1 
ATOM   64   C CD1 . LEU A 1 8   ? -4.94100  6.71041   -1.17972  1.000 10.37277 ? 8   LEU A CD1 1 
ATOM   65   C CD2 . LEU A 1 8   ? -6.12835  5.17522   0.41374   1.000 11.37714 ? 8   LEU A CD2 1 
ATOM   66   N N   . ALA A 1 9   ? -9.32402  6.41683   -3.14045  1.000 13.31334 ? 9   ALA A N   1 
ATOM   67   C CA  . ALA A 1 9   ? -9.77608  5.58962   -4.25408  1.000 14.60912 ? 9   ALA A CA  1 
ATOM   68   C C   . ALA A 1 9   ? -9.47935  6.27024   -5.58378  1.000 11.77701 ? 9   ALA A C   1 
ATOM   69   O O   . ALA A 1 9   ? -8.93745  5.65383   -6.50620  1.000 13.29424 ? 9   ALA A O   1 
ATOM   70   C CB  . ALA A 1 9   ? -11.26994 5.29465   -4.11030  1.000 12.95512 ? 9   ALA A CB  1 
ATOM   71   N N   . ALA A 1 10  ? -9.79375  7.56521   -5.68195  1.000 13.53585 ? 10  ALA A N   1 
ATOM   72   C CA  . ALA A 1 10  ? -9.56975  8.29355   -6.92741  1.000 11.33598 ? 10  ALA A CA  1 
ATOM   73   C C   . ALA A 1 10  ? -8.08513  8.39090   -7.26010  1.000 13.93042 ? 10  ALA A C   1 
ATOM   74   O O   . ALA A 1 10  ? -7.69086  8.24150   -8.42498  1.000 13.96324 ? 10  ALA A O   1 
ATOM   75   C CB  . ALA A 1 10  ? -10.19530 9.68349   -6.83344  1.000 14.54330 ? 10  ALA A CB  1 
ATOM   76   N N   . ALA A 1 11  ? -7.24506  8.64109   -6.25289  1.000 13.35254 ? 11  ALA A N   1 
ATOM   77   C CA  . ALA A 1 11  ? -5.80870  8.71854   -6.49485  1.000 9.79290  ? 11  ALA A CA  1 
ATOM   78   C C   . ALA A 1 11  ? -5.25042  7.36948   -6.92297  1.000 12.98546 ? 11  ALA A C   1 
ATOM   79   O O   . ALA A 1 11  ? -4.38407  7.29825   -7.80241  1.000 13.65837 ? 11  ALA A O   1 
ATOM   80   C CB  . ALA A 1 11  ? -5.09058  9.22444   -5.24429  1.000 15.87459 ? 11  ALA A CB  1 
ATOM   81   N N   . MET A 1 12  ? -5.73402  6.28706   -6.31639  1.000 14.52157 ? 12  MET A N   1 
ATOM   82   C CA  . MET A 1 12  ? -5.25981  4.96175   -6.69702  1.000 11.47585 ? 12  MET A CA  1 
ATOM   83   C C   . MET A 1 12  ? -5.66851  4.62013   -8.12274  1.000 12.96043 ? 12  MET A C   1 
ATOM   84   O O   . MET A 1 12  ? -4.87478  4.04793   -8.88008  1.000 14.07680 ? 12  MET A O   1 
ATOM   85   C CB  . MET A 1 12  ? -5.78857  3.91995   -5.71633  1.000 12.30918 ? 12  MET A CB  1 
ATOM   86   C CG  . MET A 1 12  ? -5.14020  3.99090   -4.34352  1.000 9.77948  ? 12  MET A CG  1 
ATOM   87   S SD  . MET A 1 12  ? -5.90468  2.82875   -3.20628  1.000 10.68663 ? 12  MET A SD  1 
ATOM   88   C CE  . MET A 1 12  ? -4.53083  2.49020   -2.11173  1.000 11.70539 ? 12  MET A CE  1 
ATOM   89   N N   . LYS A 1 13  ? -6.90300  4.96558   -8.50156  1.000 13.68509 ? 13  LYS A N   1 
ATOM   90   C CA  . LYS A 1 13  ? -7.34551  4.74263   -9.87350  1.000 15.61026 ? 13  LYS A CA  1 
ATOM   91   C C   . LYS A 1 13  ? -6.53750  5.58674   -10.84609 1.000 18.50522 ? 13  LYS A C   1 
ATOM   92   O O   . LYS A 1 13  ? -6.10043  5.09640   -11.89631 1.000 18.79097 ? 13  LYS A O   1 
ATOM   93   C CB  . LYS A 1 13  ? -8.83091  5.07503   -10.00155 1.000 14.64030 ? 13  LYS A CB  1 
ATOM   94   C CG  . LYS A 1 13  ? -9.35073  4.95947   -11.42476 1.000 17.80788 ? 13  LYS A CG  1 
ATOM   95   C CD  . LYS A 1 13  ? -10.85938 5.08568   -11.48085 1.000 20.99171 ? 13  LYS A CD  1 
ATOM   96   C CE  . LYS A 1 13  ? -11.35511 4.99637   -12.91742 1.000 29.21288 ? 13  LYS A CE  1 
ATOM   97   N NZ  . LYS A 1 13  ? -12.83872 5.08481   -13.01038 1.000 28.05615 ? 13  LYS A NZ  1 
ATOM   98   N N   . ARG A 1 14  ? -6.32687  6.85908   -10.50279 1.000 15.97579 ? 14  ARG A N   1 
ATOM   99   C CA  . ARG A 1 14  ? -5.49525  7.74676   -11.30541 1.000 20.58275 ? 14  ARG A CA  1 
ATOM   100  C C   . ARG A 1 14  ? -4.13659  7.12915   -11.60817 1.000 20.24354 ? 14  ARG A C   1 
ATOM   101  O O   . ARG A 1 14  ? -3.59460  7.32417   -12.70266 1.000 22.73236 ? 14  ARG A O   1 
ATOM   102  C CB  . ARG A 1 14  ? -5.33886  9.07618   -10.55701 1.000 23.74093 ? 14  ARG A CB  1 
ATOM   103  C CG  . ARG A 1 14  ? -4.25028  9.99748   -11.07079 1.000 26.74493 ? 14  ARG A CG  1 
ATOM   104  C CD  . ARG A 1 14  ? -4.84142  11.06697  -11.96910 1.000 28.39327 ? 14  ARG A CD  1 
ATOM   105  N NE  . ARG A 1 14  ? -5.41637  10.47268  -13.16966 1.000 30.20134 ? 14  ARG A NE  1 
ATOM   106  C CZ  . ARG A 1 14  ? -4.79597  10.42132  -14.34307 1.000 42.74690 ? 14  ARG A CZ  1 
ATOM   107  N NH1 . ARG A 1 14  ? -3.58260  10.94417  -14.47206 1.000 26.49128 ? 14  ARG A NH1 1 
ATOM   108  N NH2 . ARG A 1 14  ? -5.39172  9.85070   -15.38499 1.000 36.08129 ? 14  ARG A NH2 1 
ATOM   109  N N   . HIS A 1 15  ? -3.58346  6.36093   -10.66945 1.000 16.74989 ? 15  HIS A N   1 
ATOM   110  C CA  . HIS A 1 15  ? -2.26560  5.75892   -10.82607 1.000 16.85724 ? 15  HIS A CA  1 
ATOM   111  C C   . HIS A 1 15  ? -2.31748  4.30826   -11.29680 1.000 15.46590 ? 15  HIS A C   1 
ATOM   112  O O   . HIS A 1 15  ? -1.30318  3.60663   -11.22165 1.000 20.47728 ? 15  HIS A O   1 
ATOM   113  C CB  . HIS A 1 15  ? -1.46290  5.89162   -9.52759  1.000 16.17365 ? 15  HIS A CB  1 
ATOM   114  C CG  . HIS A 1 15  ? -1.07604  7.30162   -9.20291  1.000 13.26370 ? 15  HIS A CG  1 
ATOM   115  N ND1 . HIS A 1 15  ? -1.92322  8.17520   -8.55666  1.000 16.31156 ? 15  HIS A ND1 1 
ATOM   116  C CD2 . HIS A 1 15  ? 0.06119   7.99303   -9.45238  1.000 21.25382 ? 15  HIS A CD2 1 
ATOM   117  C CE1 . HIS A 1 15  ? -1.32054  9.34406   -8.41043  1.000 23.45522 ? 15  HIS A CE1 1 
ATOM   118  N NE2 . HIS A 1 15  ? -0.11741  9.25972   -8.94754  1.000 19.75800 ? 15  HIS A NE2 1 
ATOM   119  N N   . GLY A 1 16  ? -3.46793  3.84380   -11.78314 1.000 17.77690 ? 16  GLY A N   1 
ATOM   120  C CA  . GLY A 1 16  ? -3.53891  2.54451   -12.42722 1.000 18.02723 ? 16  GLY A CA  1 
ATOM   121  C C   . GLY A 1 16  ? -3.63613  1.35630   -11.50044 1.000 14.59462 ? 16  GLY A C   1 
ATOM   122  O O   . GLY A 1 16  ? -3.32234  0.23582   -11.91512 1.000 17.50474 ? 16  GLY A O   1 
ATOM   123  N N   . LEU A 1 17  ? -4.06391  1.55633   -10.25505 1.000 13.84356 ? 17  LEU A N   1 
ATOM   124  C CA  . LEU A 1 17  ? -4.18179  0.43976   -9.32745  1.000 13.18530 ? 17  LEU A CA  1 
ATOM   125  C C   . LEU A 1 17  ? -5.50087  -0.30267  -9.46026  1.000 17.50171 ? 17  LEU A C   1 
ATOM   126  O O   . LEU A 1 17  ? -5.58237  -1.46793  -9.05942  1.000 13.87265 ? 17  LEU A O   1 
ATOM   127  C CB  . LEU A 1 17  ? -4.04407  0.93741   -7.88840  1.000 15.02446 ? 17  LEU A CB  1 
ATOM   128  C CG  . LEU A 1 17  ? -2.72917  0.73963   -7.14472  1.000 22.22505 ? 17  LEU A CG  1 
ATOM   129  C CD1 . LEU A 1 17  ? -2.99429  0.88208   -5.65645  1.000 11.58041 ? 17  LEU A CD1 1 
ATOM   130  C CD2 . LEU A 1 17  ? -2.06454  -0.60577  -7.46702  1.000 11.17177 ? 17  LEU A CD2 1 
ATOM   131  N N   . ASP A 1 18  ? -6.53739  0.33386   -10.00169 1.000 18.98424 ? 18  ASP A N   1 
ATOM   132  C CA  . ASP A 1 18  ? -7.83947  -0.31474  -10.07241 1.000 19.51787 ? 18  ASP A CA  1 
ATOM   133  C C   . ASP A 1 18  ? -7.77299  -1.52309  -11.00558 1.000 18.22291 ? 18  ASP A C   1 
ATOM   134  O O   . ASP A 1 18  ? -7.43458  -1.39306  -12.18680 1.000 16.55492 ? 18  ASP A O   1 
ATOM   135  C CB  . ASP A 1 18  ? -8.92027  0.67603   -10.50130 1.000 24.37980 ? 18  ASP A CB  1 
ATOM   136  C CG  . ASP A 1 18  ? -8.54559  1.46370   -11.73457 1.000 25.43107 ? 18  ASP A CG  1 
ATOM   137  O OD1 . ASP A 1 18  ? -9.45012  1.70765   -12.56056 1.000 35.08546 ? 18  ASP A OD1 1 
ATOM   138  O OD2 . ASP A 1 18  ? -7.36306  1.84537   -11.87968 1.000 20.96322 ? 18  ASP A OD2 1 
ATOM   139  N N   B ASN A 1 19  ? -8.08904  -2.69831  -10.46562 0.473 15.50126 ? 19  ASN A N   1 
ATOM   140  N N   C ASN A 1 19  ? -8.09004  -2.69631  -10.45962 0.527 15.48636 ? 19  ASN A N   1 
ATOM   141  C CA  B ASN A 1 19  ? -8.01271  -3.98296  -11.15518 0.473 16.11617 ? 19  ASN A CA  1 
ATOM   142  C CA  C ASN A 1 19  ? -8.00534  -3.98308  -11.15074 0.527 16.10057 ? 19  ASN A CA  1 
ATOM   143  C C   B ASN A 1 19  ? -6.58767  -4.40750  -11.49146 0.473 15.46017 ? 19  ASN A C   1 
ATOM   144  C C   C ASN A 1 19  ? -6.58152  -4.37032  -11.53466 0.527 15.47225 ? 19  ASN A C   1 
ATOM   145  O O   B ASN A 1 19  ? -6.40313  -5.34116  -12.28084 0.473 15.70207 ? 19  ASN A O   1 
ATOM   146  O O   C ASN A 1 19  ? -6.38199  -5.23572  -12.39227 0.527 15.81150 ? 19  ASN A O   1 
ATOM   147  C CB  B ASN A 1 19  ? -8.92496  -4.06417  -12.38820 0.473 20.49431 ? 19  ASN A CB  1 
ATOM   148  C CB  C ASN A 1 19  ? -8.96435  -4.09432  -12.34442 0.527 20.47651 ? 19  ASN A CB  1 
ATOM   149  C CG  B ASN A 1 19  ? -10.37650 -3.76737  -12.06047 0.473 23.01611 ? 19  ASN A CG  1 
ATOM   150  C CG  C ASN A 1 19  ? -9.57720  -5.47614  -12.46507 0.527 22.59680 ? 19  ASN A CG  1 
ATOM   151  O OD1 B ASN A 1 19  ? -10.97477 -4.41021  -11.19608 0.473 26.66019 ? 19  ASN A OD1 1 
ATOM   152  O OD1 C ASN A 1 19  ? -9.81466  -6.15340  -11.46193 0.527 20.70517 ? 19  ASN A OD1 1 
ATOM   153  N ND2 B ASN A 1 19  ? -10.95035 -2.78772  -12.74856 0.473 23.09632 ? 19  ASN A ND2 1 
ATOM   154  N ND2 C ASN A 1 19  ? -9.82946  -5.90735  -13.69496 0.527 23.77079 ? 19  ASN A ND2 1 
ATOM   155  N N   . TYR A 1 20  ? -5.57628  -3.75926  -10.91536 1.000 12.33393 ? 20  TYR A N   1 
ATOM   156  C CA  . TYR A 1 20  ? -4.19869  -4.16633  -11.15925 1.000 11.20609 ? 20  TYR A CA  1 
ATOM   157  C C   . TYR A 1 20  ? -3.98467  -5.56654  -10.59462 1.000 12.43003 ? 20  TYR A C   1 
ATOM   158  O O   . TYR A 1 20  ? -4.29810  -5.83403  -9.43059  1.000 14.94469 ? 20  TYR A O   1 
ATOM   159  C CB  . TYR A 1 20  ? -3.20278  -3.18076  -10.54398 1.000 13.26668 ? 20  TYR A CB  1 
ATOM   160  C CG  . TYR A 1 20  ? -1.78305  -3.45187  -10.99947 1.000 14.08136 ? 20  TYR A CG  1 
ATOM   161  C CD1 . TYR A 1 20  ? -1.26153  -2.83266  -12.12975 1.000 14.17926 ? 20  TYR A CD1 1 
ATOM   162  C CD2 . TYR A 1 20  ? -0.97028  -4.35065  -10.31653 1.000 12.72005 ? 20  TYR A CD2 1 
ATOM   163  C CE1 . TYR A 1 20  ? 0.02953   -3.09639  -12.56080 1.000 15.54904 ? 20  TYR A CE1 1 
ATOM   164  C CE2 . TYR A 1 20  ? 0.32140   -4.61803  -10.74043 1.000 12.91390 ? 20  TYR A CE2 1 
ATOM   165  C CZ  . TYR A 1 20  ? 0.81399   -3.99008  -11.86099 1.000 13.62219 ? 20  TYR A CZ  1 
ATOM   166  O OH  . TYR A 1 20  ? 2.09837   -4.25318  -12.27603 1.000 17.01576 ? 20  TYR A OH  1 
ATOM   167  N N   A ARG A 1 21  ? -3.45492  -6.45482  -11.43599 0.385 11.63268 ? 21  ARG A N   1 
ATOM   168  N N   B ARG A 1 21  ? -3.44995  -6.46000  -11.42860 0.615 11.67026 ? 21  ARG A N   1 
ATOM   169  C CA  A ARG A 1 21  ? -3.30859  -7.87383  -11.10600 0.385 12.80151 ? 21  ARG A CA  1 
ATOM   170  C CA  B ARG A 1 21  ? -3.30746  -7.87609  -11.08589 0.615 12.63755 ? 21  ARG A CA  1 
ATOM   171  C C   A ARG A 1 21  ? -4.63304  -8.49855  -10.67701 0.385 11.50744 ? 21  ARG A C   1 
ATOM   172  C C   B ARG A 1 21  ? -4.63682  -8.49198  -10.65866 0.615 11.34753 ? 21  ARG A C   1 
ATOM   173  O O   A ARG A 1 21  ? -4.65837  -9.47938  -9.93047  0.385 11.77400 ? 21  ARG A O   1 
ATOM   174  O O   B ARG A 1 21  ? -4.66925  -9.46081  -9.89530  0.615 11.80274 ? 21  ARG A O   1 
ATOM   175  C CB  A ARG A 1 21  ? -2.20323  -8.12736  -10.07505 0.385 13.41473 ? 21  ARG A CB  1 
ATOM   176  C CB  B ARG A 1 21  ? -2.21022  -8.12251  -10.04666 0.615 13.33712 ? 21  ARG A CB  1 
ATOM   177  C CG  A ARG A 1 21  ? -0.81064  -8.24663  -10.67639 0.385 19.34302 ? 21  ARG A CG  1 
ATOM   178  C CG  B ARG A 1 21  ? -0.79575  -7.98467  -10.58899 0.615 19.59308 ? 21  ARG A CG  1 
ATOM   179  C CD  A ARG A 1 21  ? -0.39777  -9.70212  -10.86408 0.385 19.54772 ? 21  ARG A CD  1 
ATOM   180  C CD  B ARG A 1 21  ? -0.28528  -9.29730  -11.16463 0.615 19.53026 ? 21  ARG A CD  1 
ATOM   181  N NE  A ARG A 1 21  ? -1.28798  -10.42460 -11.77265 0.385 21.35674 ? 21  ARG A NE  1 
ATOM   182  N NE  B ARG A 1 21  ? 0.82978   -9.09235  -12.08434 0.615 24.25334 ? 21  ARG A NE  1 
ATOM   183  C CZ  A ARG A 1 21  ? -1.28829  -10.28457 -13.09477 0.385 28.58471 ? 21  ARG A CZ  1 
ATOM   184  C CZ  B ARG A 1 21  ? 1.70092   -10.03742 -12.42518 0.615 17.85810 ? 21  ARG A CZ  1 
ATOM   185  N NH1 A ARG A 1 21  ? -0.44465  -9.44523  -13.67938 0.385 31.70175 ? 21  ARG A NH1 1 
ATOM   186  N NH1 B ARG A 1 21  ? 2.68773   -9.75835  -13.27012 0.615 18.69418 ? 21  ARG A NH1 1 
ATOM   187  N NH2 A ARG A 1 21  ? -2.13827  -10.98574 -13.83631 0.385 23.67490 ? 21  ARG A NH2 1 
ATOM   188  N NH2 B ARG A 1 21  ? 1.58866   -11.25800 -11.92239 0.615 24.24570 ? 21  ARG A NH2 1 
ATOM   189  N N   . GLY A 1 22  ? -5.74202  -7.93420  -11.14955 1.000 10.89468 ? 22  GLY A N   1 
ATOM   190  C CA  . GLY A 1 22  ? -7.05449  -8.46732  -10.86041 1.000 10.41010 ? 22  GLY A CA  1 
ATOM   191  C C   . GLY A 1 22  ? -7.67996  -8.01755  -9.56176  1.000 11.46923 ? 22  GLY A C   1 
ATOM   192  O O   . GLY A 1 22  ? -8.75052  -8.52159  -9.20336  1.000 11.88509 ? 22  GLY A O   1 
ATOM   193  N N   . TYR A 1 23  ? -7.05617  -7.08620  -8.84407  1.000 9.73667  ? 23  TYR A N   1 
ATOM   194  C CA  . TYR A 1 23  ? -7.53611  -6.64779  -7.53919  1.000 9.49319  ? 23  TYR A CA  1 
ATOM   195  C C   . TYR A 1 23  ? -8.31499  -5.35220  -7.70691  1.000 8.81561  ? 23  TYR A C   1 
ATOM   196  O O   . TYR A 1 23  ? -7.74385  -4.31930  -8.07258  1.000 10.35077 ? 23  TYR A O   1 
ATOM   197  C CB  . TYR A 1 23  ? -6.36389  -6.47457  -6.57839  1.000 10.42892 ? 23  TYR A CB  1 
ATOM   198  C CG  . TYR A 1 23  ? -5.81340  -7.80027  -6.13894  1.000 7.11161  ? 23  TYR A CG  1 
ATOM   199  C CD1 . TYR A 1 23  ? -6.40762  -8.50104  -5.10054  1.000 8.00393  ? 23  TYR A CD1 1 
ATOM   200  C CD2 . TYR A 1 23  ? -4.71615  -8.36495  -6.77846  1.000 9.62913  ? 23  TYR A CD2 1 
ATOM   201  C CE1 . TYR A 1 23  ? -5.92572  -9.72098  -4.69987  1.000 10.32882 ? 23  TYR A CE1 1 
ATOM   202  C CE2 . TYR A 1 23  ? -4.22483  -9.60032  -6.38706  1.000 8.24009  ? 23  TYR A CE2 1 
ATOM   203  C CZ  . TYR A 1 23  ? -4.83352  -10.26645 -5.34380  1.000 11.32379 ? 23  TYR A CZ  1 
ATOM   204  O OH  . TYR A 1 23  ? -4.35917  -11.48976 -4.93677  1.000 10.70689 ? 23  TYR A OH  1 
ATOM   205  N N   . SER A 1 24  ? -9.61546  -5.40866  -7.42877  1.000 9.81458  ? 24  SER A N   1 
ATOM   206  C CA  . SER A 1 24  ? -10.46062 -4.23866  -7.59644  1.000 11.92404 ? 24  SER A CA  1 
ATOM   207  C C   . SER A 1 24  ? -10.02794 -3.12085  -6.65176  1.000 14.84750 ? 24  SER A C   1 
ATOM   208  O O   . SER A 1 24  ? -9.32905  -3.33480  -5.65226  1.000 14.29300 ? 24  SER A O   1 
ATOM   209  C CB  . SER A 1 24  ? -11.91487 -4.59602  -7.30952  1.000 12.95788 ? 24  SER A CB  1 
ATOM   210  O OG  . SER A 1 24  ? -12.07236 -4.93627  -5.94635  1.000 14.65058 ? 24  SER A OG  1 
ATOM   211  N N   . LEU A 1 25  ? -10.47482 -1.90810  -6.98398  1.000 13.24899 ? 25  LEU A N   1 
ATOM   212  C CA  . LEU A 1 25  ? -10.09151 -0.72414  -6.22600  1.000 11.88709 ? 25  LEU A CA  1 
ATOM   213  C C   . LEU A 1 25  ? -10.46305 -0.85297  -4.75221  1.000 12.45461 ? 25  LEU A C   1 
ATOM   214  O O   . LEU A 1 25  ? -9.72998  -0.37703  -3.87737  1.000 12.38206 ? 25  LEU A O   1 
ATOM   215  C CB  . LEU A 1 25  ? -10.76956 0.49424   -6.84080  1.000 14.97169 ? 25  LEU A CB  1 
ATOM   216  C CG  . LEU A 1 25  ? -10.31572 1.88321   -6.41751  1.000 15.91345 ? 25  LEU A CG  1 
ATOM   217  C CD1 . LEU A 1 25  ? -8.80394  2.02912   -6.57495  1.000 17.07467 ? 25  LEU A CD1 1 
ATOM   218  C CD2 . LEU A 1 25  ? -11.05397 2.90826   -7.26221  1.000 18.20363 ? 25  LEU A CD2 1 
ATOM   219  N N   . GLY A 1 26  ? -11.59721 -1.49115  -4.45646  1.000 10.69733 ? 26  GLY A N   1 
ATOM   220  C CA  . GLY A 1 26  ? -11.99203 -1.66431  -3.06882  1.000 10.98624 ? 26  GLY A CA  1 
ATOM   221  C C   . GLY A 1 26  ? -10.99516 -2.47331  -2.26102  1.000 8.08584  ? 26  GLY A C   1 
ATOM   222  O O   . GLY A 1 26  ? -10.81529 -2.22670  -1.06328  1.000 9.80923  ? 26  GLY A O   1 
ATOM   223  N N   . ASN A 1 27  ? -10.34113 -3.45325  -2.89493  1.000 8.01749  ? 27  ASN A N   1 
ATOM   224  C CA  . ASN A 1 27  ? -9.30242  -4.21726  -2.20862  1.000 8.44491  ? 27  ASN A CA  1 
ATOM   225  C C   . ASN A 1 27  ? -8.14739  -3.32296  -1.79042  1.000 9.32817  ? 27  ASN A C   1 
ATOM   226  O O   . ASN A 1 27  ? -7.62544  -3.44870  -0.67467  1.000 9.55430  ? 27  ASN A O   1 
ATOM   227  C CB  . ASN A 1 27  ? -8.78380  -5.33127  -3.11630  1.000 9.59150  ? 27  ASN A CB  1 
ATOM   228  C CG  . ASN A 1 27  ? -9.69026  -6.54126  -3.12133  1.000 8.19017  ? 27  ASN A CG  1 
ATOM   229  O OD1 . ASN A 1 27  ? -9.71375  -7.31692  -2.16265  1.000 8.97426  ? 27  ASN A OD1 1 
ATOM   230  N ND2 . ASN A 1 27  ? -10.46853 -6.69556  -4.19263  1.000 11.23441 ? 27  ASN A ND2 1 
ATOM   231  N N   . TRP A 1 28  ? -7.73683  -2.41752  -2.67718  1.000 8.75857  ? 28  TRP A N   1 
ATOM   232  C CA  . TRP A 1 28  ? -6.62335  -1.51965  -2.38916  1.000 8.81485  ? 28  TRP A CA  1 
ATOM   233  C C   . TRP A 1 28  ? -6.98519  -0.50044  -1.31336  1.000 6.93704  ? 28  TRP A C   1 
ATOM   234  O O   . TRP A 1 28  ? -6.15486  -0.17867  -0.45732  1.000 8.22571  ? 28  TRP A O   1 
ATOM   235  C CB  . TRP A 1 28  ? -6.18653  -0.82583  -3.67840  1.000 8.86527  ? 28  TRP A CB  1 
ATOM   236  C CG  . TRP A 1 28  ? -5.60075  -1.78477  -4.66782  1.000 7.85855  ? 28  TRP A CG  1 
ATOM   237  C CD1 . TRP A 1 28  ? -6.19620  -2.27301  -5.80033  1.000 10.20163 ? 28  TRP A CD1 1 
ATOM   238  C CD2 . TRP A 1 28  ? -4.30396  -2.39240  -4.60290  1.000 8.94344  ? 28  TRP A CD2 1 
ATOM   239  N NE1 . TRP A 1 28  ? -5.34477  -3.14266  -6.44383  1.000 9.36938  ? 28  TRP A NE1 1 
ATOM   240  C CE2 . TRP A 1 28  ? -4.17727  -3.23140  -5.72975  1.000 7.94585  ? 28  TRP A CE2 1 
ATOM   241  C CE3 . TRP A 1 28  ? -3.23477  -2.30290  -3.70134  1.000 11.62926 ? 28  TRP A CE3 1 
ATOM   242  C CZ2 . TRP A 1 28  ? -3.02048  -3.97056  -5.98339  1.000 9.50723  ? 28  TRP A CZ2 1 
ATOM   243  C CZ3 . TRP A 1 28  ? -2.08942  -3.04128  -3.95216  1.000 12.15673 ? 28  TRP A CZ3 1 
ATOM   244  C CH2 . TRP A 1 28  ? -1.99183  -3.86486  -5.08305  1.000 10.46107 ? 28  TRP A CH2 1 
ATOM   245  N N   . VAL A 1 29  ? -8.21071  0.03882   -1.35937  1.000 6.68679  ? 29  VAL A N   1 
ATOM   246  C CA  . VAL A 1 29  ? -8.64632  0.99722   -0.34004  1.000 5.84683  ? 29  VAL A CA  1 
ATOM   247  C C   . VAL A 1 29  ? -8.76649  0.31588   1.01906   1.000 10.36649 ? 29  VAL A C   1 
ATOM   248  O O   . VAL A 1 29  ? -8.34964  0.86328   2.04767   1.000 8.81978  ? 29  VAL A O   1 
ATOM   249  C CB  . VAL A 1 29  ? -9.96032  1.68216   -0.76751  1.000 8.47924  ? 29  VAL A CB  1 
ATOM   250  C CG1 . VAL A 1 29  ? -10.48275 2.59588   0.33714   1.000 9.03470  ? 29  VAL A CG1 1 
ATOM   251  C CG2 . VAL A 1 29  ? -9.74700  2.47402   -2.05728  1.000 11.74492 ? 29  VAL A CG2 1 
ATOM   252  N N   . CYS A 1 30  ? -9.34618  -0.88568  1.04111   1.000 9.16100  ? 30  CYS A N   1 
ATOM   253  C CA  . CYS A 1 30  ? -9.43653  -1.65768  2.27657   1.000 9.80237  ? 30  CYS A CA  1 
ATOM   254  C C   . CYS A 1 30  ? -8.05587  -1.93933  2.86288   1.000 8.49728  ? 30  CYS A C   1 
ATOM   255  O O   . CYS A 1 30  ? -7.83275  -1.76755  4.06732   1.000 9.34429  ? 30  CYS A O   1 
ATOM   256  C CB  . CYS A 1 30  ? -10.18455 -2.96525  2.00678   1.000 6.75660  ? 30  CYS A CB  1 
ATOM   257  S SG  . CYS A 1 30  ? -10.48168 -3.96733  3.47306   1.000 8.60616  ? 30  CYS A SG  1 
ATOM   258  N N   . ALA A 1 31  ? -7.11027  -2.35283  2.01898   1.000 8.75349  ? 31  ALA A N   1 
ATOM   259  C CA  . ALA A 1 31  ? -5.76207  -2.60526  2.51292   1.000 7.71878  ? 31  ALA A CA  1 
ATOM   260  C C   . ALA A 1 31  ? -5.15605  -1.34076  3.09927   1.000 9.27420  ? 31  ALA A C   1 
ATOM   261  O O   . ALA A 1 31  ? -4.56476  -1.37052  4.18367   1.000 10.04954 ? 31  ALA A O   1 
ATOM   262  C CB  . ALA A 1 31  ? -4.88440  -3.15986  1.39075   1.000 9.75982  ? 31  ALA A CB  1 
ATOM   263  N N   . ALA A 1 32  ? -5.31694  -0.21393  2.40847   1.000 7.60855  ? 32  ALA A N   1 
ATOM   264  C CA  . ALA A 1 32  ? -4.74922  1.03100   2.91106   1.000 7.26563  ? 32  ALA A CA  1 
ATOM   265  C C   . ALA A 1 32  ? -5.40872  1.44551   4.21924   1.000 6.98937  ? 32  ALA A C   1 
ATOM   266  O O   . ALA A 1 32  ? -4.73932  1.97102   5.12103   1.000 7.99030  ? 32  ALA A O   1 
ATOM   267  C CB  . ALA A 1 32  ? -4.87176  2.13414   1.86420   1.000 7.35752  ? 32  ALA A CB  1 
ATOM   268  N N   . LYS A 1 33  ? -6.71639  1.20548   4.34981   1.000 8.02298  ? 33  LYS A N   1 
ATOM   269  C CA  . LYS A 1 33  ? -7.41091  1.55216   5.58438   1.000 9.70743  ? 33  LYS A CA  1 
ATOM   270  C C   . LYS A 1 33  ? -6.78698  0.84904   6.78400   1.000 6.92084  ? 33  LYS A C   1 
ATOM   271  O O   . LYS A 1 33  ? -6.48305  1.48259   7.80177   1.000 9.87304  ? 33  LYS A O   1 
ATOM   272  C CB  . LYS A 1 33  ? -8.89713  1.20169   5.47640   1.000 8.65431  ? 33  LYS A CB  1 
ATOM   273  C CG  . LYS A 1 33  ? -9.61634  1.27344   6.80711   1.000 12.29566 ? 33  LYS A CG  1 
ATOM   274  C CD  . LYS A 1 33  ? -9.82157  2.72317   7.23629   1.000 12.04315 ? 33  LYS A CD  1 
ATOM   275  C CE  . LYS A 1 33  ? -10.50205 2.79634   8.59288   1.000 20.70278 ? 33  LYS A CE  1 
ATOM   276  N NZ  . LYS A 1 33  ? -10.71672 4.20365   9.02712   1.000 20.67980 ? 33  LYS A NZ  1 
ATOM   277  N N   . PHE A 1 34  ? -6.57912  -0.45706  6.68328   1.000 9.86373  ? 34  PHE A N   1 
ATOM   278  C CA  . PHE A 1 34  ? -6.08563  -1.19559  7.83595   1.000 9.53811  ? 34  PHE A CA  1 
ATOM   279  C C   . PHE A 1 34  ? -4.57000  -1.18538  7.95859   1.000 10.90992 ? 34  PHE A C   1 
ATOM   280  O O   . PHE A 1 34  ? -4.05050  -1.41843  9.05867   1.000 11.42816 ? 34  PHE A O   1 
ATOM   281  C CB  . PHE A 1 34  ? -6.67539  -2.60907  7.84542   1.000 8.92416  ? 34  PHE A CB  1 
ATOM   282  C CG  . PHE A 1 34  ? -8.16759  -2.61697  7.98332   1.000 9.53640  ? 34  PHE A CG  1 
ATOM   283  C CD1 . PHE A 1 34  ? -8.96270  -3.25349  7.04590   1.000 13.55735 ? 34  PHE A CD1 1 
ATOM   284  C CD2 . PHE A 1 34  ? -8.77742  -1.93967  9.03007   1.000 10.09680 ? 34  PHE A CD2 1 
ATOM   285  C CE1 . PHE A 1 34  ? -10.33809 -3.24757  7.16564   1.000 13.53345 ? 34  PHE A CE1 1 
ATOM   286  C CE2 . PHE A 1 34  ? -10.14739 -1.92726  9.15655   1.000 11.46634 ? 34  PHE A CE2 1 
ATOM   287  C CZ  . PHE A 1 34  ? -10.93111 -2.58213  8.21867   1.000 9.90840  ? 34  PHE A CZ  1 
ATOM   288  N N   . GLU A 1 35  ? -3.84916  -0.89576  6.87694   1.000 8.50831  ? 35  GLU A N   1 
ATOM   289  C CA  . GLU A 1 35  ? -2.40644  -0.74354  7.00718   1.000 10.81055 ? 35  GLU A CA  1 
ATOM   290  C C   . GLU A 1 35  ? -2.03124  0.59859   7.62124   1.000 10.10225 ? 35  GLU A C   1 
ATOM   291  O O   . GLU A 1 35  ? -1.16981  0.65048   8.50810   1.000 9.09316  ? 35  GLU A O   1 
ATOM   292  C CB  . GLU A 1 35  ? -1.71874  -0.89593  5.64754   1.000 9.30147  ? 35  GLU A CB  1 
ATOM   293  C CG  . GLU A 1 35  ? -1.78541  -2.28317  5.04483   1.000 7.95206  ? 35  GLU A CG  1 
ATOM   294  C CD  . GLU A 1 35  ? -0.98672  -3.32069  5.80817   1.000 10.83673 ? 35  GLU A CD  1 
ATOM   295  O OE1 . GLU A 1 35  ? -0.29710  -2.97097  6.78877   1.000 11.76892 ? 35  GLU A OE1 1 
ATOM   296  O OE2 . GLU A 1 35  ? -1.06725  -4.50272  5.42112   1.000 10.85425 ? 35  GLU A OE2 1 
ATOM   297  N N   . SER A 1 36  ? -2.65353  1.69912   7.17010   1.000 7.53243  ? 36  SER A N   1 
ATOM   298  C CA  . SER A 1 36  ? -2.19289  3.02944   7.55673   1.000 8.09070  ? 36  SER A CA  1 
ATOM   299  C C   . SER A 1 36  ? -3.29075  3.95945   8.04721   1.000 7.65137  ? 36  SER A C   1 
ATOM   300  O O   . SER A 1 36  ? -2.97923  5.09516   8.42782   1.000 9.42778  ? 36  SER A O   1 
ATOM   301  C CB  . SER A 1 36  ? -1.55314  3.73506   6.35816   1.000 9.21597  ? 36  SER A CB  1 
ATOM   302  O OG  . SER A 1 36  ? -2.50974  3.85463   5.31448   1.000 8.30992  ? 36  SER A OG  1 
ATOM   303  N N   . ASN A 1 37  ? -4.55834  3.54252   8.01777   1.000 9.87178  ? 37  ASN A N   1 
ATOM   304  C CA  . ASN A 1 37  ? -5.67760  4.45700   8.27013   1.000 11.26800 ? 37  ASN A CA  1 
ATOM   305  C C   . ASN A 1 37  ? -5.65628  5.64592   7.31186   1.000 7.35247  ? 37  ASN A C   1 
ATOM   306  O O   . ASN A 1 37  ? -6.03354  6.76655   7.67982   1.000 10.18033 ? 37  ASN A O   1 
ATOM   307  C CB  . ASN A 1 37  ? -5.76249  4.91675   9.73143   1.000 11.22713 ? 37  ASN A CB  1 
ATOM   308  C CG  . ASN A 1 37  ? -7.17272  5.29680   10.13854  1.000 14.44386 ? 37  ASN A CG  1 
ATOM   309  O OD1 . ASN A 1 37  ? -8.13123  4.98340   9.44205   1.000 14.94866 ? 37  ASN A OD1 1 
ATOM   310  N ND2 . ASN A 1 37  ? -7.30349  5.98637   11.26232  1.000 17.25398 ? 37  ASN A ND2 1 
ATOM   311  N N   . PHE A 1 38  ? -5.19307  5.39803   6.08454   1.000 7.70527  ? 38  PHE A N   1 
ATOM   312  C CA  . PHE A 1 38  ? -5.12141  6.36540   4.99103   1.000 8.70823  ? 38  PHE A CA  1 
ATOM   313  C C   . PHE A 1 38  ? -4.06608  7.44327   5.21796   1.000 8.12274  ? 38  PHE A C   1 
ATOM   314  O O   . PHE A 1 38  ? -4.08922  8.48175   4.54024   1.000 9.87974  ? 38  PHE A O   1 
ATOM   315  C CB  . PHE A 1 38  ? -6.47632  7.02057   4.68546   1.000 8.18070  ? 38  PHE A CB  1 
ATOM   316  C CG  . PHE A 1 38  ? -7.58198  6.04756   4.34963   1.000 10.86895 ? 38  PHE A CG  1 
ATOM   317  C CD1 . PHE A 1 38  ? -7.32959  4.88745   3.63646   1.000 10.16203 ? 38  PHE A CD1 1 
ATOM   318  C CD2 . PHE A 1 38  ? -8.88338  6.31917   4.73214   1.000 10.85149 ? 38  PHE A CD2 1 
ATOM   319  C CE1 . PHE A 1 38  ? -8.36450  4.01194   3.31785   1.000 7.71413  ? 38  PHE A CE1 1 
ATOM   320  C CE2 . PHE A 1 38  ? -9.91888  5.45148   4.41965   1.000 10.70250 ? 38  PHE A CE2 1 
ATOM   321  C CZ  . PHE A 1 38  ? -9.66160  4.29433   3.71216   1.000 9.21991  ? 38  PHE A CZ  1 
ATOM   322  N N   . ASN A 1 39  ? -3.14008  7.23551   6.15336   1.000 7.08481  ? 39  ASN A N   1 
ATOM   323  C CA  . ASN A 1 39  ? -2.12650  8.22592   6.50160   1.000 7.45135  ? 39  ASN A CA  1 
ATOM   324  C C   . ASN A 1 39  ? -0.83927  7.90551   5.74840   1.000 8.11057  ? 39  ASN A C   1 
ATOM   325  O O   . ASN A 1 39  ? -0.19957  6.88233   6.01182   1.000 9.61998  ? 39  ASN A O   1 
ATOM   326  C CB  . ASN A 1 39  ? -1.88424  8.18318   8.00796   1.000 9.63629  ? 39  ASN A CB  1 
ATOM   327  C CG  . ASN A 1 39  ? -1.00435  9.31129   8.48805   1.000 8.43024  ? 39  ASN A CG  1 
ATOM   328  O OD1 . ASN A 1 39  ? -0.34928  9.98406   7.69890   1.000 8.90989  ? 39  ASN A OD1 1 
ATOM   329  N ND2 . ASN A 1 39  ? -0.99260  9.53187   9.79859   1.000 13.11442 ? 39  ASN A ND2 1 
ATOM   330  N N   . THR A 1 40  ? -0.43929  8.79281   4.83141   1.000 8.64483  ? 40  THR A N   1 
ATOM   331  C CA  . THR A 1 40  ? 0.79191   8.55637   4.08082   1.000 9.45658  ? 40  THR A CA  1 
ATOM   332  C C   . THR A 1 40  ? 2.02588   8.52588   4.97003   1.000 9.17041  ? 40  THR A C   1 
ATOM   333  O O   . THR A 1 40  ? 3.03070   7.92317   4.58553   1.000 9.91954  ? 40  THR A O   1 
ATOM   334  C CB  . THR A 1 40  ? 1.00371   9.58154   2.95708   1.000 10.02704 ? 40  THR A CB  1 
ATOM   335  O OG1 . THR A 1 40  ? 1.35393   10.85226  3.51589   1.000 11.92320 ? 40  THR A OG1 1 
ATOM   336  C CG2 . THR A 1 40  ? -0.22924  9.72730   2.09331   1.000 11.16684 ? 40  THR A CG2 1 
ATOM   337  N N   . GLN A 1 41  ? 1.98716   9.15829   6.13600   1.000 9.37074  ? 41  GLN A N   1 
ATOM   338  C CA  . GLN A 1 41  ? 3.17788   9.23659   6.97018   1.000 7.76422  ? 41  GLN A CA  1 
ATOM   339  C C   . GLN A 1 41  ? 3.28993   8.08845   7.96459   1.000 11.02579 ? 41  GLN A C   1 
ATOM   340  O O   . GLN A 1 41  ? 4.20420   8.09391   8.79661   1.000 12.07945 ? 41  GLN A O   1 
ATOM   341  C CB  . GLN A 1 41  ? 3.22879   10.58230  7.69309   1.000 9.11853  ? 41  GLN A CB  1 
ATOM   342  C CG  . GLN A 1 41  ? 3.29007   11.76334  6.74984   1.000 9.89081  ? 41  GLN A CG  1 
ATOM   343  C CD  . GLN A 1 41  ? 3.69346   13.03213  7.45791   1.000 9.77807  ? 41  GLN A CD  1 
ATOM   344  O OE1 . GLN A 1 41  ? 4.87560   13.25883  7.70493   1.000 11.35702 ? 41  GLN A OE1 1 
ATOM   345  N NE2 . GLN A 1 41  ? 2.71694   13.86625  7.79470   1.000 11.51845 ? 41  GLN A NE2 1 
ATOM   346  N N   . ALA A 1 42  ? 2.40513   7.09610   7.88016   1.000 9.28242  ? 42  ALA A N   1 
ATOM   347  C CA  . ALA A 1 42  ? 2.42669   5.98359   8.82184   1.000 10.61163 ? 42  ALA A CA  1 
ATOM   348  C C   . ALA A 1 42  ? 3.73277   5.20199   8.71076   1.000 10.39484 ? 42  ALA A C   1 
ATOM   349  O O   . ALA A 1 42  ? 4.19695   4.89173   7.61274   1.000 8.80721  ? 42  ALA A O   1 
ATOM   350  C CB  . ALA A 1 42  ? 1.24723   5.05457   8.53996   1.000 10.73674 ? 42  ALA A CB  1 
ATOM   351  N N   . THR A 1 43  ? 4.33032   4.88945   9.85895   1.000 10.60155 ? 43  THR A N   1 
ATOM   352  C CA  . THR A 1 43  ? 5.47647   3.99401   9.92982   1.000 11.04198 ? 43  THR A CA  1 
ATOM   353  C C   . THR A 1 43  ? 5.24808   3.03972   11.08966  1.000 14.60614 ? 43  THR A C   1 
ATOM   354  O O   . THR A 1 43  ? 4.58710   3.38770   12.07088  1.000 15.44627 ? 43  THR A O   1 
ATOM   355  C CB  . THR A 1 43  ? 6.79230   4.74513   10.18888  1.000 8.73648  ? 43  THR A CB  1 
ATOM   356  O OG1 . THR A 1 43  ? 6.70784   5.44128   11.44245  1.000 12.08153 ? 43  THR A OG1 1 
ATOM   357  C CG2 . THR A 1 43  ? 7.09383   5.74076   9.07271   1.000 9.46472  ? 43  THR A CG2 1 
ATOM   358  N N   A ASN A 1 44  ? 5.77297   1.82250   10.95806  0.455 11.17130 ? 44  ASN A N   1 
ATOM   359  N N   B ASN A 1 44  ? 5.82549   1.84278   10.98880  0.545 11.16319 ? 44  ASN A N   1 
ATOM   360  C CA  A ASN A 1 44  ? 5.71285   0.86071   12.05015  0.455 11.85575 ? 44  ASN A CA  1 
ATOM   361  C CA  B ASN A 1 44  ? 5.68882   0.85153   12.05350  0.545 11.86900 ? 44  ASN A CA  1 
ATOM   362  C C   A ASN A 1 44  ? 6.96116   -0.00237  12.01421  0.455 10.73057 ? 44  ASN A C   1 
ATOM   363  C C   B ASN A 1 44  ? 6.89678   -0.07290  12.03824  0.545 10.63630 ? 44  ASN A C   1 
ATOM   364  O O   A ASN A 1 44  ? 7.32456   -0.52644  10.95801  0.455 10.52845 ? 44  ASN A O   1 
ATOM   365  O O   B ASN A 1 44  ? 7.17595   -0.71021  11.01781  0.545 10.09725 ? 44  ASN A O   1 
ATOM   366  C CB  A ASN A 1 44  ? 4.46893   -0.03042  11.96186  0.455 15.21599 ? 44  ASN A CB  1 
ATOM   367  C CB  B ASN A 1 44  ? 4.39338   0.05569   11.88030  0.545 15.22815 ? 44  ASN A CB  1 
ATOM   368  C CG  A ASN A 1 44  ? 4.23794   -0.82844  13.23820  0.455 17.23728 ? 44  ASN A CG  1 
ATOM   369  C CG  B ASN A 1 44  ? 3.16308   0.85312   12.28454  0.545 14.35910 ? 44  ASN A CG  1 
ATOM   370  O OD1 A ASN A 1 44  ? 3.83743   -0.27758  14.26390  0.455 26.27182 ? 44  ASN A OD1 1 
ATOM   371  O OD1 B ASN A 1 44  ? 2.98781   1.19840   13.45692  0.545 18.07044 ? 44  ASN A OD1 1 
ATOM   372  N ND2 A ASN A 1 44  ? 4.49806   -2.12677  13.18185  0.455 24.81162 ? 44  ASN A ND2 1 
ATOM   373  N ND2 B ASN A 1 44  ? 2.31573   1.16944   11.30899  0.545 17.68172 ? 44  ASN A ND2 1 
ATOM   374  N N   . ARG A 1 45  ? 7.60375   -0.15008  13.16821  1.000 12.02369 ? 45  ARG A N   1 
ATOM   375  C CA  . ARG A 1 45  ? 8.78325   -0.99712  13.28072  1.000 11.78458 ? 45  ARG A CA  1 
ATOM   376  C C   . ARG A 1 45  ? 8.35935   -2.43853  13.51255  1.000 15.39732 ? 45  ARG A C   1 
ATOM   377  O O   . ARG A 1 45  ? 7.50964   -2.71599  14.36480  1.000 14.78518 ? 45  ARG A O   1 
ATOM   378  C CB  . ARG A 1 45  ? 9.65377   -0.54670  14.45253  1.000 14.84637 ? 45  ARG A CB  1 
ATOM   379  C CG  . ARG A 1 45  ? 11.08145  -1.09011  14.38685  1.000 16.25063 ? 45  ARG A CG  1 
ATOM   380  C CD  . ARG A 1 45  ? 11.88666  -0.25050  13.42395  1.000 14.51064 ? 45  ARG A CD  1 
ATOM   381  N NE  . ARG A 1 45  ? 13.22305  -0.76897  13.14275  1.000 29.84750 ? 45  ARG A NE  1 
ATOM   382  C CZ  . ARG A 1 45  ? 14.34262  -0.26239  13.65238  1.000 31.68611 ? 45  ARG A CZ  1 
ATOM   383  N NH1 . ARG A 1 45  ? 14.28813  0.76727   14.48778  1.000 31.68706 ? 45  ARG A NH1 1 
ATOM   384  N NH2 . ARG A 1 45  ? 15.51876  -0.78529  13.32792  1.000 16.04373 ? 45  ARG A NH2 1 
ATOM   385  N N   . ASN A 1 46  ? 8.96182   -3.35141  12.76496  1.000 12.62600 ? 46  ASN A N   1 
ATOM   386  C CA  . ASN A 1 46  ? 8.70430   -4.77344  12.92476  1.000 14.05248 ? 46  ASN A CA  1 
ATOM   387  C C   . ASN A 1 46  ? 9.68344   -5.38594  13.91997  1.000 17.55054 ? 46  ASN A C   1 
ATOM   388  O O   . ASN A 1 46  ? 10.71580  -4.80317  14.25437  1.000 18.92582 ? 46  ASN A O   1 
ATOM   389  C CB  . ASN A 1 46  ? 8.81696   -5.48073  11.57330  1.000 14.83522 ? 46  ASN A CB  1 
ATOM   390  C CG  . ASN A 1 46  ? 7.89987   -4.87618  10.52683  1.000 17.69541 ? 46  ASN A CG  1 
ATOM   391  O OD1 . ASN A 1 46  ? 8.30945   -4.60596  9.39769   1.000 27.14163 ? 46  ASN A OD1 1 
ATOM   392  N ND2 . ASN A 1 46  ? 6.64583   -4.65705  10.90344  1.000 20.72409 ? 46  ASN A ND2 1 
ATOM   393  N N   . THR A 1 47  ? 9.33963   -6.58983  14.38748  1.000 21.82640 ? 47  THR A N   1 
ATOM   394  C CA  . THR A 1 47  ? 10.16385  -7.28227  15.37447  1.000 25.14776 ? 47  THR A CA  1 
ATOM   395  C C   . THR A 1 47  ? 11.58539  -7.48994  14.86163  1.000 23.79710 ? 47  THR A C   1 
ATOM   396  O O   . THR A 1 47  ? 12.55316  -7.38065  15.62487  1.000 22.77614 ? 47  THR A O   1 
ATOM   397  C CB  . THR A 1 47  ? 9.53171   -8.63385  15.69909  1.000 18.75002 ? 47  THR A CB  1 
ATOM   398  O OG1 . THR A 1 47  ? 9.17027   -9.29644  14.47880  1.000 31.21815 ? 47  THR A OG1 1 
ATOM   399  C CG2 . THR A 1 47  ? 8.28738   -8.44050  16.53267  1.000 19.32596 ? 47  THR A CG2 1 
ATOM   400  N N   . ASP A 1 48  ? 11.72335  -7.78378  13.57399  1.000 18.95034 ? 48  ASP A N   1 
ATOM   401  C CA  . ASP A 1 48  ? 12.99546  -8.13707  12.95974  1.000 18.39805 ? 48  ASP A CA  1 
ATOM   402  C C   . ASP A 1 48  ? 13.86849  -6.93163  12.63861  1.000 21.64203 ? 48  ASP A C   1 
ATOM   403  O O   . ASP A 1 48  ? 14.92348  -7.10243  12.01908  1.000 20.72820 ? 48  ASP A O   1 
ATOM   404  C CB  . ASP A 1 48  ? 12.75858  -8.98589  11.70491  1.000 18.49234 ? 48  ASP A CB  1 
ATOM   405  C CG  . ASP A 1 48  ? 12.18335  -8.18557  10.53860  1.000 25.08423 ? 48  ASP A CG  1 
ATOM   406  O OD1 . ASP A 1 48  ? 11.74963  -7.03020  10.73214  1.000 20.38329 ? 48  ASP A OD1 1 
ATOM   407  O OD2 . ASP A 1 48  ? 12.15544  -8.72765  9.41618   1.000 30.37494 ? 48  ASP A OD2 1 
ATOM   408  N N   . GLY A 1 49  ? 13.45774  -5.72914  13.03750  1.000 20.74630 ? 49  GLY A N   1 
ATOM   409  C CA  . GLY A 1 49  ? 14.22605  -4.53396  12.77422  1.000 18.91984 ? 49  GLY A CA  1 
ATOM   410  C C   . GLY A 1 49  ? 13.87045  -3.81173  11.49228  1.000 16.22077 ? 49  GLY A C   1 
ATOM   411  O O   . GLY A 1 49  ? 14.29262  -2.66333  11.31513  1.000 16.22546 ? 49  GLY A O   1 
ATOM   412  N N   . SER A 1 50  ? 13.12541  -4.44476  10.59011  1.000 11.89435 ? 50  SER A N   1 
ATOM   413  C CA  . SER A 1 50  ? 12.64813  -3.74446  9.41090   1.000 11.40319 ? 50  SER A CA  1 
ATOM   414  C C   . SER A 1 50  ? 11.53738  -2.77808  9.81075   1.000 11.94244 ? 50  SER A C   1 
ATOM   415  O O   . SER A 1 50  ? 11.04880  -2.78798  10.94453  1.000 10.45289 ? 50  SER A O   1 
ATOM   416  C CB  . SER A 1 50  ? 12.13286  -4.73464  8.36596   1.000 13.67946 ? 50  SER A CB  1 
ATOM   417  O OG  . SER A 1 50  ? 10.93874  -5.35854  8.80625   1.000 15.34039 ? 50  SER A OG  1 
ATOM   418  N N   . THR A 1 51  ? 11.14200  -1.92867  8.86164   1.000 9.17715  ? 51  THR A N   1 
ATOM   419  C CA  . THR A 1 51  ? 10.10291  -0.93098  9.09473   1.000 6.14251  ? 51  THR A CA  1 
ATOM   420  C C   . THR A 1 51  ? 9.16124   -0.88973  7.90181   1.000 7.21420  ? 51  THR A C   1 
ATOM   421  O O   . THR A 1 51  ? 9.59700   -1.02190  6.75482   1.000 8.36004  ? 51  THR A O   1 
ATOM   422  C CB  . THR A 1 51  ? 10.73233  0.44925   9.31504   1.000 6.65236  ? 51  THR A CB  1 
ATOM   423  O OG1 . THR A 1 51  ? 11.61422  0.38350   10.43758  1.000 7.25806  ? 51  THR A OG1 1 
ATOM   424  C CG2 . THR A 1 51  ? 9.66645   1.51352   9.59495   1.000 10.20486 ? 51  THR A CG2 1 
ATOM   425  N N   . ASP A 1 52  ? 7.86803   -0.70327  8.17688   1.000 7.48192  ? 52  ASP A N   1 
ATOM   426  C CA  . ASP A 1 52  ? 6.85139   -0.53298  7.14340   1.000 7.05193  ? 52  ASP A CA  1 
ATOM   427  C C   . ASP A 1 52  ? 6.54896   0.95043   6.98044   1.000 7.56962  ? 52  ASP A C   1 
ATOM   428  O O   . ASP A 1 52  ? 6.44342   1.67780   7.97318   1.000 9.24238  ? 52  ASP A O   1 
ATOM   429  C CB  . ASP A 1 52  ? 5.55583   -1.24297  7.53998   1.000 11.26560 ? 52  ASP A CB  1 
ATOM   430  C CG  . ASP A 1 52  ? 5.73940   -2.72873  7.76078   1.000 16.96284 ? 52  ASP A CG  1 
ATOM   431  O OD1 . ASP A 1 52  ? 6.68709   -3.31018  7.19925   1.000 14.29664 ? 52  ASP A OD1 1 
ATOM   432  O OD2 . ASP A 1 52  ? 4.91755   -3.32019  8.49232   1.000 23.86710 ? 52  ASP A OD2 1 
ATOM   433  N N   . TYR A 1 53  ? 6.37552   1.38923   5.73087   1.000 6.07754  ? 53  TYR A N   1 
ATOM   434  C CA  . TYR A 1 53  ? 6.27228   2.80707   5.40619   1.000 6.61680  ? 53  TYR A CA  1 
ATOM   435  C C   . TYR A 1 53  ? 5.05698   3.09575   4.53925   1.000 9.06195  ? 53  TYR A C   1 
ATOM   436  O O   . TYR A 1 53  ? 4.84824   2.43001   3.52219   1.000 8.33700  ? 53  TYR A O   1 
ATOM   437  C CB  . TYR A 1 53  ? 7.51416   3.26203   4.63716   1.000 7.43687  ? 53  TYR A CB  1 
ATOM   438  C CG  . TYR A 1 53  ? 8.79445   3.19112   5.42561   1.000 11.06542 ? 53  TYR A CG  1 
ATOM   439  C CD1 . TYR A 1 53  ? 9.25805   4.29850   6.12725   1.000 8.18986  ? 53  TYR A CD1 1 
ATOM   440  C CD2 . TYR A 1 53  ? 9.54145   2.01889   5.47417   1.000 8.78482  ? 53  TYR A CD2 1 
ATOM   441  C CE1 . TYR A 1 53  ? 10.43216  4.24234   6.85442   1.000 7.27470  ? 53  TYR A CE1 1 
ATOM   442  C CE2 . TYR A 1 53  ? 10.71768  1.95375   6.18903   1.000 7.06046  ? 53  TYR A CE2 1 
ATOM   443  C CZ  . TYR A 1 53  ? 11.15117  3.06629   6.88106   1.000 6.68397  ? 53  TYR A CZ  1 
ATOM   444  O OH  . TYR A 1 53  ? 12.31563  3.00020   7.60642   1.000 9.32086  ? 53  TYR A OH  1 
ATOM   445  N N   . GLY A 1 54  ? 4.27719   4.10850   4.92607   1.000 9.57079  ? 54  GLY A N   1 
ATOM   446  C CA  . GLY A 1 54  ? 3.32039   4.71528   4.01253   1.000 7.84564  ? 54  GLY A CA  1 
ATOM   447  C C   . GLY A 1 54  ? 1.93449   4.10487   4.04888   1.000 8.71385  ? 54  GLY A C   1 
ATOM   448  O O   . GLY A 1 54  ? 1.59490   3.26568   4.88997   1.000 9.05670  ? 54  GLY A O   1 
ATOM   449  N N   . ILE A 1 55  ? 1.12002   4.54706   3.07574   1.000 8.99274  ? 55  ILE A N   1 
ATOM   450  C CA  . ILE A 1 55  ? -0.29936  4.18287   3.01773   1.000 11.11557 ? 55  ILE A CA  1 
ATOM   451  C C   . ILE A 1 55  ? -0.49136  2.68301   2.92243   1.000 9.75609  ? 55  ILE A C   1 
ATOM   452  O O   . ILE A 1 55  ? -1.49699  2.15072   3.40067   1.000 10.36264 ? 55  ILE A O   1 
ATOM   453  C CB  . ILE A 1 55  ? -1.04568  4.88675   1.86348   1.000 13.79456 ? 55  ILE A CB  1 
ATOM   454  C CG1 . ILE A 1 55  ? -0.34567  4.64059   0.52616   1.000 14.54846 ? 55  ILE A CG1 1 
ATOM   455  C CG2 . ILE A 1 55  ? -1.25185  6.35273   2.15758   1.000 18.87366 ? 55  ILE A CG2 1 
ATOM   456  C CD1 . ILE A 1 55  ? -1.29159  4.67575   -0.65761  1.000 21.80113 ? 55  ILE A CD1 1 
ATOM   457  N N   . LEU A 1 56  ? 0.43556   1.98277   2.27399   1.000 10.29163 ? 56  LEU A N   1 
ATOM   458  C CA  . LEU A 1 56  ? 0.35762   0.53622   2.13440   1.000 9.76985  ? 56  LEU A CA  1 
ATOM   459  C C   . LEU A 1 56  ? 1.42489   -0.19297  2.94441   1.000 12.02894 ? 56  LEU A C   1 
ATOM   460  O O   . LEU A 1 56  ? 1.62533   -1.39888  2.75088   1.000 10.03907 ? 56  LEU A O   1 
ATOM   461  C CB  . LEU A 1 56  ? 0.37434   0.12633   0.65619   1.000 9.51324  ? 56  LEU A CB  1 
ATOM   462  C CG  . LEU A 1 56  ? -0.95066  0.41339   -0.06410  1.000 10.68364 ? 56  LEU A CG  1 
ATOM   463  C CD1 . LEU A 1 56  ? -0.76748  0.32768   -1.57821  1.000 16.73610 ? 56  LEU A CD1 1 
ATOM   464  C CD2 . LEU A 1 56  ? -2.03557  -0.55125  0.40757   1.000 11.49259 ? 56  LEU A CD2 1 
ATOM   465  N N   . GLN A 1 57  ? 2.09984   0.50714   3.85762   1.000 9.65098  ? 57  GLN A N   1 
ATOM   466  C CA  . GLN A 1 57  ? 2.98552   -0.11643  4.84248   1.000 8.57304  ? 57  GLN A CA  1 
ATOM   467  C C   . GLN A 1 57  ? 3.99336   -1.06371  4.18928   1.000 11.33777 ? 57  GLN A C   1 
ATOM   468  O O   . GLN A 1 57  ? 4.15005   -2.22531  4.57890   1.000 10.98602 ? 57  GLN A O   1 
ATOM   469  C CB  . GLN A 1 57  ? 2.18655   -0.79037  5.95675   1.000 7.60566  ? 57  GLN A CB  1 
ATOM   470  C CG  . GLN A 1 57  ? 1.52151   0.22096   6.87640   1.000 8.04690  ? 57  GLN A CG  1 
ATOM   471  C CD  . GLN A 1 57  ? 2.52510   0.94948   7.74932   1.000 10.14522 ? 57  GLN A CD  1 
ATOM   472  O OE1 . GLN A 1 57  ? 2.92324   0.44792   8.79900   1.000 11.30129 ? 57  GLN A OE1 1 
ATOM   473  N NE2 . GLN A 1 57  ? 2.93866   2.13915   7.32177   1.000 8.83134  ? 57  GLN A NE2 1 
ATOM   474  N N   . ILE A 1 58  ? 4.68731   -0.53379  3.18355   1.000 8.68060  ? 58  ILE A N   1 
ATOM   475  C CA  . ILE A 1 58  ? 5.66943   -1.30197  2.42900   1.000 9.05555  ? 58  ILE A CA  1 
ATOM   476  C C   . ILE A 1 58  ? 6.93682   -1.47465  3.25569   1.000 9.73755  ? 58  ILE A C   1 
ATOM   477  O O   . ILE A 1 58  ? 7.42298   -0.53049  3.89398   1.000 10.11867 ? 58  ILE A O   1 
ATOM   478  C CB  . ILE A 1 58  ? 5.93022   -0.59956  1.08766   1.000 9.17928  ? 58  ILE A CB  1 
ATOM   479  C CG1 . ILE A 1 58  ? 4.70590   -0.77301  0.18104   1.000 11.92889 ? 58  ILE A CG1 1 
ATOM   480  C CG2 . ILE A 1 58  ? 7.18060   -1.12448  0.42878   1.000 12.26025 ? 58  ILE A CG2 1 
ATOM   481  C CD1 . ILE A 1 58  ? 4.70723   0.10726   -1.03295  1.000 12.30868 ? 58  ILE A CD1 1 
ATOM   482  N N   . ASN A 1 59  ? 7.47080   -2.69438  3.25746   1.000 10.85838 ? 59  ASN A N   1 
ATOM   483  C CA  . ASN A 1 59  ? 8.49419   -3.09895  4.21097   1.000 10.75769 ? 59  ASN A CA  1 
ATOM   484  C C   . ASN A 1 59  ? 9.89723   -2.90993  3.64800   1.000 10.20709 ? 59  ASN A C   1 
ATOM   485  O O   . ASN A 1 59  ? 10.16138  -3.19072  2.47339   1.000 13.92061 ? 59  ASN A O   1 
ATOM   486  C CB  . ASN A 1 59  ? 8.31361   -4.56503  4.59475   1.000 15.63584 ? 59  ASN A CB  1 
ATOM   487  C CG  . ASN A 1 59  ? 9.11636   -4.93766  5.81127   1.000 21.63777 ? 59  ASN A CG  1 
ATOM   488  O OD1 . ASN A 1 59  ? 10.26080  -5.34547  5.69766   1.000 32.81546 ? 59  ASN A OD1 1 
ATOM   489  N ND2 . ASN A 1 59  ? 8.51052   -4.82785  6.98481   1.000 34.44554 ? 59  ASN A ND2 1 
ATOM   490  N N   . SER A 1 60  ? 10.80459  -2.47255  4.52278   1.000 8.83107  ? 60  SER A N   1 
ATOM   491  C CA  . SER A 1 60  ? 12.19543  -2.22814  4.17101   1.000 8.95319  ? 60  SER A CA  1 
ATOM   492  C C   . SER A 1 60  ? 13.01501  -3.49992  3.97440   1.000 11.84481 ? 60  SER A C   1 
ATOM   493  O O   . SER A 1 60  ? 14.11706  -3.40670  3.43064   1.000 14.17266 ? 60  SER A O   1 
ATOM   494  C CB  . SER A 1 60  ? 12.82863  -1.31756  5.23261   1.000 7.70929  ? 60  SER A CB  1 
ATOM   495  O OG  . SER A 1 60  ? 12.94778  -1.98532  6.48235   1.000 10.09952 ? 60  SER A OG  1 
ATOM   496  N N   . ARG A 1 61  ? 12.52420  -4.67460  4.38164   1.000 13.27020 ? 61  ARG A N   1 
ATOM   497  C CA  . ARG A 1 61  ? 13.37753  -5.85729  4.23635   1.000 14.14524 ? 61  ARG A CA  1 
ATOM   498  C C   . ARG A 1 61  ? 13.54022  -6.25183  2.77656   1.000 19.00936 ? 61  ARG A C   1 
ATOM   499  O O   . ARG A 1 61  ? 14.56273  -6.83934  2.40814   1.000 17.54877 ? 61  ARG A O   1 
ATOM   500  C CB  . ARG A 1 61  ? 12.92181  -7.03191  5.11606   1.000 27.09505 ? 61  ARG A CB  1 
ATOM   501  C CG  . ARG A 1 61  ? 11.62846  -7.71865  4.72313   1.000 38.90216 ? 61  ARG A CG  1 
ATOM   502  C CD  . ARG A 1 61  ? 11.25629  -8.80848  5.72947   1.000 49.38483 ? 61  ARG A CD  1 
ATOM   503  N NE  . ARG A 1 61  ? 10.73977  -8.24644  6.97833   1.000 38.92876 ? 61  ARG A NE  1 
ATOM   504  C CZ  . ARG A 1 61  ? 9.62694   -8.64937  7.58416   1.000 43.61003 ? 61  ARG A CZ  1 
ATOM   505  N NH1 . ARG A 1 61  ? 8.89431   -9.62232  7.05857   1.000 54.87431 ? 61  ARG A NH1 1 
ATOM   506  N NH2 . ARG A 1 61  ? 9.24150   -8.07543  8.71804   1.000 38.95112 ? 61  ARG A NH2 1 
ATOM   507  N N   . TRP A 1 62  ? 12.57916  -5.89471  1.92551   0.961 12.33392 ? 62  TRP A N   1 
ATOM   508  C CA  . TRP A 1 62  ? 12.65698  -6.25363  0.51527   0.961 13.18121 ? 62  TRP A CA  1 
ATOM   509  C C   . TRP A 1 62  ? 12.55157  -5.06767  -0.43196  0.961 11.11275 ? 62  TRP A C   1 
ATOM   510  O O   . TRP A 1 62  ? 13.14868  -5.08239  -1.50930  0.961 11.27306 ? 62  TRP A O   1 
ATOM   511  C CB  . TRP A 1 62  ? 11.56003  -7.25705  0.15002   0.961 15.63453 ? 62  TRP A CB  1 
ATOM   512  C CG  . TRP A 1 62  ? 11.71510  -8.56932  0.82347   0.961 17.83861 ? 62  TRP A CG  1 
ATOM   513  C CD1 . TRP A 1 62  ? 10.89679  -9.10445  1.77252   0.961 23.78534 ? 62  TRP A CD1 1 
ATOM   514  C CD2 . TRP A 1 62  ? 12.76170  -9.51916  0.60936   0.961 25.97805 ? 62  TRP A CD2 1 
ATOM   515  N NE1 . TRP A 1 62  ? 11.36877  -10.33389 2.16171   0.961 30.43880 ? 62  TRP A NE1 1 
ATOM   516  C CE2 . TRP A 1 62  ? 12.51378  -10.60997 1.46153   0.961 27.00714 ? 62  TRP A CE2 1 
ATOM   517  C CE3 . TRP A 1 62  ? 13.88593  -9.55202  -0.22138  0.961 23.00642 ? 62  TRP A CE3 1 
ATOM   518  C CZ2 . TRP A 1 62  ? 13.34966  -11.72310 1.51083   0.961 37.68933 ? 62  TRP A CZ2 1 
ATOM   519  C CZ3 . TRP A 1 62  ? 14.71209  -10.65836 -0.17514  0.961 34.52867 ? 62  TRP A CZ3 1 
ATOM   520  C CH2 . TRP A 1 62  ? 14.43840  -11.73007 0.68267   0.961 38.23135 ? 62  TRP A CH2 1 
ATOM   521  N N   . TRP A 1 63  ? 11.78591  -4.04132  -0.06797  1.000 9.23680  ? 63  TRP A N   1 
ATOM   522  C CA  . TRP A 1 63  ? 11.22967  -3.17125  -1.09583  1.000 8.33823  ? 63  TRP A CA  1 
ATOM   523  C C   . TRP A 1 63  ? 11.81462  -1.77250  -1.16837  1.000 8.94030  ? 63  TRP A C   1 
ATOM   524  O O   . TRP A 1 63  ? 11.81753  -1.18281  -2.24823  1.000 11.71597 ? 63  TRP A O   1 
ATOM   525  C CB  . TRP A 1 63  ? 9.70622   -3.08607  -0.95136  1.000 9.51863  ? 63  TRP A CB  1 
ATOM   526  C CG  . TRP A 1 63  ? 9.08919   -4.44972  -0.96558  1.000 7.32487  ? 63  TRP A CG  1 
ATOM   527  C CD1 . TRP A 1 63  ? 8.53500   -5.11774  0.08564   1.000 13.00119 ? 63  TRP A CD1 1 
ATOM   528  C CD2 . TRP A 1 63  ? 8.99715   -5.32692  -2.09259  1.000 11.26113 ? 63  TRP A CD2 1 
ATOM   529  N NE1 . TRP A 1 63  ? 8.09076   -6.35524  -0.32049  1.000 14.38110 ? 63  TRP A NE1 1 
ATOM   530  C CE2 . TRP A 1 63  ? 8.36438   -6.50581  -1.65361  1.000 11.58293 ? 63  TRP A CE2 1 
ATOM   531  C CE3 . TRP A 1 63  ? 9.37625   -5.22298  -3.43464  1.000 12.76480 ? 63  TRP A CE3 1 
ATOM   532  C CZ2 . TRP A 1 63  ? 8.10756   -7.57632  -2.50817  1.000 13.74127 ? 63  TRP A CZ2 1 
ATOM   533  C CZ3 . TRP A 1 63  ? 9.12190   -6.28426  -4.27885  1.000 14.11995 ? 63  TRP A CZ3 1 
ATOM   534  C CH2 . TRP A 1 63  ? 8.49103   -7.44516  -3.81354  1.000 13.05594 ? 63  TRP A CH2 1 
ATOM   535  N N   . CYS A 1 64  ? 12.29293  -1.21704  -0.06228  1.000 9.91059  ? 64  CYS A N   1 
ATOM   536  C CA  . CYS A 1 64  ? 12.84360  0.12742   -0.08148  1.000 9.59034  ? 64  CYS A CA  1 
ATOM   537  C C   . CYS A 1 64  ? 14.07308  0.16037   0.80766   1.000 8.67978  ? 64  CYS A C   1 
ATOM   538  O O   . CYS A 1 64  ? 14.28683  -0.72668  1.63913   1.000 11.13580 ? 64  CYS A O   1 
ATOM   539  C CB  . CYS A 1 64  ? 11.81302  1.17742   0.34931   1.000 9.67190  ? 64  CYS A CB  1 
ATOM   540  S SG  . CYS A 1 64  ? 11.17808  0.95380   2.02466   1.000 9.14656  ? 64  CYS A SG  1 
ATOM   541  N N   . ASN A 1 65  ? 14.89350  1.18919   0.62192   1.000 9.57901  ? 65  ASN A N   1 
ATOM   542  C CA  . ASN A 1 65  ? 16.09580  1.34599   1.42371   1.000 9.86397  ? 65  ASN A CA  1 
ATOM   543  C C   . ASN A 1 65  ? 15.86658  2.39271   2.50144   1.000 8.45029  ? 65  ASN A C   1 
ATOM   544  O O   . ASN A 1 65  ? 15.54548  3.54646   2.19234   1.000 8.56317  ? 65  ASN A O   1 
ATOM   545  C CB  . ASN A 1 65  ? 17.30526  1.75497   0.59421   1.000 10.46380 ? 65  ASN A CB  1 
ATOM   546  C CG  . ASN A 1 65  ? 18.50496  2.03385   1.47358   1.000 10.99011 ? 65  ASN A CG  1 
ATOM   547  O OD1 . ASN A 1 65  ? 18.93222  1.16120   2.23308   1.000 13.64178 ? 65  ASN A OD1 1 
ATOM   548  N ND2 . ASN A 1 65  ? 19.00818  3.26209   1.43696   1.000 15.63297 ? 65  ASN A ND2 1 
ATOM   549  N N   . ASP A 1 66  ? 16.05664  1.99538   3.75698   1.000 8.70093  ? 66  ASP A N   1 
ATOM   550  C CA  . ASP A 1 66  ? 16.07671  2.94145   4.85995   1.000 9.70742  ? 66  ASP A CA  1 
ATOM   551  C C   . ASP A 1 66  ? 17.41654  2.99655   5.58255   1.000 12.04314 ? 66  ASP A C   1 
ATOM   552  O O   . ASP A 1 66  ? 17.53396  3.71188   6.58509   1.000 12.54051 ? 66  ASP A O   1 
ATOM   553  C CB  . ASP A 1 66  ? 14.90613  2.70966   5.83495   1.000 8.74236  ? 66  ASP A CB  1 
ATOM   554  C CG  . ASP A 1 66  ? 14.99259  1.38488   6.59522   1.000 8.71772  ? 66  ASP A CG  1 
ATOM   555  O OD1 . ASP A 1 66  ? 16.02445  0.66963   6.52566   1.000 8.70456  ? 66  ASP A OD1 1 
ATOM   556  O OD2 . ASP A 1 66  ? 14.00142  1.06817   7.28726   1.000 8.53092  ? 66  ASP A OD2 1 
ATOM   557  N N   . GLY A 1 67  ? 18.42333  2.26900   5.10098   1.000 11.45321 ? 67  GLY A N   1 
ATOM   558  C CA  . GLY A 1 67  ? 19.75507  2.31182   5.66495   1.000 12.89278 ? 67  GLY A CA  1 
ATOM   559  C C   . GLY A 1 67  ? 19.90956  1.64060   7.00613   1.000 12.97598 ? 67  GLY A C   1 
ATOM   560  O O   . GLY A 1 67  ? 21.00776  1.67721   7.57262   1.000 15.36838 ? 67  GLY A O   1 
ATOM   561  N N   . ARG A 1 68  ? 18.85116  1.03186   7.54234   1.000 9.57897  ? 68  ARG A N   1 
ATOM   562  C CA  . ARG A 1 68  ? 18.92487  0.46440   8.88154   1.000 10.09898 ? 68  ARG A CA  1 
ATOM   563  C C   . ARG A 1 68  ? 18.25386  -0.90116  8.96257   1.000 12.82353 ? 68  ARG A C   1 
ATOM   564  O O   . ARG A 1 68  ? 17.80761  -1.30976  10.03898  1.000 14.58360 ? 68  ARG A O   1 
ATOM   565  C CB  . ARG A 1 68  ? 18.33013  1.41331   9.92448   1.000 10.78758 ? 68  ARG A CB  1 
ATOM   566  C CG  . ARG A 1 68  ? 16.84330  1.68414   9.75552   1.000 11.96633 ? 68  ARG A CG  1 
ATOM   567  C CD  . ARG A 1 68  ? 16.28618  2.29509   11.02460  1.000 13.37616 ? 68  ARG A CD  1 
ATOM   568  N NE  . ARG A 1 68  ? 14.86365  2.04361   11.22171  1.000 21.65846 ? 68  ARG A NE  1 
ATOM   569  C CZ  . ARG A 1 68  ? 14.10737  2.74168   12.06457  1.000 19.15642 ? 68  ARG A CZ  1 
ATOM   570  N NH1 . ARG A 1 68  ? 12.81419  2.47390   12.20483  1.000 14.80215 ? 68  ARG A NH1 1 
ATOM   571  N NH2 . ARG A 1 68  ? 14.65424  3.71699   12.77320  1.000 19.97642 ? 68  ARG A NH2 1 
ATOM   572  N N   . THR A 1 69  ? 18.17504  -1.62248  7.84484   1.000 11.46212 ? 69  THR A N   1 
ATOM   573  C CA  . THR A 1 69  ? 17.61307  -2.97110  7.81852   1.000 12.05456 ? 69  THR A CA  1 
ATOM   574  C C   . THR A 1 69  ? 18.68301  -3.91461  7.28483   1.000 10.96711 ? 69  THR A C   1 
ATOM   575  O O   . THR A 1 69  ? 18.75270  -4.17050  6.07243   1.000 12.30892 ? 69  THR A O   1 
ATOM   576  C CB  . THR A 1 69  ? 16.34510  -3.02262  6.96794   1.000 12.09767 ? 69  THR A CB  1 
ATOM   577  O OG1 . THR A 1 69  ? 15.49332  -1.92433  7.32398   1.000 11.38223 ? 69  THR A OG1 1 
ATOM   578  C CG2 . THR A 1 69  ? 15.59932  -4.32646  7.21121   1.000 13.74352 ? 69  THR A CG2 1 
ATOM   579  N N   . PRO A 1 70  ? 19.53234  -4.45387  8.15798   1.000 12.58028 ? 70  PRO A N   1 
ATOM   580  C CA  . PRO A 1 70  ? 20.64809  -5.28910  7.69325   1.000 13.49918 ? 70  PRO A CA  1 
ATOM   581  C C   . PRO A 1 70  ? 20.19910  -6.45501  6.82721   1.000 19.44329 ? 70  PRO A C   1 
ATOM   582  O O   . PRO A 1 70  ? 19.21738  -7.14036  7.12427   1.000 21.00496 ? 70  PRO A O   1 
ATOM   583  C CB  . PRO A 1 70  ? 21.27566  -5.78135  9.00090   1.000 19.60445 ? 70  PRO A CB  1 
ATOM   584  C CG  . PRO A 1 70  ? 21.01373  -4.66852  9.96110   1.000 17.18526 ? 70  PRO A CG  1 
ATOM   585  C CD  . PRO A 1 70  ? 19.64877  -4.12807  9.59038   1.000 17.76593 ? 70  PRO A CD  1 
ATOM   586  N N   . GLY A 1 71  ? 20.94567  -6.67600  5.74603   1.000 16.63018 ? 71  GLY A N   1 
ATOM   587  C CA  . GLY A 1 71  ? 20.69381  -7.77564  4.84084   1.000 19.49667 ? 71  GLY A CA  1 
ATOM   588  C C   . GLY A 1 71  ? 19.51357  -7.58769  3.92819   1.000 19.51384 ? 71  GLY A C   1 
ATOM   589  O O   . GLY A 1 71  ? 19.17364  -8.51437  3.18393   1.000 23.30893 ? 71  GLY A O   1 
ATOM   590  N N   . SER A 1 72  ? 18.87615  -6.42291  3.95618   1.000 17.10019 ? 72  SER A N   1 
ATOM   591  C CA  . SER A 1 72  ? 17.66682  -6.20068  3.19325   1.000 18.82039 ? 72  SER A CA  1 
ATOM   592  C C   . SER A 1 72  ? 18.00134  -5.85669  1.74604   1.000 22.02227 ? 72  SER A C   1 
ATOM   593  O O   . SER A 1 72  ? 19.14792  -5.57323  1.38423   1.000 21.44892 ? 72  SER A O   1 
ATOM   594  C CB  . SER A 1 72  ? 16.85021  -5.07503  3.82029   1.000 18.96854 ? 72  SER A CB  1 
ATOM   595  O OG  . SER A 1 72  ? 17.48739  -3.82293  3.63320   1.000 19.13899 ? 72  SER A OG  1 
ATOM   596  N N   . ARG A 1 73  ? 16.96964  -5.88732  0.91218   1.000 16.01929 ? 73  ARG A N   1 
ATOM   597  C CA  . ARG A 1 73  ? 17.03809  -5.44135  -0.46784  1.000 16.21467 ? 73  ARG A CA  1 
ATOM   598  C C   . ARG A 1 73  ? 16.21222  -4.17105  -0.62969  1.000 15.51147 ? 73  ARG A C   1 
ATOM   599  O O   . ARG A 1 73  ? 15.53828  -3.71275  0.29875   1.000 17.25060 ? 73  ARG A O   1 
ATOM   600  C CB  . ARG A 1 73  ? 16.52854  -6.53728  -1.41189  1.000 17.16088 ? 73  ARG A CB  1 
ATOM   601  C CG  . ARG A 1 73  ? 17.20019  -7.88711  -1.19526  1.000 16.97369 ? 73  ARG A CG  1 
ATOM   602  C CD  . ARG A 1 73  ? 18.57974  -7.91581  -1.83514  1.000 20.58762 ? 73  ARG A CD  1 
ATOM   603  N NE  . ARG A 1 73  ? 18.50745  -7.70177  -3.27703  1.000 25.56896 ? 73  ARG A NE  1 
ATOM   604  C CZ  . ARG A 1 73  ? 18.28282  -8.66780  -4.16166  1.000 26.91420 ? 73  ARG A CZ  1 
ATOM   605  N NH1 . ARG A 1 73  ? 18.22873  -8.38609  -5.45501  1.000 32.78491 ? 73  ARG A NH1 1 
ATOM   606  N NH2 . ARG A 1 73  ? 18.11889  -9.91830  -3.75159  1.000 27.35981 ? 73  ARG A NH2 1 
ATOM   607  N N   . ASN A 1 74  ? 16.27376  -3.60392  -1.84088  1.000 15.49579 ? 74  ASN A N   1 
ATOM   608  C CA  . ASN A 1 74  ? 15.59701  -2.35608  -2.19174  1.000 12.35883 ? 74  ASN A CA  1 
ATOM   609  C C   . ASN A 1 74  ? 15.00619  -2.55388  -3.59196  1.000 11.72656 ? 74  ASN A C   1 
ATOM   610  O O   . ASN A 1 74  ? 15.38158  -1.90793  -4.56483  1.000 13.07052 ? 74  ASN A O   1 
ATOM   611  C CB  . ASN A 1 74  ? 16.56619  -1.16873  -2.13980  1.000 13.10968 ? 74  ASN A CB  1 
ATOM   612  C CG  . ASN A 1 74  ? 15.92664  0.14584   -2.57732  1.000 12.65335 ? 74  ASN A CG  1 
ATOM   613  O OD1 . ASN A 1 74  ? 14.70830  0.25608   -2.69551  1.000 13.01907 ? 74  ASN A OD1 1 
ATOM   614  N ND2 . ASN A 1 74  ? 16.76244  1.15437   -2.81991  1.000 14.93364 ? 74  ASN A ND2 1 
ATOM   615  N N   . LEU A 1 75  ? 14.04334  -3.47327  -3.69431  1.000 11.85343 ? 75  LEU A N   1 
ATOM   616  C CA  . LEU A 1 75  ? 13.58510  -3.91984  -5.00718  1.000 15.97710 ? 75  LEU A CA  1 
ATOM   617  C C   . LEU A 1 75  ? 12.77160  -2.86916  -5.74920  1.000 15.44761 ? 75  LEU A C   1 
ATOM   618  O O   . LEU A 1 75  ? 12.66891  -2.93916  -6.97950  1.000 16.81095 ? 75  LEU A O   1 
ATOM   619  C CB  . LEU A 1 75  ? 12.79637  -5.21754  -4.88136  1.000 14.58607 ? 75  LEU A CB  1 
ATOM   620  C CG  . LEU A 1 75  ? 13.64651  -6.38296  -4.38831  1.000 16.81894 ? 75  LEU A CG  1 
ATOM   621  C CD1 . LEU A 1 75  ? 12.75373  -7.53759  -4.00026  1.000 19.06329 ? 75  LEU A CD1 1 
ATOM   622  C CD2 . LEU A 1 75  ? 14.67297  -6.79302  -5.44265  1.000 21.24932 ? 75  LEU A CD2 1 
ATOM   623  N N   . CYS A 1 76  ? 12.18983  -1.90133  -5.04794  1.000 12.62671 ? 76  CYS A N   1 
ATOM   624  C CA  . CYS A 1 76  ? 11.50469  -0.81120  -5.72555  1.000 14.04559 ? 76  CYS A CA  1 
ATOM   625  C C   . CYS A 1 76  ? 12.44199  0.33788   -6.06444  1.000 12.21424 ? 76  CYS A C   1 
ATOM   626  O O   . CYS A 1 76  ? 12.00094  1.32949   -6.65771  1.000 15.58481 ? 76  CYS A O   1 
ATOM   627  C CB  . CYS A 1 76  ? 10.31965  -0.31907  -4.88506  1.000 12.34002 ? 76  CYS A CB  1 
ATOM   628  S SG  . CYS A 1 76  ? 9.03973   -1.58206  -4.71611  1.000 11.80848 ? 76  CYS A SG  1 
ATOM   629  N N   . ASN A 1 77  ? 13.72399  0.22228   -5.69590  1.000 13.29626 ? 77  ASN A N   1 
ATOM   630  C CA  . ASN A 1 77  ? 14.74801  1.21709   -6.03049  1.000 13.99214 ? 77  ASN A CA  1 
ATOM   631  C C   . ASN A 1 77  ? 14.35938  2.61625   -5.55523  1.000 13.73816 ? 77  ASN A C   1 
ATOM   632  O O   . ASN A 1 77  ? 14.43136  3.59443   -6.30357  1.000 17.40258 ? 77  ASN A O   1 
ATOM   633  C CB  . ASN A 1 77  ? 15.09027  1.19229   -7.52284  1.000 18.27977 ? 77  ASN A CB  1 
ATOM   634  C CG  . ASN A 1 77  ? 15.45595  -0.19778  -8.00731  1.000 26.31340 ? 77  ASN A CG  1 
ATOM   635  O OD1 . ASN A 1 77  ? 16.46667  -0.76384  -7.59272  1.000 34.03610 ? 77  ASN A OD1 1 
ATOM   636  N ND2 . ASN A 1 77  ? 14.62986  -0.75891  -8.88688  1.000 30.67401 ? 77  ASN A ND2 1 
ATOM   637  N N   . ILE A 1 78  ? 13.95258  2.70497   -4.29223  1.000 12.39597 ? 78  ILE A N   1 
ATOM   638  C CA  . ILE A 1 78  ? 13.50943  3.97545   -3.71090  1.000 11.63780 ? 78  ILE A CA  1 
ATOM   639  C C   . ILE A 1 78  ? 13.94072  4.03665   -2.25560  1.000 10.98327 ? 78  ILE A C   1 
ATOM   640  O O   . ILE A 1 78  ? 14.01155  3.02129   -1.55908  1.000 10.64324 ? 78  ILE A O   1 
ATOM   641  C CB  . ILE A 1 78  ? 11.97214  4.13413   -3.78010  1.000 11.39548 ? 78  ILE A CB  1 
ATOM   642  C CG1 . ILE A 1 78  ? 11.28740  2.84768   -3.31684  1.000 12.43285 ? 78  ILE A CG1 1 
ATOM   643  C CG2 . ILE A 1 78  ? 11.52683  4.54579   -5.17098  1.000 16.79939 ? 78  ILE A CG2 1 
ATOM   644  C CD1 . ILE A 1 78  ? 9.84121   3.04094   -2.90103  1.000 16.29949 ? 78  ILE A CD1 1 
ATOM   645  N N   . PRO A 1 79  ? 14.20907  5.24624   -1.77270  1.000 12.51946 ? 79  PRO A N   1 
ATOM   646  C CA  . PRO A 1 79  ? 14.31852  5.42140   -0.31925  1.000 10.68455 ? 79  PRO A CA  1 
ATOM   647  C C   . PRO A 1 79  ? 12.94943  5.21983   0.30144   1.000 8.96314  ? 79  PRO A C   1 
ATOM   648  O O   . PRO A 1 79  ? 11.92928  5.62704   -0.25949  1.000 10.45962 ? 79  PRO A O   1 
ATOM   649  C CB  . PRO A 1 79  ? 14.78579  6.87505   -0.15682  1.000 13.39956 ? 79  PRO A CB  1 
ATOM   650  C CG  . PRO A 1 79  ? 14.79816  7.48008   -1.52359  1.000 21.49085 ? 79  PRO A CG  1 
ATOM   651  C CD  . PRO A 1 79  ? 14.19912  6.52598   -2.49759  1.000 14.60692 ? 79  PRO A CD  1 
ATOM   652  N N   . CYS A 1 80  ? 12.93150  4.56245   1.46269   1.000 9.17125  ? 80  CYS A N   1 
ATOM   653  C CA  . CYS A 1 80  ? 11.66100  4.32408   2.13255   1.000 7.46803  ? 80  CYS A CA  1 
ATOM   654  C C   . CYS A 1 80  ? 10.92644  5.63035   2.40879   1.000 10.05167 ? 80  CYS A C   1 
ATOM   655  O O   . CYS A 1 80  ? 9.69043   5.66009   2.41498   1.000 9.97702  ? 80  CYS A O   1 
ATOM   656  C CB  . CYS A 1 80  ? 11.90058  3.55310   3.43042   1.000 7.38341  ? 80  CYS A CB  1 
ATOM   657  S SG  . CYS A 1 80  ? 12.55477  1.87699   3.20709   1.000 8.47486  ? 80  CYS A SG  1 
ATOM   658  N N   . SER A 1 81  ? 11.66950  6.72081   2.61441   1.000 8.68299  ? 81  SER A N   1 
ATOM   659  C CA  . SER A 1 81  ? 11.05108  8.02538   2.83922   1.000 8.67913  ? 81  SER A CA  1 
ATOM   660  C C   . SER A 1 81  ? 10.13450  8.44562   1.69089   1.000 11.24428 ? 81  SER A C   1 
ATOM   661  O O   . SER A 1 81  ? 9.12999   9.12659   1.92349   1.000 13.02358 ? 81  SER A O   1 
ATOM   662  C CB  . SER A 1 81  ? 12.14276  9.06094   3.11685   1.000 12.16988 ? 81  SER A CB  1 
ATOM   663  O OG  . SER A 1 81  ? 12.88569  9.33445   1.94077   1.000 14.04930 ? 81  SER A OG  1 
ATOM   664  N N   . ALA A 1 82  ? 10.44486  8.04024   0.45571   1.000 11.68902 ? 82  ALA A N   1 
ATOM   665  C CA  . ALA A 1 82  ? 9.57310   8.36610   -0.67130  1.000 11.49582 ? 82  ALA A CA  1 
ATOM   666  C C   . ALA A 1 82  ? 8.18512   7.76052   -0.51707  1.000 15.34184 ? 82  ALA A C   1 
ATOM   667  O O   . ALA A 1 82  ? 7.23232   8.23887   -1.14475  1.000 15.38887 ? 82  ALA A O   1 
ATOM   668  C CB  . ALA A 1 82  ? 10.20378  7.89424   -1.98322  1.000 15.37974 ? 82  ALA A CB  1 
ATOM   669  N N   . LEU A 1 83  ? 8.05397   6.71634   0.29583   1.000 9.22244  ? 83  LEU A N   1 
ATOM   670  C CA  . LEU A 1 83  ? 6.76686   6.09083   0.55916   1.000 12.30607 ? 83  LEU A CA  1 
ATOM   671  C C   . LEU A 1 83  ? 5.91665   6.87403   1.54875   1.000 11.59632 ? 83  LEU A C   1 
ATOM   672  O O   . LEU A 1 83  ? 4.78947   6.45664   1.83926   1.000 11.79088 ? 83  LEU A O   1 
ATOM   673  C CB  . LEU A 1 83  ? 6.98459   4.66657   1.06525   1.000 12.11899 ? 83  LEU A CB  1 
ATOM   674  C CG  . LEU A 1 83  ? 7.67903   3.73447   0.07062   1.000 13.78069 ? 83  LEU A CG  1 
ATOM   675  C CD1 . LEU A 1 83  ? 8.01737   2.40157   0.72038   1.000 11.65731 ? 83  LEU A CD1 1 
ATOM   676  C CD2 . LEU A 1 83  ? 6.78953   3.53131   -1.14393  1.000 15.60564 ? 83  LEU A CD2 1 
ATOM   677  N N   . LEU A 1 84  ? 6.41670   7.98838   2.07899   1.000 11.59678 ? 84  LEU A N   1 
ATOM   678  C CA  . LEU A 1 84  ? 5.67551   8.79095   3.04208   1.000 8.84722  ? 84  LEU A CA  1 
ATOM   679  C C   . LEU A 1 84  ? 5.14136   10.08186  2.44095   1.000 9.84335  ? 84  LEU A C   1 
ATOM   680  O O   . LEU A 1 84  ? 4.53783   10.88221  3.16436   1.000 11.88366 ? 84  LEU A O   1 
ATOM   681  C CB  . LEU A 1 84  ? 6.55613   9.12189   4.25540   1.000 11.95121 ? 84  LEU A CB  1 
ATOM   682  C CG  . LEU A 1 84  ? 7.16416   7.94864   5.02077   1.000 11.23387 ? 84  LEU A CG  1 
ATOM   683  C CD1 . LEU A 1 84  ? 7.88351   8.46191   6.25375   1.000 14.79126 ? 84  LEU A CD1 1 
ATOM   684  C CD2 . LEU A 1 84  ? 6.09702   6.93612   5.41669   1.000 9.84267  ? 84  LEU A CD2 1 
ATOM   685  N N   A SER A 1 85  ? 5.34569   10.29621  1.14777   0.502 13.84843 ? 85  SER A N   1 
ATOM   686  N N   B SER A 1 85  ? 5.33677   10.30291  1.14654   0.498 13.86308 ? 85  SER A N   1 
ATOM   687  C CA  A SER A 1 85  ? 4.96834   11.54168  0.50360   0.502 12.09418 ? 85  SER A CA  1 
ATOM   688  C CA  B SER A 1 85  ? 4.95545   11.56270  0.52777   0.498 12.14706 ? 85  SER A CA  1 
ATOM   689  C C   A SER A 1 85  ? 3.45108   11.67105  0.40451   0.502 13.87580 ? 85  SER A C   1 
ATOM   690  C C   B SER A 1 85  ? 3.43666   11.69911  0.43409   0.498 13.82925 ? 85  SER A C   1 
ATOM   691  O O   A SER A 1 85  ? 2.70713   10.68685  0.42105   0.502 13.35568 ? 85  SER A O   1 
ATOM   692  O O   B SER A 1 85  ? 2.68824   10.71982  0.47573   0.498 13.20810 ? 85  SER A O   1 
ATOM   693  C CB  A SER A 1 85  ? 5.57992   11.60638  -0.89533  0.502 13.64591 ? 85  SER A CB  1 
ATOM   694  C CB  B SER A 1 85  ? 5.56181   11.66565  -0.87229  0.498 13.71753 ? 85  SER A CB  1 
ATOM   695  O OG  A SER A 1 85  ? 5.03048   12.67469  -1.64155  0.502 10.34135 ? 85  SER A OG  1 
ATOM   696  O OG  B SER A 1 85  ? 5.44899   10.43657  -1.56647  0.498 17.35232 ? 85  SER A OG  1 
ATOM   697  N N   A SER A 1 86  ? 2.99363   12.92328  0.30374   0.502 13.44758 ? 86  SER A N   1 
ATOM   698  N N   B SER A 1 86  ? 2.98488   12.95167  0.30797   0.498 13.45145 ? 86  SER A N   1 
ATOM   699  C CA  A SER A 1 86  ? 1.57787   13.16974  0.05798   0.502 13.58075 ? 86  SER A CA  1 
ATOM   700  C CA  B SER A 1 86  ? 1.57102   13.19914  0.05053   0.498 13.58950 ? 86  SER A CA  1 
ATOM   701  C C   A SER A 1 86  ? 1.15832   12.66968  -1.31709  0.502 16.33871 ? 86  SER A C   1 
ATOM   702  C C   B SER A 1 86  ? 1.15721   12.67617  -1.31843  0.498 16.35124 ? 86  SER A C   1 
ATOM   703  O O   A SER A 1 86  ? -0.00964  12.31750  -1.52140  0.502 15.01334 ? 86  SER A O   1 
ATOM   704  O O   B SER A 1 86  ? -0.00887  12.31153  -1.51878  0.498 14.99641 ? 86  SER A O   1 
ATOM   705  C CB  A SER A 1 86  ? 1.27339   14.65953  0.20828   0.502 16.18369 ? 86  SER A CB  1 
ATOM   706  C CB  B SER A 1 86  ? 1.26656   14.69274  0.16938   0.498 16.19118 ? 86  SER A CB  1 
ATOM   707  O OG  A SER A 1 86  ? 1.29803   15.03684  1.57409   0.502 20.33147 ? 86  SER A OG  1 
ATOM   708  O OG  B SER A 1 86  ? 2.14242   15.46018  -0.63706  0.498 14.44088 ? 86  SER A OG  1 
ATOM   709  N N   . ASP A 1 87  ? 2.09062   12.62822  -2.26271  1.000 12.22978 ? 87  ASP A N   1 
ATOM   710  C CA  . ASP A 1 87  ? 1.84795   12.06527  -3.58243  1.000 13.90442 ? 87  ASP A CA  1 
ATOM   711  C C   . ASP A 1 87  ? 2.11102   10.56703  -3.49599  1.000 13.18118 ? 87  ASP A C   1 
ATOM   712  O O   . ASP A 1 87  ? 3.19608   10.14844  -3.07939  1.000 12.28431 ? 87  ASP A O   1 
ATOM   713  C CB  . ASP A 1 87  ? 2.80417   12.71301  -4.58287  1.000 19.41120 ? 87  ASP A CB  1 
ATOM   714  C CG  . ASP A 1 87  ? 2.54578   12.28338  -6.01184  1.000 27.40139 ? 87  ASP A CG  1 
ATOM   715  O OD1 . ASP A 1 87  ? 2.46848   11.06620  -6.27128  1.000 17.43293 ? 87  ASP A OD1 1 
ATOM   716  O OD2 . ASP A 1 87  ? 2.42581   13.16887  -6.88289  1.000 28.80871 ? 87  ASP A OD2 1 
ATOM   717  N N   . ILE A 1 88  ? 1.12691   9.76180   -3.88949  1.000 13.51453 ? 88  ILE A N   1 
ATOM   718  C CA  . ILE A 1 88  ? 1.19651   8.32288   -3.64195  1.000 11.08680 ? 88  ILE A CA  1 
ATOM   719  C C   . ILE A 1 88  ? 1.87821   7.56052   -4.76913  1.000 13.24655 ? 88  ILE A C   1 
ATOM   720  O O   . ILE A 1 88  ? 1.87913   6.32568   -4.75900  1.000 11.66944 ? 88  ILE A O   1 
ATOM   721  C CB  . ILE A 1 88  ? -0.19375  7.72507   -3.34667  1.000 10.09975 ? 88  ILE A CB  1 
ATOM   722  C CG1 . ILE A 1 88  ? -1.09297  7.77699   -4.59119  1.000 11.35263 ? 88  ILE A CG1 1 
ATOM   723  C CG2 . ILE A 1 88  ? -0.84345  8.44077   -2.16822  1.000 15.85650 ? 88  ILE A CG2 1 
ATOM   724  C CD1 . ILE A 1 88  ? -2.34544  6.92995   -4.45957  1.000 10.78086 ? 88  ILE A CD1 1 
ATOM   725  N N   . THR A 1 89  ? 2.47720   8.27658   -5.73132  1.000 12.61419 ? 89  THR A N   1 
ATOM   726  C CA  . THR A 1 89  ? 3.04943   7.62170   -6.91004  1.000 11.60796 ? 89  THR A CA  1 
ATOM   727  C C   . THR A 1 89  ? 4.05422   6.53803   -6.52529  1.000 14.89721 ? 89  THR A C   1 
ATOM   728  O O   . THR A 1 89  ? 3.97461   5.40479   -7.01046  1.000 12.38543 ? 89  THR A O   1 
ATOM   729  C CB  . THR A 1 89  ? 3.71091   8.65263   -7.82765  1.000 14.08823 ? 89  THR A CB  1 
ATOM   730  O OG1 . THR A 1 89  ? 2.71987   9.55082   -8.33530  1.000 16.51611 ? 89  THR A OG1 1 
ATOM   731  C CG2 . THR A 1 89  ? 4.40408   7.96148   -8.99847  1.000 19.31279 ? 89  THR A CG2 1 
ATOM   732  N N   . ALA A 1 90  ? 5.01237   6.86913   -5.65424  1.000 11.54931 ? 90  ALA A N   1 
ATOM   733  C CA  . ALA A 1 90  ? 6.02948   5.88747   -5.28676  1.000 12.31046 ? 90  ALA A CA  1 
ATOM   734  C C   . ALA A 1 90  ? 5.40683   4.67421   -4.61074  1.000 12.29148 ? 90  ALA A C   1 
ATOM   735  O O   . ALA A 1 90  ? 5.78390   3.53164   -4.89908  1.000 11.82959 ? 90  ALA A O   1 
ATOM   736  C CB  . ALA A 1 90  ? 7.08811   6.52697   -4.38792  1.000 13.62224 ? 90  ALA A CB  1 
ATOM   737  N N   . SER A 1 91  ? 4.44070   4.89903   -3.71692  1.000 9.78727  ? 91  SER A N   1 
ATOM   738  C CA  . SER A 1 91  ? 3.79864   3.78077   -3.03499  1.000 9.82497  ? 91  SER A CA  1 
ATOM   739  C C   . SER A 1 91  ? 3.03080   2.90595   -4.01676  1.000 10.02156 ? 91  SER A C   1 
ATOM   740  O O   . SER A 1 91  ? 3.06492   1.67243   -3.92164  1.000 10.18916 ? 91  SER A O   1 
ATOM   741  C CB  . SER A 1 91  ? 2.86901   4.30513   -1.93780  1.000 13.08234 ? 91  SER A CB  1 
ATOM   742  O OG  . SER A 1 91  ? 3.59039   4.57698   -0.74388  1.000 10.06849 ? 91  SER A OG  1 
ATOM   743  N N   . VAL A 1 92  ? 2.33301   3.52449   -4.96972  1.000 11.41952 ? 92  VAL A N   1 
ATOM   744  C CA  . VAL A 1 92  ? 1.58081   2.75267   -5.95486  1.000 10.46674 ? 92  VAL A CA  1 
ATOM   745  C C   . VAL A 1 92  ? 2.52527   1.94909   -6.84013  1.000 13.56660 ? 92  VAL A C   1 
ATOM   746  O O   . VAL A 1 92  ? 2.31474   0.75079   -7.07473  1.000 11.82294 ? 92  VAL A O   1 
ATOM   747  C CB  . VAL A 1 92  ? 0.66659   3.67664   -6.77908  1.000 11.06504 ? 92  VAL A CB  1 
ATOM   748  C CG1 . VAL A 1 92  ? 0.11020   2.93015   -7.97848  1.000 13.13955 ? 92  VAL A CG1 1 
ATOM   749  C CG2 . VAL A 1 92  ? -0.46147  4.20284   -5.90904  1.000 13.34857 ? 92  VAL A CG2 1 
ATOM   750  N N   . ASN A 1 93  ? 3.57926   2.59212   -7.34967  1.000 10.62403 ? 93  ASN A N   1 
ATOM   751  C CA  . ASN A 1 93  ? 4.50577   1.88782   -8.23270  1.000 11.09840 ? 93  ASN A CA  1 
ATOM   752  C C   . ASN A 1 93  ? 5.16051   0.71147   -7.52481  1.000 12.77797 ? 93  ASN A C   1 
ATOM   753  O O   . ASN A 1 93  ? 5.35214   -0.35809  -8.11732  1.000 13.02633 ? 93  ASN A O   1 
ATOM   754  C CB  . ASN A 1 93  ? 5.56964   2.84871   -8.75983  1.000 17.73869 ? 93  ASN A CB  1 
ATOM   755  C CG  . ASN A 1 93  ? 5.01778   3.81848   -9.78417  1.000 21.96223 ? 93  ASN A CG  1 
ATOM   756  O OD1 . ASN A 1 93  ? 3.87967   3.68099   -10.23523 1.000 26.11400 ? 93  ASN A OD1 1 
ATOM   757  N ND2 . ASN A 1 93  ? 5.82133   4.80941   -10.15449 1.000 24.98366 ? 93  ASN A ND2 1 
ATOM   758  N N   . CYS A 1 94  ? 5.52063   0.89663   -6.25564  1.000 10.11431 ? 94  CYS A N   1 
ATOM   759  C CA  . CYS A 1 94  ? 6.13290   -0.19060  -5.50490  1.000 10.13435 ? 94  CYS A CA  1 
ATOM   760  C C   . CYS A 1 94  ? 5.11507   -1.28129  -5.18583  1.000 11.26153 ? 94  CYS A C   1 
ATOM   761  O O   . CYS A 1 94  ? 5.42462   -2.47635  -5.28197  1.000 10.56634 ? 94  CYS A O   1 
ATOM   762  C CB  . CYS A 1 94  ? 6.77342   0.35694   -4.22724  1.000 11.33508 ? 94  CYS A CB  1 
ATOM   763  S SG  . CYS A 1 94  ? 7.76728   -0.83766  -3.32777  1.000 11.04827 ? 94  CYS A SG  1 
ATOM   764  N N   . ALA A 1 95  ? 3.89011   -0.88882  -4.81675  1.000 10.86091 ? 95  ALA A N   1 
ATOM   765  C CA  . ALA A 1 95  ? 2.84154   -1.87354  -4.56699  1.000 8.80896  ? 95  ALA A CA  1 
ATOM   766  C C   . ALA A 1 95  ? 2.55166   -2.71955  -5.79981  1.000 9.78341  ? 95  ALA A C   1 
ATOM   767  O O   . ALA A 1 95  ? 2.22472   -3.90326  -5.67342  1.000 11.21708 ? 95  ALA A O   1 
ATOM   768  C CB  . ALA A 1 95  ? 1.56483   -1.18448  -4.08309  1.000 10.08063 ? 95  ALA A CB  1 
ATOM   769  N N   . LYS A 1 96  ? 2.65724   -2.13785  -6.99763  1.000 8.55703  ? 96  LYS A N   1 
ATOM   770  C CA  . LYS A 1 96  ? 2.48841   -2.93512  -8.21036  1.000 8.36104  ? 96  LYS A CA  1 
ATOM   771  C C   . LYS A 1 96  ? 3.53652   -4.03819  -8.29379  1.000 9.03930  ? 96  LYS A C   1 
ATOM   772  O O   . LYS A 1 96  ? 3.23100   -5.16549  -8.70053  1.000 13.19845 ? 96  LYS A O   1 
ATOM   773  C CB  . LYS A 1 96  ? 2.54929   -2.03191  -9.44233  1.000 12.24546 ? 96  LYS A CB  1 
ATOM   774  C CG  . LYS A 1 96  ? 1.29007   -1.21533  -9.65509  1.000 13.72248 ? 96  LYS A CG  1 
ATOM   775  C CD  . LYS A 1 96  ? 1.46372   -0.22676  -10.78721 1.000 14.64345 ? 96  LYS A CD  1 
ATOM   776  C CE  . LYS A 1 96  ? 0.18553   0.56576   -11.01599 1.000 16.47837 ? 96  LYS A CE  1 
ATOM   777  N NZ  . LYS A 1 96  ? 0.35646   1.59456   -12.07930 1.000 21.78137 ? 96  LYS A NZ  1 
ATOM   778  N N   . LYS A 1 97  ? 4.77964   -3.73429  -7.91624  1.000 9.42410  ? 97  LYS A N   1 
ATOM   779  C CA  . LYS A 1 97  ? 5.81072   -4.76916  -7.91224  1.000 9.46397  ? 97  LYS A CA  1 
ATOM   780  C C   . LYS A 1 97  ? 5.51410   -5.82973  -6.86063  1.000 12.32297 ? 97  LYS A C   1 
ATOM   781  O O   . LYS A 1 97  ? 5.66879   -7.03092  -7.11593  1.000 11.79352 ? 97  LYS A O   1 
ATOM   782  C CB  . LYS A 1 97  ? 7.17934   -4.13098  -7.66468  1.000 13.19393 ? 97  LYS A CB  1 
ATOM   783  C CG  . LYS A 1 97  ? 8.35353   -4.94476  -8.18408  1.000 27.86354 ? 97  LYS A CG  1 
ATOM   784  C CD  . LYS A 1 97  ? 9.65875   -4.16526  -8.07163  1.000 27.70733 ? 97  LYS A CD  1 
ATOM   785  C CE  . LYS A 1 97  ? 9.91539   -3.32732  -9.31764  1.000 44.26017 ? 97  LYS A CE  1 
ATOM   786  N NZ  . LYS A 1 97  ? 10.74871  -2.13022  -9.01438  1.000 49.44031 ? 97  LYS A NZ  1 
ATOM   787  N N   . ILE A 1 98  ? 5.06982   -5.40371  -5.67548  1.000 8.81736  ? 98  ILE A N   1 
ATOM   788  C CA  . ILE A 1 98  ? 4.80786   -6.34379  -4.58652  1.000 8.63480  ? 98  ILE A CA  1 
ATOM   789  C C   . ILE A 1 98  ? 3.69321   -7.30774  -4.96706  1.000 10.88992 ? 98  ILE A C   1 
ATOM   790  O O   . ILE A 1 98  ? 3.81872   -8.52678  -4.80925  1.000 10.45846 ? 98  ILE A O   1 
ATOM   791  C CB  . ILE A 1 98  ? 4.47563   -5.58374  -3.29103  1.000 10.53368 ? 98  ILE A CB  1 
ATOM   792  C CG1 . ILE A 1 98  ? 5.66354   -4.72657  -2.85743  1.000 10.13043 ? 98  ILE A CG1 1 
ATOM   793  C CG2 . ILE A 1 98  ? 4.06472   -6.55523  -2.19279  1.000 12.81336 ? 98  ILE A CG2 1 
ATOM   794  C CD1 . ILE A 1 98  ? 5.34312   -3.78238  -1.71633  1.000 11.21945 ? 98  ILE A CD1 1 
ATOM   795  N N   . VAL A 1 99  ? 2.56965   -6.77074  -5.44678  1.000 9.65091  ? 99  VAL A N   1 
ATOM   796  C CA  . VAL A 1 99  ? 1.42367   -7.60513  -5.78274  1.000 11.26869 ? 99  VAL A CA  1 
ATOM   797  C C   . VAL A 1 99  ? 1.69019   -8.51980  -6.96874  1.000 12.87378 ? 99  VAL A C   1 
ATOM   798  O O   . VAL A 1 99  ? 0.93471   -9.47617  -7.18463  1.000 12.68736 ? 99  VAL A O   1 
ATOM   799  C CB  . VAL A 1 99  ? 0.17755   -6.71247  -5.96432  1.000 10.05691 ? 99  VAL A CB  1 
ATOM   800  C CG1 . VAL A 1 99  ? 0.24288   -5.96882  -7.29522  1.000 9.73255  ? 99  VAL A CG1 1 
ATOM   801  C CG2 . VAL A 1 99  ? -1.10601  -7.52346  -5.83695  1.000 10.88476 ? 99  VAL A CG2 1 
ATOM   802  N N   . SER A 1 100 ? 2.74833   -8.25577  -7.73516  1.000 13.64034 ? 100 SER A N   1 
ATOM   803  C CA  . SER A 1 100 ? 3.16022   -9.10667  -8.84531  1.000 12.81668 ? 100 SER A CA  1 
ATOM   804  C C   . SER A 1 100 ? 4.16076   -10.18095 -8.43640  1.000 13.94711 ? 100 SER A C   1 
ATOM   805  O O   . SER A 1 100 ? 4.58680   -10.96498 -9.28942  1.000 18.71635 ? 100 SER A O   1 
ATOM   806  C CB  . SER A 1 100 ? 3.76834   -8.25720  -9.96895  1.000 12.72497 ? 100 SER A CB  1 
ATOM   807  O OG  . SER A 1 100 ? 2.87189   -7.25970  -10.42596 1.000 14.24548 ? 100 SER A OG  1 
ATOM   808  N N   . ASP A 1 101 ? 4.54202   -10.24186 -7.16136  1.000 14.29678 ? 101 ASP A N   1 
ATOM   809  C CA  . ASP A 1 101 ? 5.65846   -11.07917 -6.73412  1.000 13.89468 ? 101 ASP A CA  1 
ATOM   810  C C   . ASP A 1 101 ? 5.30159   -12.55600 -6.62375  1.000 19.79298 ? 101 ASP A C   1 
ATOM   811  O O   . ASP A 1 101 ? 6.20769   -13.37922 -6.46257  1.000 21.18873 ? 101 ASP A O   1 
ATOM   812  C CB  . ASP A 1 101 ? 6.22699   -10.56426 -5.40416  1.000 18.14140 ? 101 ASP A CB  1 
ATOM   813  C CG  . ASP A 1 101 ? 7.62414   -11.09279 -5.11436  1.000 27.16419 ? 101 ASP A CG  1 
ATOM   814  O OD1 . ASP A 1 101 ? 7.82772   -11.66550 -4.02365  1.000 33.19293 ? 101 ASP A OD1 1 
ATOM   815  O OD2 . ASP A 1 101 ? 8.51510   -10.93384 -5.97669  1.000 30.74421 ? 101 ASP A OD2 1 
ATOM   816  N N   . GLY A 1 102 ? 4.02175   -12.91510 -6.70586  1.000 16.02838 ? 102 GLY A N   1 
ATOM   817  C CA  . GLY A 1 102 ? 3.64112   -14.31498 -6.66614  1.000 17.26668 ? 102 GLY A CA  1 
ATOM   818  C C   . GLY A 1 102 ? 2.45461   -14.62871 -5.77269  1.000 15.15951 ? 102 GLY A C   1 
ATOM   819  O O   . GLY A 1 102 ? 1.66270   -15.52321 -6.08182  1.000 16.45880 ? 102 GLY A O   1 
ATOM   820  N N   . ASN A 1 103 ? 2.31515   -13.90863 -4.66203  1.000 12.88599 ? 103 ASN A N   1 
ATOM   821  C CA  . ASN A 1 103 ? 1.26037   -14.19055 -3.69621  1.000 10.96541 ? 103 ASN A CA  1 
ATOM   822  C C   . ASN A 1 103 ? 0.13663   -13.16569 -3.73594  1.000 11.13868 ? 103 ASN A C   1 
ATOM   823  O O   . ASN A 1 103 ? -0.73107  -13.17558 -2.85487  1.000 10.24161 ? 103 ASN A O   1 
ATOM   824  C CB  . ASN A 1 103 ? 1.84358   -14.31553 -2.28837  1.000 16.08924 ? 103 ASN A CB  1 
ATOM   825  C CG  . ASN A 1 103 ? 2.80271   -15.47924 -2.16967  1.000 21.22158 ? 103 ASN A CG  1 
ATOM   826  O OD1 . ASN A 1 103 ? 3.96643   -15.30679 -1.80199  1.000 31.32369 ? 103 ASN A OD1 1 
ATOM   827  N ND2 . ASN A 1 103 ? 2.32617   -16.66950 -2.50147  1.000 22.28319 ? 103 ASN A ND2 1 
ATOM   828  N N   . GLY A 1 104 ? 0.12228   -12.30052 -4.74432  1.000 9.15961  ? 104 GLY A N   1 
ATOM   829  C CA  . GLY A 1 104 ? -0.94625  -11.32761 -4.86748  1.000 8.43270  ? 104 GLY A CA  1 
ATOM   830  C C   . GLY A 1 104 ? -0.99099  -10.42063 -3.65568  1.000 9.14647  ? 104 GLY A C   1 
ATOM   831  O O   . GLY A 1 104 ? 0.03748   -10.03653 -3.09036  1.000 10.38519 ? 104 GLY A O   1 
ATOM   832  N N   . MET A 1 105 ? -2.20090  -10.08587 -3.22534  1.000 7.93372  ? 105 MET A N   1 
ATOM   833  C CA  . MET A 1 105 ? -2.31887  -9.16369  -2.10757  1.000 8.09572  ? 105 MET A CA  1 
ATOM   834  C C   . MET A 1 105 ? -2.08919  -9.82754  -0.75489  1.000 9.72113  ? 105 MET A C   1 
ATOM   835  O O   . MET A 1 105 ? -2.06432  -9.12682  0.26180   1.000 8.69079  ? 105 MET A O   1 
ATOM   836  C CB  . MET A 1 105 ? -3.65413  -8.41805  -2.15928  1.000 7.87544  ? 105 MET A CB  1 
ATOM   837  C CG  . MET A 1 105 ? -3.66765  -7.30794  -3.20165  1.000 10.39153 ? 105 MET A CG  1 
ATOM   838  S SD  . MET A 1 105 ? -5.05151  -6.16608  -3.05268  1.000 8.90146  ? 105 MET A SD  1 
ATOM   839  C CE  . MET A 1 105 ? -4.52284  -5.18487  -1.64311  1.000 9.24094  ? 105 MET A CE  1 
ATOM   840  N N   . ASN A 1 106 ? -1.88869  -11.15001 -0.71803  1.000 8.47743  ? 106 ASN A N   1 
ATOM   841  C CA  . ASN A 1 106 ? -1.54823  -11.81291 0.53659   1.000 8.16157  ? 106 ASN A CA  1 
ATOM   842  C C   . ASN A 1 106 ? -0.24419  -11.28881 1.12554   1.000 9.02393  ? 106 ASN A C   1 
ATOM   843  O O   . ASN A 1 106 ? 0.01470   -11.50997 2.31175   1.000 12.36498 ? 106 ASN A O   1 
ATOM   844  C CB  . ASN A 1 106 ? -1.46399  -13.32833 0.34601   1.000 10.24447 ? 106 ASN A CB  1 
ATOM   845  C CG  . ASN A 1 106 ? -2.79781  -13.94173 -0.01998  1.000 11.16279 ? 106 ASN A CG  1 
ATOM   846  O OD1 . ASN A 1 106 ? -3.73654  -13.93755 0.77913   1.000 13.24075 ? 106 ASN A OD1 1 
ATOM   847  N ND2 . ASN A 1 106 ? -2.89235  -14.47136 -1.23508  1.000 12.28007 ? 106 ASN A ND2 1 
ATOM   848  N N   . ALA A 1 107 ? 0.58118   -10.60581 0.32108   1.000 9.72911  ? 107 ALA A N   1 
ATOM   849  C CA  . ALA A 1 107 ? 1.78178   -9.96700  0.85409   1.000 9.83674  ? 107 ALA A CA  1 
ATOM   850  C C   . ALA A 1 107 ? 1.44220   -8.96128  1.94462   1.000 12.37500 ? 107 ALA A C   1 
ATOM   851  O O   . ALA A 1 107 ? 2.26356   -8.70576  2.83040   1.000 15.73393 ? 107 ALA A O   1 
ATOM   852  C CB  . ALA A 1 107 ? 2.56058   -9.28483  -0.27064  1.000 13.81482 ? 107 ALA A CB  1 
ATOM   853  N N   . TRP A 1 108 ? 0.25275   -8.36942  1.89131   1.000 9.04383  ? 108 TRP A N   1 
ATOM   854  C CA  . TRP A 1 108 ? -0.22907  -7.49438  2.95667   1.000 9.12600  ? 108 TRP A CA  1 
ATOM   855  C C   . TRP A 1 108 ? -1.03094  -8.35659  3.92016   1.000 11.18472 ? 108 TRP A C   1 
ATOM   856  O O   . TRP A 1 108 ? -2.17747  -8.71380  3.64194   1.000 11.56469 ? 108 TRP A O   1 
ATOM   857  C CB  . TRP A 1 108 ? -1.08276  -6.37065  2.38109   1.000 11.71273 ? 108 TRP A CB  1 
ATOM   858  C CG  . TRP A 1 108 ? -0.29511  -5.34664  1.62234   1.000 11.16765 ? 108 TRP A CG  1 
ATOM   859  C CD1 . TRP A 1 108 ? 0.33030   -4.24497  2.13801   1.000 10.38106 ? 108 TRP A CD1 1 
ATOM   860  C CD2 . TRP A 1 108 ? -0.03378  -5.33205  0.21294   1.000 10.16890 ? 108 TRP A CD2 1 
ATOM   861  N NE1 . TRP A 1 108 ? 0.95800   -3.54420  1.13640   1.000 9.43608  ? 108 TRP A NE1 1 
ATOM   862  C CE2 . TRP A 1 108 ? 0.75548   -4.19232  -0.05368  1.000 10.33262 ? 108 TRP A CE2 1 
ATOM   863  C CE3 . TRP A 1 108 ? -0.38549  -6.17507  -0.85006  1.000 9.11569  ? 108 TRP A CE3 1 
ATOM   864  C CZ2 . TRP A 1 108 ? 1.18623   -3.86537  -1.33835  1.000 9.77643  ? 108 TRP A CZ2 1 
ATOM   865  C CZ3 . TRP A 1 108 ? 0.04733   -5.85063  -2.12921  1.000 8.97067  ? 108 TRP A CZ3 1 
ATOM   866  C CH2 . TRP A 1 108 ? 0.83096   -4.70755  -2.35939  1.000 8.82847  ? 108 TRP A CH2 1 
ATOM   867  N N   . VAL A 1 109 ? -0.42804  -8.69842  5.06117   1.000 13.01861 ? 109 VAL A N   1 
ATOM   868  C CA  . VAL A 1 109 ? -1.10005  -9.58529  6.00752   1.000 12.94892 ? 109 VAL A CA  1 
ATOM   869  C C   . VAL A 1 109 ? -2.41492  -8.98113  6.48914   1.000 11.66394 ? 109 VAL A C   1 
ATOM   870  O O   . VAL A 1 109 ? -3.40210  -9.70048  6.67326   1.000 13.72316 ? 109 VAL A O   1 
ATOM   871  C CB  . VAL A 1 109 ? -0.16026  -9.98124  7.16348   1.000 16.35920 ? 109 VAL A CB  1 
ATOM   872  C CG1 . VAL A 1 109 ? -0.90174  -10.82949 8.18997   1.000 22.64871 ? 109 VAL A CG1 1 
ATOM   873  C CG2 . VAL A 1 109 ? 1.04929   -10.73703 6.62102   1.000 22.97268 ? 109 VAL A CG2 1 
ATOM   874  N N   . ALA A 1 110 ? -2.46539  -7.65734  6.65690   1.000 14.17829 ? 110 ALA A N   1 
ATOM   875  C CA  . ALA A 1 110 ? -3.72270  -7.02602  7.04746   1.000 12.74908 ? 110 ALA A CA  1 
ATOM   876  C C   . ALA A 1 110 ? -4.78336  -7.15163  5.96134   1.000 12.11219 ? 110 ALA A C   1 
ATOM   877  O O   . ALA A 1 110 ? -5.97431  -7.25020  6.27491   1.000 11.31589 ? 110 ALA A O   1 
ATOM   878  C CB  . ALA A 1 110 ? -3.50160  -5.56065  7.42286   1.000 14.27758 ? 110 ALA A CB  1 
ATOM   879  N N   . TRP A 1 111 ? -4.38649  -7.15229  4.68449   1.000 9.11316  ? 111 TRP A N   1 
ATOM   880  C CA  . TRP A 1 111 ? -5.36756  -7.42504  3.63560   1.000 9.18050  ? 111 TRP A CA  1 
ATOM   881  C C   . TRP A 1 111 ? -5.91109  -8.84197  3.76234   1.000 9.70000  ? 111 TRP A C   1 
ATOM   882  O O   . TRP A 1 111 ? -7.12622  -9.06147  3.71108   1.000 9.44066  ? 111 TRP A O   1 
ATOM   883  C CB  . TRP A 1 111 ? -4.77866  -7.19623  2.23901   1.000 11.07489 ? 111 TRP A CB  1 
ATOM   884  C CG  . TRP A 1 111 ? -5.75935  -7.58411  1.14771   1.000 8.04832  ? 111 TRP A CG  1 
ATOM   885  C CD1 . TRP A 1 111 ? -6.72796  -6.78795  0.60082   1.000 9.42551  ? 111 TRP A CD1 1 
ATOM   886  C CD2 . TRP A 1 111 ? -5.88791  -8.86472  0.50774   1.000 7.96858  ? 111 TRP A CD2 1 
ATOM   887  N NE1 . TRP A 1 111 ? -7.43863  -7.48905  -0.34390  1.000 8.83735  ? 111 TRP A NE1 1 
ATOM   888  C CE2 . TRP A 1 111 ? -6.94871  -8.76494  -0.41665  1.000 7.68718  ? 111 TRP A CE2 1 
ATOM   889  C CE3 . TRP A 1 111 ? -5.20698  -10.08476 0.62266   1.000 9.27315  ? 111 TRP A CE3 1 
ATOM   890  C CZ2 . TRP A 1 111 ? -7.33885  -9.83042  -1.22743  1.000 10.19099 ? 111 TRP A CZ2 1 
ATOM   891  C CZ3 . TRP A 1 111 ? -5.59550  -11.14138 -0.18180  1.000 10.57909 ? 111 TRP A CZ3 1 
ATOM   892  C CH2 . TRP A 1 111 ? -6.65493  -11.00827 -1.09407  1.000 10.05058 ? 111 TRP A CH2 1 
ATOM   893  N N   . ARG A 1 112 ? -5.02066  -9.82333  3.92391   1.000 9.52676  ? 112 ARG A N   1 
ATOM   894  C CA  . ARG A 1 112 ? -5.47869  -11.20192 4.05173   1.000 9.56791  ? 112 ARG A CA  1 
ATOM   895  C C   . ARG A 1 112 ? -6.39505  -11.36582 5.25534   1.000 11.91914 ? 112 ARG A C   1 
ATOM   896  O O   . ARG A 1 112 ? -7.42457  -12.04143 5.17323   1.000 11.68212 ? 112 ARG A O   1 
ATOM   897  C CB  . ARG A 1 112 ? -4.28828  -12.15769 4.15364   1.000 10.96142 ? 112 ARG A CB  1 
ATOM   898  C CG  . ARG A 1 112 ? -4.69718  -13.61089 4.36525   1.000 13.99792 ? 112 ARG A CG  1 
ATOM   899  C CD  . ARG A 1 112 ? -3.50079  -14.55403 4.28743   1.000 22.01476 ? 112 ARG A CD  1 
ATOM   900  N NE  . ARG A 1 112 ? -2.47382  -14.19360 5.26012   1.000 26.64314 ? 112 ARG A NE  1 
ATOM   901  C CZ  . ARG A 1 112 ? -2.51173  -14.52768 6.54680   1.000 31.08971 ? 112 ARG A CZ  1 
ATOM   902  N NH1 . ARG A 1 112 ? -3.52382  -15.24023 7.02353   1.000 29.02694 ? 112 ARG A NH1 1 
ATOM   903  N NH2 . ARG A 1 112 ? -1.53600  -14.14987 7.35824   1.000 27.52299 ? 112 ARG A NH2 1 
ATOM   904  N N   . ASN A 1 113 ? -6.04929  -10.73563 6.37810   1.000 10.87990 ? 113 ASN A N   1 
ATOM   905  C CA  . ASN A 1 113 ? -6.79446  -10.96957 7.60530   1.000 11.51472 ? 113 ASN A CA  1 
ATOM   906  C C   . ASN A 1 113 ? -8.04765  -10.11832 7.71471   1.000 10.23457 ? 113 ASN A C   1 
ATOM   907  O O   . ASN A 1 113 ? -8.97918  -10.50987 8.42271   1.000 11.39452 ? 113 ASN A O   1 
ATOM   908  C CB  . ASN A 1 113 ? -5.89766  -10.74980 8.82305   1.000 11.61658 ? 113 ASN A CB  1 
ATOM   909  C CG  . ASN A 1 113 ? -4.88718  -11.86482 9.00399   1.000 11.85460 ? 113 ASN A CG  1 
ATOM   910  O OD1 . ASN A 1 113 ? -5.12337  -13.00344 8.59500   1.000 14.12835 ? 113 ASN A OD1 1 
ATOM   911  N ND2 . ASN A 1 113 ? -3.75303  -11.54295 9.61730   1.000 13.52598 ? 113 ASN A ND2 1 
ATOM   912  N N   . ARG A 1 114 ? -8.11201  -8.97635  7.03426   1.000 9.75921  ? 114 ARG A N   1 
ATOM   913  C CA  . ARG A 1 114 ? -9.23932  -8.07023  7.22636   1.000 9.09351  ? 114 ARG A CA  1 
ATOM   914  C C   . ARG A 1 114 ? -9.98120  -7.66740  5.96332   1.000 12.24533 ? 114 ARG A C   1 
ATOM   915  O O   . ARG A 1 114 ? -11.08167 -7.11998  6.07530   1.000 16.57005 ? 114 ARG A O   1 
ATOM   916  C CB  . ARG A 1 114 ? -8.79829  -6.81406  7.99164   1.000 9.67080  ? 114 ARG A CB  1 
ATOM   917  C CG  . ARG A 1 114 ? -8.00504  -7.15620  9.23575   1.000 11.81543 ? 114 ARG A CG  1 
ATOM   918  C CD  . ARG A 1 114 ? -7.43752  -5.92858  9.88693   1.000 9.50209  ? 114 ARG A CD  1 
ATOM   919  N NE  . ARG A 1 114 ? -8.46421  -5.15900  10.57903  1.000 7.86107  ? 114 ARG A NE  1 
ATOM   920  C CZ  . ARG A 1 114 ? -8.19906  -4.14512  11.39418  1.000 10.67639 ? 114 ARG A CZ  1 
ATOM   921  N NH1 . ARG A 1 114 ? -9.18841  -3.49554  11.98835  1.000 10.28089 ? 114 ARG A NH1 1 
ATOM   922  N NH2 . ARG A 1 114 ? -6.93874  -3.78399  11.60703  1.000 9.23624  ? 114 ARG A NH2 1 
ATOM   923  N N   . CYS A 1 115 ? -9.44222  -7.91585  4.78393   1.000 10.17936 ? 115 CYS A N   1 
ATOM   924  C CA  . CYS A 1 115 ? -10.11979 -7.53420  3.55191   1.000 10.21953 ? 115 CYS A CA  1 
ATOM   925  C C   . CYS A 1 115 ? -10.49110 -8.71134  2.67566   1.000 11.39682 ? 115 CYS A C   1 
ATOM   926  O O   . CYS A 1 115 ? -11.58254 -8.72192  2.09346   1.000 9.91316  ? 115 CYS A O   1 
ATOM   927  C CB  . CYS A 1 115 ? -9.22835  -6.60043  2.74882   1.000 8.89432  ? 115 CYS A CB  1 
ATOM   928  S SG  . CYS A 1 115 ? -8.81789  -5.10735  3.66671   1.000 8.49992  ? 115 CYS A SG  1 
ATOM   929  N N   . LYS A 1 116 ? -9.57774  -9.66495  2.53644   1.000 9.52369  ? 116 LYS A N   1 
ATOM   930  C CA  . LYS A 1 116 ? -9.77170  -10.81281 1.66905   1.000 10.30860 ? 116 LYS A CA  1 
ATOM   931  C C   . LYS A 1 116 ? -11.10588 -11.47158 1.95640   1.000 11.08600 ? 116 LYS A C   1 
ATOM   932  O O   . LYS A 1 116 ? -11.42390 -11.78641 3.10677   1.000 11.85388 ? 116 LYS A O   1 
ATOM   933  C CB  . LYS A 1 116 ? -8.64236  -11.80688 1.93167   1.000 9.38250  ? 116 LYS A CB  1 
ATOM   934  C CG  . LYS A 1 116 ? -8.62734  -13.02167 1.02150   1.000 11.05350 ? 116 LYS A CG  1 
ATOM   935  C CD  . LYS A 1 116 ? -7.40593  -13.86871 1.32424   1.000 11.06423 ? 116 LYS A CD  1 
ATOM   936  C CE  . LYS A 1 116 ? -7.23019  -14.99570 0.32312   1.000 12.29805 ? 116 LYS A CE  1 
ATOM   937  N NZ  . LYS A 1 116 ? -5.97995  -15.74841 0.62179   1.000 13.08262 ? 116 LYS A NZ  1 
ATOM   938  N N   . GLY A 1 117 ? -11.90299 -11.63841 0.89912   1.000 11.66978 ? 117 GLY A N   1 
ATOM   939  C CA  . GLY A 1 117 ? -13.17569 -12.31030 0.98679   1.000 12.07214 ? 117 GLY A CA  1 
ATOM   940  C C   . GLY A 1 117 ? -14.32476 -11.45667 1.45929   1.000 17.25945 ? 117 GLY A C   1 
ATOM   941  O O   . GLY A 1 117 ? -15.47506 -11.89732 1.35927   1.000 17.78072 ? 117 GLY A O   1 
ATOM   942  N N   . THR A 1 118 ? -14.06142 -10.25159 1.96705   1.000 14.26036 ? 118 THR A N   1 
ATOM   943  C CA  . THR A 1 118 ? -15.11123 -9.39285  2.48852   1.000 13.33058 ? 118 THR A CA  1 
ATOM   944  C C   . THR A 1 118 ? -15.72398 -8.56378  1.36399   1.000 13.54647 ? 118 THR A C   1 
ATOM   945  O O   . THR A 1 118 ? -15.26981 -8.57884  0.21974   1.000 12.64351 ? 118 THR A O   1 
ATOM   946  C CB  . THR A 1 118 ? -14.56912 -8.47388  3.58453   1.000 12.73974 ? 118 THR A CB  1 
ATOM   947  O OG1 . THR A 1 118 ? -13.75193 -7.45733  2.99041   1.000 11.49269 ? 118 THR A OG1 1 
ATOM   948  C CG2 . THR A 1 118 ? -13.76045 -9.25776  4.61038   1.000 12.34318 ? 118 THR A CG2 1 
ATOM   949  N N   . ASP A 1 119 ? -16.76897 -7.81020  1.70095   1.000 15.07603 ? 119 ASP A N   1 
ATOM   950  C CA  . ASP A 1 119 ? -17.42687 -6.92544  0.74297   1.000 13.01164 ? 119 ASP A CA  1 
ATOM   951  C C   . ASP A 1 119 ? -16.56384 -5.67894  0.57568   1.000 15.13057 ? 119 ASP A C   1 
ATOM   952  O O   . ASP A 1 119 ? -16.84975 -4.60357  1.10675   1.000 17.36606 ? 119 ASP A O   1 
ATOM   953  C CB  . ASP A 1 119 ? -18.83025 -6.57874  1.22603   1.000 16.93203 ? 119 ASP A CB  1 
ATOM   954  C CG  . ASP A 1 119 ? -19.56489 -5.67123  0.26758   1.000 31.95916 ? 119 ASP A CG  1 
ATOM   955  O OD1 . ASP A 1 119 ? -19.10233 -5.51045  -0.88385  1.000 25.00822 ? 119 ASP A OD1 1 
ATOM   956  O OD2 . ASP A 1 119 ? -20.60757 -5.11583  0.66698   1.000 29.53729 ? 119 ASP A OD2 1 
ATOM   957  N N   . VAL A 1 120 ? -15.48049 -5.83419  -0.18946  1.000 14.65118 ? 120 VAL A N   1 
ATOM   958  C CA  . VAL A 1 120 ? -14.53786 -4.73471  -0.36207  1.000 11.72554 ? 120 VAL A CA  1 
ATOM   959  C C   . VAL A 1 120 ? -15.12051 -3.60179  -1.19624  1.000 12.05388 ? 120 VAL A C   1 
ATOM   960  O O   . VAL A 1 120 ? -14.62815 -2.47048  -1.11886  1.000 11.90605 ? 120 VAL A O   1 
ATOM   961  C CB  . VAL A 1 120 ? -13.19177 -5.22208  -0.93487  1.000 12.52423 ? 120 VAL A CB  1 
ATOM   962  C CG1 . VAL A 1 120 ? -12.47675 -6.12822  0.07032   1.000 12.64650 ? 120 VAL A CG1 1 
ATOM   963  C CG2 . VAL A 1 120 ? -13.40277 -5.92700  -2.26181  1.000 16.52360 ? 120 VAL A CG2 1 
ATOM   964  N N   . GLN A 1 121 ? -16.15345 -3.87192  -1.99999  1.000 15.39254 ? 121 GLN A N   1 
ATOM   965  C CA  . GLN A 1 121 ? -16.76637 -2.80613  -2.78871  1.000 14.36421 ? 121 GLN A CA  1 
ATOM   966  C C   . GLN A 1 121 ? -17.32310 -1.70305  -1.89896  1.000 14.57294 ? 121 GLN A C   1 
ATOM   967  O O   . GLN A 1 121 ? -17.39330 -0.54149  -2.32055  1.000 15.51090 ? 121 GLN A O   1 
ATOM   968  C CB  . GLN A 1 121 ? -17.86077 -3.37910  -3.69356  1.000 19.30928 ? 121 GLN A CB  1 
ATOM   969  C CG  . GLN A 1 121 ? -18.30908 -2.42890  -4.79868  1.000 26.50435 ? 121 GLN A CG  1 
ATOM   970  C CD  . GLN A 1 121 ? -19.41253 -1.48893  -4.34995  1.000 28.94523 ? 121 GLN A CD  1 
ATOM   971  O OE1 . GLN A 1 121 ? -20.15979 -1.79449  -3.42029  1.000 33.33525 ? 121 GLN A OE1 1 
ATOM   972  N NE2 . GLN A 1 121 ? -19.51546 -0.33806  -5.00452  1.000 30.85366 ? 121 GLN A NE2 1 
ATOM   973  N N   . ALA A 1 122 ? -17.70431 -2.04157  -0.66362  1.000 11.36428 ? 122 ALA A N   1 
ATOM   974  C CA  . ALA A 1 122 ? -18.17536 -1.03081  0.27679   1.000 12.05492 ? 122 ALA A CA  1 
ATOM   975  C C   . ALA A 1 122 ? -17.16899 0.09832   0.44041   1.000 12.44576 ? 122 ALA A C   1 
ATOM   976  O O   . ALA A 1 122 ? -17.55222 1.24251   0.70749   1.000 14.29404 ? 122 ALA A O   1 
ATOM   977  C CB  . ALA A 1 122 ? -18.47117 -1.67750  1.63085   1.000 15.97039 ? 122 ALA A CB  1 
ATOM   978  N N   . TRP A 1 123 ? -15.87953 -0.19388  0.26595   1.000 11.91512 ? 123 TRP A N   1 
ATOM   979  C CA  . TRP A 1 123 ? -14.85927 0.82735   0.46353   1.000 11.89592 ? 123 TRP A CA  1 
ATOM   980  C C   . TRP A 1 123 ? -14.88062 1.90992   -0.60533  1.000 14.52698 ? 123 TRP A C   1 
ATOM   981  O O   . TRP A 1 123 ? -14.36673 3.00641   -0.36786  1.000 13.94152 ? 123 TRP A O   1 
ATOM   982  C CB  . TRP A 1 123 ? -13.48191 0.17510   0.57735   1.000 12.35503 ? 123 TRP A CB  1 
ATOM   983  C CG  . TRP A 1 123 ? -13.36185 -0.54986  1.86615   1.000 10.83643 ? 123 TRP A CG  1 
ATOM   984  C CD1 . TRP A 1 123 ? -13.45973 -1.89147  2.06597   1.000 14.03344 ? 123 TRP A CD1 1 
ATOM   985  C CD2 . TRP A 1 123 ? -13.16618 0.03726   3.15843   1.000 12.84921 ? 123 TRP A CD2 1 
ATOM   986  N NE1 . TRP A 1 123 ? -13.32355 -2.18194  3.39971   1.000 13.24053 ? 123 TRP A NE1 1 
ATOM   987  C CE2 . TRP A 1 123 ? -13.14050 -1.01538  4.09284   1.000 14.55968 ? 123 TRP A CE2 1 
ATOM   988  C CE3 . TRP A 1 123 ? -13.00570 1.34975   3.61178   1.000 12.42891 ? 123 TRP A CE3 1 
ATOM   989  C CZ2 . TRP A 1 123 ? -12.96063 -0.79817  5.45590   1.000 16.91774 ? 123 TRP A CZ2 1 
ATOM   990  C CZ3 . TRP A 1 123 ? -12.82791 1.56627   4.96589   1.000 16.19525 ? 123 TRP A CZ3 1 
ATOM   991  C CH2 . TRP A 1 123 ? -12.80830 0.49530   5.87138   1.000 16.90821 ? 123 TRP A CH2 1 
ATOM   992  N N   . ILE A 1 124 ? -15.45240 1.63304   -1.77479  1.000 15.03071 ? 124 ILE A N   1 
ATOM   993  C CA  A ILE A 1 124 ? -15.56903 2.62728   -2.83120  0.999 13.96541 ? 124 ILE A CA  1 
ATOM   994  C CA  B ILE A 1 124 ? -15.57895 2.61777   -2.84269  0.001 14.45553 ? 124 ILE A CA  1 
ATOM   995  C C   . ILE A 1 124 ? -17.02238 3.02231   -3.08427  1.000 16.55567 ? 124 ILE A C   1 
ATOM   996  O O   . ILE A 1 124 ? -17.28935 3.79063   -4.01479  1.000 16.02943 ? 124 ILE A O   1 
ATOM   997  C CB  A ILE A 1 124 ? -14.85463 2.19689   -4.12254  0.999 16.40565 ? 124 ILE A CB  1 
ATOM   998  C CB  B ILE A 1 124 ? -14.90324 2.15263   -4.14645  0.001 16.17372 ? 124 ILE A CB  1 
ATOM   999  C CG1 A ILE A 1 124 ? -15.51188 0.94875   -4.71310  0.999 17.02037 ? 124 ILE A CG1 1 
ATOM   1000 C CG1 B ILE A 1 124 ? -15.36984 0.74419   -4.52054  0.001 16.95480 ? 124 ILE A CG1 1 
ATOM   1001 C CG2 A ILE A 1 124 ? -13.37110 1.95579   -3.85235  0.999 15.88324 ? 124 ILE A CG2 1 
ATOM   1002 C CG2 B ILE A 1 124 ? -13.39065 2.19728   -4.00863  0.001 15.83878 ? 124 ILE A CG2 1 
ATOM   1003 C CD1 A ILE A 1 124 ? -15.09009 0.65730   -6.14523  0.999 23.01805 ? 124 ILE A CD1 1 
ATOM   1004 C CD1 B ILE A 1 124 ? -16.30005 0.70428   -5.71300  0.001 18.39540 ? 124 ILE A CD1 1 
ATOM   1005 N N   . ARG A 1 125 ? -17.95150 2.52504   -2.27395  0.808 13.38589 ? 125 ARG A N   1 
ATOM   1006 C CA  . ARG A 1 125 ? -19.36652 2.82385   -2.45718  0.808 18.11994 ? 125 ARG A CA  1 
ATOM   1007 C C   . ARG A 1 125 ? -19.61168 4.31646   -2.30187  0.808 15.65305 ? 125 ARG A C   1 
ATOM   1008 O O   . ARG A 1 125 ? -19.09860 4.95268   -1.37772  0.808 14.32661 ? 125 ARG A O   1 
ATOM   1009 C CB  . ARG A 1 125 ? -20.18562 2.04732   -1.42597  0.808 18.55164 ? 125 ARG A CB  1 
ATOM   1010 C CG  . ARG A 1 125 ? -21.65866 1.87870   -1.78071  0.808 23.78061 ? 125 ARG A CG  1 
ATOM   1011 C CD  . ARG A 1 125 ? -22.28668 0.74906   -0.96911  0.808 22.72111 ? 125 ARG A CD  1 
ATOM   1012 N NE  . ARG A 1 125 ? -21.65780 -0.54341  -1.24470  0.808 22.19687 ? 125 ARG A NE  1 
ATOM   1013 C CZ  . ARG A 1 125 ? -21.70603 -1.58995  -0.42525  0.808 27.11666 ? 125 ARG A CZ  1 
ATOM   1014 N NH1 . ARG A 1 125 ? -22.35156 -1.50215  0.73045   0.808 30.69966 ? 125 ARG A NH1 1 
ATOM   1015 N NH2 . ARG A 1 125 ? -21.10426 -2.72715  -0.75597  0.808 25.19552 ? 125 ARG A NH2 1 
ATOM   1016 N N   . GLY A 1 126 ? -20.39057 4.87774   -3.22503  1.000 21.59348 ? 126 GLY A N   1 
ATOM   1017 C CA  . GLY A 1 126 ? -20.68673 6.28979   -3.21345  1.000 21.71369 ? 126 GLY A CA  1 
ATOM   1018 C C   . GLY A 1 126 ? -19.62342 7.18471   -3.80937  1.000 22.31030 ? 126 GLY A C   1 
ATOM   1019 O O   . GLY A 1 126 ? -19.88594 8.37746   -4.00862  1.000 22.25873 ? 126 GLY A O   1 
ATOM   1020 N N   . CYS A 1 127 ? -18.43730 6.66689   -4.10952  1.000 16.81037 ? 127 CYS A N   1 
ATOM   1021 C CA  . CYS A 1 127 ? -17.36500 7.50921   -4.62272  1.000 16.25833 ? 127 CYS A CA  1 
ATOM   1022 C C   . CYS A 1 127 ? -17.57884 7.81831   -6.09639  1.000 17.24430 ? 127 CYS A C   1 
ATOM   1023 O O   . CYS A 1 127 ? -17.91267 6.93642   -6.89322  1.000 20.35678 ? 127 CYS A O   1 
ATOM   1024 C CB  . CYS A 1 127 ? -16.00951 6.82942   -4.44637  1.000 13.40432 ? 127 CYS A CB  1 
ATOM   1025 S SG  . CYS A 1 127 ? -15.59280 6.38226   -2.75159  1.000 15.90466 ? 127 CYS A SG  1 
ATOM   1026 N N   . ARG A 1 128 ? -17.37710 9.08596   -6.45098  1.000 22.10798 ? 128 ARG A N   1 
ATOM   1027 C CA  . ARG A 1 128 ? -17.38679 9.52408   -7.84235  1.000 22.52108 ? 128 ARG A CA  1 
ATOM   1028 C C   . ARG A 1 128 ? -16.04495 9.12614   -8.43901  1.000 27.27937 ? 128 ARG A C   1 
ATOM   1029 O O   . ARG A 1 128 ? -15.02454 9.77497   -8.19514  1.000 34.47479 ? 128 ARG A O   1 
ATOM   1030 C CB  . ARG A 1 128 ? -17.60003 11.03157  -7.91167  1.000 21.25389 ? 128 ARG A CB  1 
ATOM   1031 C CG  . ARG A 1 128 ? -17.86976 11.57162  -9.30500  1.000 22.71996 ? 128 ARG A CG  1 
ATOM   1032 C CD  . ARG A 1 128 ? -18.29133 13.02958  -9.24978  1.000 22.01514 ? 128 ARG A CD  1 
ATOM   1033 N NE  . ARG A 1 128 ? -18.78153 13.51762  -10.53745 1.000 23.85319 ? 128 ARG A NE  1 
ATOM   1034 C CZ  . ARG A 1 128 ? -20.05594 13.49289  -10.91579 1.000 21.87293 ? 128 ARG A CZ  1 
ATOM   1035 N NH1 . ARG A 1 128 ? -20.98581 12.99299  -10.10856 1.000 26.80029 ? 128 ARG A NH1 1 
ATOM   1036 N NH2 . ARG A 1 128 ? -20.40189 13.96641  -12.10738 1.000 27.36585 ? 128 ARG A NH2 1 
ATOM   1037 N N   . LEU A 1 129 ? -16.03737 8.04141   -9.20692  1.000 23.56761 ? 129 LEU A N   1 
ATOM   1038 C CA  . LEU A 1 129 ? -14.79915 7.49485   -9.73845  1.000 24.64244 ? 129 LEU A CA  1 
ATOM   1039 C C   . LEU A 1 129 ? -14.89153 7.31727   -11.24521 1.000 38.68656 ? 129 LEU A C   1 
ATOM   1040 O O   . LEU A 1 129 ? -15.98139 7.29203   -11.82343 1.000 42.76417 ? 129 LEU A O   1 
ATOM   1041 C CB  . LEU A 1 129 ? -14.48710 6.14859   -9.08349  1.000 21.86291 ? 129 LEU A CB  1 
ATOM   1042 C CG  . LEU A 1 129 ? -14.15999 6.17578   -7.59369  1.000 23.98947 ? 129 LEU A CG  1 
ATOM   1043 C CD1 . LEU A 1 129 ? -14.23613 4.77585   -7.00387  1.000 26.55621 ? 129 LEU A CD1 1 
ATOM   1044 C CD2 . LEU A 1 129 ? -12.78533 6.78262   -7.37118  1.000 22.77953 ? 129 LEU A CD2 1 
ATOM   1045 O OXT . LEU A 1 129 ? -13.86504 7.18635   -11.90916 1.000 30.35164 ? 129 LEU A OXT 1 
HETATM 1046 C C1  . TEP B 2 .   ? 13.26020  -14.75773 -1.04390  0.897 46.71943 ? 201 TEP A C1  1 
HETATM 1047 N N1  . TEP B 2 .   ? 12.46410  -13.58600 -1.36436  0.730 60.97075 ? 201 TEP A N1  1 
HETATM 1048 C C2  . TEP B 2 .   ? 12.76858  -12.84563 -2.45523  0.691 60.06508 ? 201 TEP A C2  1 
HETATM 1049 O O2  . TEP B 2 .   ? 13.67991  -13.15075 -3.14776  0.759 54.16217 ? 201 TEP A O2  1 
HETATM 1050 N N3  . TEP B 2 .   ? 12.03311  -11.75610 -2.75731  0.754 48.17990 ? 201 TEP A N3  1 
HETATM 1051 C C3  . TEP B 2 .   ? 12.36435  -10.97550 -3.93176  0.869 30.98248 ? 201 TEP A C3  1 
HETATM 1052 C C4  . TEP B 2 .   ? 10.99569  -11.40152 -1.98024  1.000 32.71020 ? 201 TEP A C4  1 
HETATM 1053 C C5  . TEP B 2 .   ? 10.69201  -12.12855 -0.90318  1.000 43.99080 ? 201 TEP A C5  1 
HETATM 1054 C C6  . TEP B 2 .   ? 11.44273  -13.24372 -0.59600  0.730 53.74640 ? 201 TEP A C6  1 
HETATM 1055 O O6  . TEP B 2 .   ? 11.17957  -13.89164 0.36201   0.857 51.84931 ? 201 TEP A O6  1 
HETATM 1056 N N7  . TEP B 2 .   ? 9.63062   -11.56501 -0.31056  1.000 36.13472 ? 201 TEP A N7  1 
HETATM 1057 C C8  . TEP B 2 .   ? 9.28221   -10.48948 -1.02423  1.000 44.21043 ? 201 TEP A C8  1 
HETATM 1058 N N9  . TEP B 2 .   ? 10.12335  -10.38593 -2.05582  1.000 42.49202 ? 201 TEP A N9  1 
HETATM 1059 O O   . HOH C 3 .   ? 15.82909  -2.41955  2.43883   1.000 8.80005  ? 301 HOH A O   1 
HETATM 1060 O O   . HOH C 3 .   ? 9.35574   -8.80697  12.29671  1.000 24.57621 ? 302 HOH A O   1 
HETATM 1061 O O   . HOH C 3 .   ? 4.39134   -3.43691  11.33805  1.000 26.28361 ? 303 HOH A O   1 
HETATM 1062 O O   . HOH C 3 .   ? -11.49881 -6.79936  -10.05197 1.000 33.50151 ? 304 HOH A O   1 
HETATM 1063 O O   . HOH C 3 .   ? -0.09916  -9.98755  -15.92323 1.000 38.71701 ? 305 HOH A O   1 
HETATM 1064 O O   . HOH C 3 .   ? -13.15025 10.98993  -8.88963  1.000 22.88997 ? 306 HOH A O   1 
HETATM 1065 O O   . HOH C 3 .   ? 2.04454   14.84346  3.88617   1.000 17.74656 ? 307 HOH A O   1 
HETATM 1066 O O   . HOH C 3 .   ? 3.13149   2.39989   -12.19184 1.000 36.93226 ? 308 HOH A O   1 
HETATM 1067 O O   . HOH C 3 .   ? -9.73200  2.29216   -14.93151 1.000 34.99577 ? 309 HOH A O   1 
HETATM 1068 O O   . HOH C 3 .   ? 6.09066   -0.69489  -10.47493 1.000 23.99469 ? 310 HOH A O   1 
HETATM 1069 O O   . HOH C 3 .   ? -0.38268  -13.08841 4.45554   1.000 32.46886 ? 311 HOH A O   1 
HETATM 1070 O O   . HOH C 3 .   ? -1.90278  10.95378  -16.33568 1.000 37.97313 ? 312 HOH A O   1 
HETATM 1071 O O   . HOH C 3 .   ? -1.69583  13.60187  -2.86722  1.000 25.18458 ? 313 HOH A O   1 
HETATM 1072 O O   . HOH C 3 .   ? -0.17437  -6.26001  7.01168   1.000 18.23087 ? 314 HOH A O   1 
HETATM 1073 O O   . HOH C 3 .   ? -3.69399  6.89199   -15.22609 1.000 36.89877 ? 315 HOH A O   1 
HETATM 1074 O O   . HOH C 3 .   ? 17.97486  -10.29005 1.77571   1.000 32.17012 ? 316 HOH A O   1 
HETATM 1075 O O   . HOH C 3 .   ? 17.02298  4.20078   13.64298  1.000 22.00979 ? 317 HOH A O   1 
HETATM 1076 O O   . HOH C 3 .   ? 15.67074  5.85995   -6.35716  1.000 35.51035 ? 318 HOH A O   1 
HETATM 1077 O O   . HOH C 3 .   ? 23.48079  1.68298   6.71232   1.000 24.21212 ? 319 HOH A O   1 
HETATM 1078 O O   . HOH C 3 .   ? -10.41470 -9.76565  -10.81134 1.000 15.39848 ? 320 HOH A O   1 
HETATM 1079 O O   . HOH C 3 .   ? -16.81793 -4.33080  3.72020   1.000 25.02171 ? 321 HOH A O   1 
HETATM 1080 O O   . HOH C 3 .   ? -7.55985  14.39608  6.21870   1.000 40.43097 ? 322 HOH A O   1 
HETATM 1081 O O   . HOH C 3 .   ? 4.83231   -13.43023 -10.19121 1.000 35.80023 ? 323 HOH A O   1 
HETATM 1082 O O   . HOH C 3 .   ? 14.02004  -0.39262  9.68071   1.000 10.59604 ? 324 HOH A O   1 
HETATM 1083 O O   . HOH C 3 .   ? 2.75125   10.83299  -10.64540 1.000 27.27936 ? 325 HOH A O   1 
HETATM 1084 O O   . HOH C 3 .   ? 7.50181   -8.46941  -8.37973  1.000 23.73189 ? 326 HOH A O   1 
HETATM 1085 O O   . HOH C 3 .   ? 5.08381   7.53849   11.40096  1.000 10.66744 ? 327 HOH A O   1 
HETATM 1086 O O   . HOH C 3 .   ? 15.26842  10.31776  2.59559   1.000 17.18791 ? 328 HOH A O   1 
HETATM 1087 O O   . HOH C 3 .   ? 2.21384   6.37874   1.16810   1.000 14.38439 ? 329 HOH A O   1 
HETATM 1088 O O   . HOH C 3 .   ? -12.79699 -6.21654  7.91486   1.000 14.57551 ? 330 HOH A O   1 
HETATM 1089 O O   . HOH C 3 .   ? -9.67345  9.56275   6.32721   1.000 16.06488 ? 331 HOH A O   1 
HETATM 1090 O O   . HOH C 3 .   ? 1.62027   -4.19515  8.20198   1.000 23.54501 ? 332 HOH A O   1 
HETATM 1091 O O   . HOH C 3 .   ? -9.03668  9.31560   -10.47645 1.000 27.66991 ? 333 HOH A O   1 
HETATM 1092 O O   . HOH C 3 .   ? -13.65341 3.26810   -11.21839 1.000 35.29010 ? 334 HOH A O   1 
HETATM 1093 O O   . HOH C 3 .   ? -14.20087 -4.98191  3.91034   1.000 15.87241 ? 335 HOH A O   1 
HETATM 1094 O O   . HOH C 3 .   ? -8.45947  -14.51234 5.31332   1.000 24.22713 ? 336 HOH A O   1 
HETATM 1095 O O   . HOH C 3 .   ? 11.91418  10.90243  -0.01098  1.000 20.79244 ? 337 HOH A O   1 
HETATM 1096 O O   . HOH C 3 .   ? 17.84464  -7.79492  9.34524   1.000 36.76161 ? 338 HOH A O   1 
HETATM 1097 O O   . HOH C 3 .   ? 13.84473  -4.37168  -8.93398  1.000 37.55441 ? 339 HOH A O   1 
HETATM 1098 O O   . HOH C 3 .   ? -2.44101  -3.35474  10.01645  1.000 13.57932 ? 340 HOH A O   1 
HETATM 1099 O O   . HOH C 3 .   ? -6.87720  -14.98429 8.07219   1.000 25.85040 ? 341 HOH A O   1 
HETATM 1100 O O   . HOH C 3 .   ? -6.87835  14.61440  2.62658   1.000 23.52349 ? 342 HOH A O   1 
HETATM 1101 O O   . HOH C 3 .   ? 21.59249  -6.59249  0.84423   1.000 29.76966 ? 343 HOH A O   1 
HETATM 1102 O O   . HOH C 3 .   ? 8.70065   4.24596   12.83772  0.50  20.96340 ? 344 HOH A O   1 
HETATM 1103 O O   . HOH C 3 .   ? 2.29347   8.12425   -0.37408  1.000 12.44715 ? 345 HOH A O   1 
HETATM 1104 O O   . HOH C 3 .   ? 11.87959  -11.16358 8.24164   1.000 36.06190 ? 346 HOH A O   1 
HETATM 1105 O O   . HOH C 3 .   ? 1.88219   5.46565   -9.75068  1.000 27.39261 ? 347 HOH A O   1 
HETATM 1106 O O   . HOH C 3 .   ? 1.34765   -12.16249 -7.38004  1.000 14.66058 ? 348 HOH A O   1 
HETATM 1107 O O   . HOH C 3 .   ? 18.49036  0.41211   -6.18839  1.000 35.23390 ? 349 HOH A O   1 
HETATM 1108 O O   . HOH C 3 .   ? -13.13940 -13.31132 4.58619   1.000 22.37714 ? 350 HOH A O   1 
HETATM 1109 O O   . HOH C 3 .   ? 2.99636   -2.72274  -14.35735 1.000 30.69042 ? 351 HOH A O   1 
HETATM 1110 O O   . HOH C 3 .   ? 2.39393   -2.09000  9.67490   1.000 15.83002 ? 352 HOH A O   1 
HETATM 1111 O O   . HOH C 3 .   ? -1.68227  5.68362   10.76789  1.000 22.41010 ? 353 HOH A O   1 
HETATM 1112 O O   . HOH C 3 .   ? -6.82995  -6.16295  -14.93150 1.000 24.25097 ? 354 HOH A O   1 
HETATM 1113 O O   . HOH C 3 .   ? -0.00255  12.70079  7.59479   1.000 10.73098 ? 355 HOH A O   1 
HETATM 1114 O O   . HOH C 3 .   ? -7.40243  16.75636  0.36136   1.000 37.10005 ? 356 HOH A O   1 
HETATM 1115 O O   . HOH C 3 .   ? 8.65129   11.81921  2.19305   1.000 21.48751 ? 357 HOH A O   1 
HETATM 1116 O O   . HOH C 3 .   ? -19.68414 2.33123   2.06333   1.000 29.26321 ? 358 HOH A O   1 
HETATM 1117 O O   . HOH C 3 .   ? -6.19176  -11.42634 -8.71023  1.000 13.33996 ? 359 HOH A O   1 
HETATM 1118 O O   . HOH C 3 .   ? -4.20274  8.63214   -17.57545 1.000 24.96180 ? 360 HOH A O   1 
HETATM 1119 O O   . HOH C 3 .   ? -7.58662  12.14326  -5.01731  1.000 20.55384 ? 361 HOH A O   1 
HETATM 1120 O O   . HOH C 3 .   ? -10.92680 -9.75502  -1.61993  1.000 14.13917 ? 362 HOH A O   1 
HETATM 1121 O O   . HOH C 3 .   ? 0.35977   -12.83328 -9.98814  1.000 30.73828 ? 363 HOH A O   1 
HETATM 1122 O O   . HOH C 3 .   ? 22.69889  -4.81032  4.65288   0.50  16.09506 ? 364 HOH A O   1 
HETATM 1123 O O   . HOH C 3 .   ? 2.72850   -10.85241 -3.73113  1.000 13.87898 ? 365 HOH A O   1 
HETATM 1124 O O   . HOH C 3 .   ? 8.33357   3.16151   -5.96523  1.000 20.04951 ? 366 HOH A O   1 
HETATM 1125 O O   . HOH C 3 .   ? 0.55894   15.72577  -2.91696  1.000 35.08087 ? 367 HOH A O   1 
HETATM 1126 O O   . HOH C 3 .   ? -22.18446 -7.23918  1.55451   1.000 36.91609 ? 368 HOH A O   1 
HETATM 1127 O O   . HOH C 3 .   ? 21.52894  0.38723   2.90549   1.000 28.01899 ? 369 HOH A O   1 
HETATM 1128 O O   . HOH C 3 .   ? 3.09909   2.52375   1.33671   1.000 8.76428  ? 370 HOH A O   1 
HETATM 1129 O O   . HOH C 3 .   ? -3.40003  -0.30617  -14.66707 1.000 30.45396 ? 371 HOH A O   1 
HETATM 1130 O O   . HOH C 3 .   ? 0.56139   0.06775   -14.43134 1.000 26.52326 ? 372 HOH A O   1 
HETATM 1131 O O   . HOH C 3 .   ? -5.40418  -2.28760  -13.91617 1.000 30.59080 ? 373 HOH A O   1 
HETATM 1132 O O   . HOH C 3 .   ? 15.56025  -11.05140 -3.44918  1.000 39.31018 ? 374 HOH A O   1 
HETATM 1133 O O   . HOH C 3 .   ? -18.30314 4.15841   -6.61973  1.000 29.46171 ? 375 HOH A O   1 
HETATM 1134 O O   . HOH C 3 .   ? -3.80936  17.27984  -0.45727  1.000 29.23288 ? 376 HOH A O   1 
HETATM 1135 O O   . HOH C 3 .   ? -13.64306 -9.90193  -1.67963  1.000 18.89749 ? 377 HOH A O   1 
HETATM 1136 O O   . HOH C 3 .   ? -10.44078 -11.31701 5.71851   1.000 16.31310 ? 378 HOH A O   1 
HETATM 1137 O O   . HOH C 3 .   ? 0.95884   11.97904  -8.99334  1.000 32.30511 ? 379 HOH A O   1 
HETATM 1138 O O   . HOH C 3 .   ? -10.99215 -7.88061  -7.25018  1.000 14.14373 ? 380 HOH A O   1 
HETATM 1139 O O   . HOH C 3 .   ? 17.54185  -3.18140  12.15919  1.000 27.49283 ? 381 HOH A O   1 
HETATM 1140 O O   . HOH C 3 .   ? -7.31576  1.63419   10.51803  1.000 21.77793 ? 382 HOH A O   1 
HETATM 1141 O O   . HOH C 3 .   ? 2.59514   -4.48009  5.38939   1.000 29.53822 ? 383 HOH A O   1 
HETATM 1142 O O   . HOH C 3 .   ? -11.95828 1.11917   -11.32386 1.000 35.42252 ? 384 HOH A O   1 
HETATM 1143 O O   . HOH C 3 .   ? 7.73015   10.04532  -3.30457  1.000 17.45302 ? 385 HOH A O   1 
HETATM 1144 O O   . HOH C 3 .   ? 5.27076   -6.10777  7.93291   1.000 31.99215 ? 386 HOH A O   1 
HETATM 1145 O O   . HOH C 3 .   ? 16.59019  -0.83485  4.15181   1.000 9.79611  ? 387 HOH A O   1 
HETATM 1146 O O   . HOH C 3 .   ? -8.65229  7.79540   8.24274   1.000 17.42068 ? 388 HOH A O   1 
HETATM 1147 O O   . HOH C 3 .   ? -5.00377  8.32117   9.86700   1.000 18.59643 ? 389 HOH A O   1 
HETATM 1148 O O   . HOH C 3 .   ? 5.34574   6.76177   -12.21246 1.000 37.75005 ? 390 HOH A O   1 
HETATM 1149 O O   . HOH C 3 .   ? -16.05684 -13.71256 -0.79750  1.000 34.63736 ? 391 HOH A O   1 
HETATM 1150 O O   . HOH C 3 .   ? 9.27067   1.23403   -7.57326  1.000 19.71711 ? 392 HOH A O   1 
HETATM 1151 O O   . HOH C 3 .   ? -11.76981 -1.51967  -9.54920  1.000 17.58612 ? 393 HOH A O   1 
HETATM 1152 O O   . HOH C 3 .   ? -18.51901 6.79477   -10.04645 1.000 28.92998 ? 394 HOH A O   1 
HETATM 1153 O O   . HOH C 3 .   ? 17.14719  -8.18515  13.54915  1.000 27.53316 ? 395 HOH A O   1 
HETATM 1154 O O   . HOH C 3 .   ? 2.10916   -7.53937  5.88496   1.000 19.94883 ? 396 HOH A O   1 
HETATM 1155 O O   . HOH C 3 .   ? 19.67517  -2.94413  0.25355   1.000 35.55752 ? 397 HOH A O   1 
HETATM 1156 O O   . HOH C 3 .   ? -8.88130  -4.09169  -15.76818 1.000 34.18733 ? 398 HOH A O   1 
HETATM 1157 O O   . HOH C 3 .   ? -11.31427 -5.76138  10.40178  1.000 11.43175 ? 399 HOH A O   1 
HETATM 1158 O O   . HOH C 3 .   ? 5.48514   9.65553   -4.82194  1.000 15.23301 ? 400 HOH A O   1 
HETATM 1159 O O   . HOH C 3 .   ? 6.60547   1.23088   15.53887  1.000 22.86224 ? 401 HOH A O   1 
HETATM 1160 O O   . HOH C 3 .   ? 18.03495  -4.58251  -3.98393  1.000 20.40506 ? 402 HOH A O   1 
HETATM 1161 O O   . HOH C 3 .   ? -23.76252 13.60203  -9.34524  1.000 37.86144 ? 403 HOH A O   1 
HETATM 1162 O O   . HOH C 3 .   ? 2.38403   -10.53510 -16.10373 1.000 26.60339 ? 404 HOH A O   1 
HETATM 1163 O O   . HOH C 3 .   ? -18.15848 -8.23698  4.27772   1.000 17.54268 ? 405 HOH A O   1 
HETATM 1164 O O   . HOH C 3 .   ? 4.94077   15.06149  1.05050   1.000 20.47916 ? 406 HOH A O   1 
HETATM 1165 O O   . HOH C 3 .   ? -14.73779 9.70414   1.29677   1.000 21.38408 ? 407 HOH A O   1 
HETATM 1166 O O   . HOH C 3 .   ? -3.72205  -13.11713 -7.34550  1.000 9.50686  ? 408 HOH A O   1 
HETATM 1167 O O   . HOH C 3 .   ? -5.69715  14.08876  -3.71417  1.000 27.62490 ? 409 HOH A O   1 
HETATM 1168 O O   . HOH C 3 .   ? 17.81061  -1.49240  1.47452   1.000 14.77479 ? 410 HOH A O   1 
HETATM 1169 O O   . HOH C 3 .   ? 12.55752  3.51521   -8.62194  1.000 32.31235 ? 411 HOH A O   1 
HETATM 1170 O O   . HOH C 3 .   ? -12.61687 -8.76436  -4.21228  1.000 16.74223 ? 412 HOH A O   1 
HETATM 1171 O O   . HOH C 3 .   ? 0.16732   3.98859   -13.85106 1.000 31.39364 ? 413 HOH A O   1 
HETATM 1172 O O   . HOH C 3 .   ? -7.10025  -16.90640 3.14261   1.000 18.14817 ? 414 HOH A O   1 
HETATM 1173 O O   . HOH C 3 .   ? 6.84708   -8.42206  1.45474   1.000 30.56767 ? 415 HOH A O   1 
HETATM 1174 O O   . HOH C 3 .   ? -4.05887  15.56373  5.72264   1.000 19.13170 ? 416 HOH A O   1 
HETATM 1175 O O   . HOH C 3 .   ? 3.93083   -10.91261 3.98777   1.000 29.80758 ? 417 HOH A O   1 
HETATM 1176 O O   . HOH C 3 .   ? 15.58588  -9.61108  2.94050   1.000 26.09719 ? 418 HOH A O   1 
HETATM 1177 O O   . HOH C 3 .   ? -2.60934  -5.84544  -14.25680 1.000 18.83693 ? 419 HOH A O   1 
HETATM 1178 O O   . HOH C 3 .   ? -14.25290 -2.96137  -5.31478  1.000 6.07984  ? 420 HOH A O   1 
HETATM 1179 O O   . HOH C 3 .   ? -3.44370  -17.33169 1.04913   1.000 23.64966 ? 421 HOH A O   1 
HETATM 1180 O O   . HOH C 3 .   ? -16.94186 -6.66923  -2.84708  1.000 22.72269 ? 422 HOH A O   1 
HETATM 1181 O O   . HOH C 3 .   ? 4.43467   7.53132   -2.08264  1.000 11.62408 ? 423 HOH A O   1 
HETATM 1182 O O   . HOH C 3 .   ? 5.00719   -4.53064  -11.40934 1.000 31.54450 ? 424 HOH A O   1 
HETATM 1183 O O   . HOH C 3 .   ? -12.85272 11.42352  0.43913   1.000 15.97305 ? 425 HOH A O   1 
HETATM 1184 O O   . HOH C 3 .   ? -18.87246 7.97669   3.76590   1.000 34.92519 ? 426 HOH A O   1 
HETATM 1185 O O   . HOH C 3 .   ? 16.75399  -13.34335 -3.42615  1.000 37.82081 ? 427 HOH A O   1 
HETATM 1186 O O   . HOH C 3 .   ? 17.13136  4.19779   -3.24599  1.000 19.96749 ? 428 HOH A O   1 
HETATM 1187 O O   . HOH C 3 .   ? 5.78339   -5.10538  2.27453   1.000 26.47119 ? 429 HOH A O   1 
HETATM 1188 O O   . HOH C 3 .   ? 21.00137  4.60802   3.39731   1.000 9.70897  ? 430 HOH A O   1 
HETATM 1189 O O   . HOH C 3 .   ? -11.03370 -8.75829  -13.45070 1.000 31.18970 ? 431 HOH A O   1 
HETATM 1190 O O   . HOH C 3 .   ? -2.49321  -12.76775 -10.12003 1.000 34.95522 ? 432 HOH A O   1 
HETATM 1191 O O   . HOH C 3 .   ? 19.51760  -1.22175  5.06644   1.000 4.95006  ? 433 HOH A O   1 
HETATM 1192 O O   . HOH C 3 .   ? -0.65792  13.29735  -6.45876  1.000 42.40153 ? 434 HOH A O   1 
HETATM 1193 O O   . HOH C 3 .   ? 12.25671  0.92270   -10.00638 1.000 38.01945 ? 435 HOH A O   1 
HETATM 1194 O O   . HOH C 3 .   ? 18.04505  5.31557   -0.71020  1.000 11.20217 ? 436 HOH A O   1 
HETATM 1195 O O   . HOH C 3 .   ? 4.37702   -12.19586 -2.01934  1.000 22.42619 ? 437 HOH A O   1 
HETATM 1196 O O   . HOH C 3 .   ? -0.85005  -13.86031 -14.17680 1.000 39.55692 ? 438 HOH A O   1 
HETATM 1197 O O   . HOH C 3 .   ? 0.17800   -6.47773  -14.60956 1.000 28.17620 ? 439 HOH A O   1 
HETATM 1198 O O   . HOH C 3 .   ? 19.74287  0.48742   -1.93579  1.000 19.26356 ? 440 HOH A O   1 
HETATM 1199 O O   . HOH C 3 .   ? -10.18102 6.91716   12.25948  1.000 27.78995 ? 441 HOH A O   1 
HETATM 1200 O O   . HOH C 3 .   ? 1.05135   -1.83921  14.28130  1.000 31.45914 ? 442 HOH A O   1 
HETATM 1201 O O   . HOH C 3 .   ? -0.24223  15.97121  6.20942   1.000 35.01562 ? 443 HOH A O   1 
HETATM 1202 O O   . HOH C 3 .   ? 20.82104  -3.52084  3.21744   1.000 26.81021 ? 444 HOH A O   1 
HETATM 1203 O O   . HOH C 3 .   ? -23.63087 13.77955  -12.05681 1.000 23.49390 ? 445 HOH A O   1 
HETATM 1204 O O   . HOH C 3 .   ? -3.20078  7.93167   11.54638  1.000 22.33318 ? 446 HOH A O   1 
HETATM 1205 O O   . HOH C 3 .   ? -15.27597 -5.25011  -6.35372  1.000 31.23097 ? 447 HOH A O   1 
HETATM 1206 O O   . HOH C 3 .   ? 15.13375  -7.89088  8.43390   1.000 34.62597 ? 448 HOH A O   1 
HETATM 1207 O O   . HOH C 3 .   ? -1.50283  11.34246  -5.06479  1.000 11.65514 ? 449 HOH A O   1 
HETATM 1208 O O   . HOH C 3 .   ? 19.59197  -1.44921  12.81277  1.000 38.37168 ? 450 HOH A O   1 
HETATM 1209 O O   . HOH C 3 .   ? 7.22036   3.27379   14.07032  1.000 22.91216 ? 451 HOH A O   1 
HETATM 1210 O O   . HOH C 3 .   ? -12.34131 8.58500   5.41473   1.000 35.66366 ? 452 HOH A O   1 
HETATM 1211 O O   . HOH C 3 .   ? 10.68007  -16.20344 -2.41803  1.000 38.51456 ? 453 HOH A O   1 
HETATM 1212 O O   . HOH C 3 .   ? -15.56561 -14.42604 3.65004   1.000 30.17657 ? 454 HOH A O   1 
HETATM 1213 O O   . HOH C 3 .   ? 4.06636   -12.53761 0.20217   1.000 32.57744 ? 455 HOH A O   1 
HETATM 1214 O O   . HOH C 3 .   ? -21.94588 11.57071  -14.02568 1.000 37.37622 ? 456 HOH A O   1 
HETATM 1215 O O   . HOH C 3 .   ? -11.60603 -15.08402 1.21854   1.000 16.74064 ? 457 HOH A O   1 
HETATM 1216 O O   . HOH C 3 .   ? -6.41163  -16.46775 5.52394   1.000 31.54810 ? 458 HOH A O   1 
HETATM 1217 O O   . HOH C 3 .   ? -1.71140  11.93971  -11.70736 1.000 29.52511 ? 459 HOH A O   1 
HETATM 1218 O O   . HOH C 3 .   ? 13.49356  -0.87336  17.45839  1.000 36.41247 ? 460 HOH A O   1 
HETATM 1219 O O   . HOH C 3 .   ? 21.92625  -2.30076  6.82256   1.000 22.33805 ? 461 HOH A O   1 
HETATM 1220 O O   . HOH C 3 .   ? -6.77301  11.76995  -7.81836  1.000 24.63319 ? 462 HOH A O   1 
HETATM 1221 O O   . HOH C 3 .   ? -0.34852  -5.22893  9.52046   1.000 25.19474 ? 463 HOH A O   1 
HETATM 1222 O O   . HOH C 3 .   ? 9.66625   -4.15307  17.58365  1.000 40.33487 ? 464 HOH A O   1 
HETATM 1223 O O   . HOH C 3 .   ? 6.26050   -10.38324 -0.30626  1.000 33.53813 ? 465 HOH A O   1 
HETATM 1224 O O   . HOH C 3 .   ? -18.19831 -10.29477 -0.89130  1.000 34.31657 ? 466 HOH A O   1 
HETATM 1225 O O   . HOH C 3 .   ? 3.41062   16.67227  -3.74953  1.000 34.28900 ? 467 HOH A O   1 
HETATM 1226 O O   . HOH C 3 .   ? 20.45571  3.49123   -1.82777  1.000 28.19622 ? 468 HOH A O   1 
HETATM 1227 O O   . HOH C 3 .   ? -13.76676 -8.08874  -6.37588  1.000 32.30098 ? 469 HOH A O   1 
HETATM 1228 O O   . HOH C 3 .   ? -9.22694  2.41015   11.82604  1.000 32.02708 ? 470 HOH A O   1 
HETATM 1229 O O   . HOH C 3 .   ? -13.94327 -3.95441  6.54845   1.000 18.15893 ? 471 HOH A O   1 
HETATM 1230 O O   . HOH C 3 .   ? 8.61863   5.34527   -7.84523  1.000 22.35145 ? 472 HOH A O   1 
HETATM 1231 O O   . HOH C 3 .   ? 2.01986   17.27961  4.42216   1.000 34.68950 ? 473 HOH A O   1 
HETATM 1232 O O   . HOH C 3 .   ? 0.39251   -15.15015 3.10556   1.000 49.71203 ? 474 HOH A O   1 
HETATM 1233 O O   . HOH C 3 .   ? -21.26007 15.65592  -7.53563  1.000 40.32299 ? 475 HOH A O   1 
HETATM 1234 O O   . HOH C 3 .   ? 21.08267  -10.76447 -1.66925  1.000 27.49821 ? 476 HOH A O   1 
HETATM 1235 O O   . HOH C 3 .   ? 18.41021  -11.48422 -0.38042  1.000 34.39323 ? 477 HOH A O   1 
HETATM 1236 O O   . HOH C 3 .   ? 0.19236   -16.32449 0.53933   1.000 35.52496 ? 478 HOH A O   1 
HETATM 1237 O O   . HOH C 3 .   ? 8.68928   0.70213   -10.32574 1.000 36.50510 ? 479 HOH A O   1 
HETATM 1238 O O   . HOH C 3 .   ? -12.99851 5.43470   6.32857   1.000 22.59698 ? 480 HOH A O   1 
HETATM 1239 O O   . HOH C 3 .   ? -1.33835  -16.44198 2.45559   1.000 37.83072 ? 481 HOH A O   1 
HETATM 1240 O O   . HOH C 3 .   ? -5.93440  -10.69115 -13.75225 1.000 26.16898 ? 482 HOH A O   1 
HETATM 1241 O O   . HOH C 3 .   ? -15.26403 -12.00197 -2.44188  1.000 25.27334 ? 483 HOH A O   1 
HETATM 1242 O O   . HOH C 3 .   ? -11.22696 13.69473  4.15325   1.000 31.22658 ? 484 HOH A O   1 
HETATM 1243 O O   . HOH C 3 .   ? -2.89620  3.96098   -15.56723 1.000 36.72460 ? 485 HOH A O   1 
HETATM 1244 O O   . HOH C 3 .   ? -9.10406  4.00744   14.01560  1.000 31.68591 ? 486 HOH A O   1 
HETATM 1245 O O   . HOH C 3 .   ? 8.58462   12.42835  -3.07889  1.000 38.78631 ? 487 HOH A O   1 
HETATM 1246 O O   . HOH C 3 .   ? 7.62776   14.05793  0.83771   1.000 23.82472 ? 488 HOH A O   1 
HETATM 1247 O O   . HOH C 3 .   ? -0.60227  -17.56078 5.42006   1.000 38.91810 ? 489 HOH A O   1 
HETATM 1248 O O   . HOH C 3 .   ? -16.12786 2.96503   -13.20233 1.000 37.24446 ? 490 HOH A O   1 
HETATM 1249 O O   . HOH C 3 .   ? -16.65382 -0.58373  4.75205   1.000 31.18112 ? 491 HOH A O   1 
HETATM 1250 O O   . HOH C 3 .   ? -3.71661  11.54448  -7.41555  1.000 33.30503 ? 492 HOH A O   1 
HETATM 1251 O O   . HOH C 3 .   ? 4.58287   17.32163  2.14773   1.000 42.38026 ? 493 HOH A O   1 
HETATM 1252 O O   . HOH C 3 .   ? 5.83951   -7.54394  5.35239   1.000 36.44647 ? 494 HOH A O   1 
HETATM 1253 O O   . HOH C 3 .   ? 21.97357  -2.63184  1.44466   1.000 38.86159 ? 495 HOH A O   1 
HETATM 1254 O O   . HOH C 3 .   ? 2.23815   -15.03649 -10.49881 1.000 31.79745 ? 496 HOH A O   1 
HETATM 1255 O O   . HOH C 3 .   ? -5.24920  16.59960  3.35394   1.000 37.78223 ? 497 HOH A O   1 
HETATM 1256 O O   . HOH C 3 .   ? 6.50052   10.93809  -7.15000  1.000 30.86866 ? 498 HOH A O   1 
HETATM 1257 O O   . HOH C 3 .   ? 20.44479  -3.53204  -2.01754  1.000 35.46474 ? 499 HOH A O   1 
HETATM 1258 O O   . HOH C 3 .   ? -20.14759 -9.52567  -0.06793  1.000 39.98041 ? 500 HOH A O   1 
HETATM 1259 O O   . HOH C 3 .   ? 23.02185  2.69908   4.02707   1.000 26.69943 ? 501 HOH A O   1 
HETATM 1260 O O   . HOH C 3 .   ? -17.37673 -6.31470  5.74156   1.000 28.40173 ? 502 HOH A O   1 
HETATM 1261 O O   . HOH C 3 .   ? 14.28102  8.01368   -6.15669  1.000 40.35628 ? 503 HOH A O   1 
HETATM 1262 O O   . HOH C 3 .   ? -11.99880 -15.41141 5.64966   1.000 34.53716 ? 504 HOH A O   1 
HETATM 1263 O O   . HOH C 3 .   ? -9.74564  -15.92365 3.30680   1.000 20.78969 ? 505 HOH A O   1 
HETATM 1264 O O   . HOH C 3 .   ? -5.92143  15.81483  7.89532   1.000 31.13767 ? 506 HOH A O   1 
HETATM 1265 O O   . HOH C 3 .   ? -17.72455 -10.62556 5.16550   1.000 35.48320 ? 507 HOH A O   1 
HETATM 1266 O O   . HOH C 3 .   ? 20.23291  -1.62562  -3.87974  1.000 43.79985 ? 508 HOH A O   1 
HETATM 1267 O O   . HOH C 3 .   ? 7.48417   -6.22046  -11.24782 1.000 38.22053 ? 509 HOH A O   1 
HETATM 1268 O O   . HOH C 3 .   ? 8.04269   0.00711   18.17343  0.50  35.78966 ? 510 HOH A O   1 
HETATM 1269 O O   . HOH C 3 .   ? -17.05522 10.94934  0.58487   1.000 39.60187 ? 511 HOH A O   1 
HETATM 1270 O O   . HOH C 3 .   ? 13.19240  10.75464  -2.59282  1.000 30.53819 ? 512 HOH A O   1 
HETATM 1271 O O   . HOH C 3 .   ? -13.53522 12.54357  3.85140   1.000 35.99753 ? 513 HOH A O   1 
HETATM 1272 O O   . HOH C 3 .   ? 12.59884  8.73118   -4.65094  1.000 32.34358 ? 514 HOH A O   1 
HETATM 1273 O O   . HOH C 3 .   ? 9.74070   9.41261   -5.27950  1.000 26.73087 ? 515 HOH A O   1 
# 
